data_1WGX
#
_entry.id   1WGX
#
_entity_poly.entity_id   1
_entity_poly.type   'polypeptide(L)'
_entity_poly.pdbx_seq_one_letter_code
;GSSGSSGDKEWNEKELQKLHCAFASLPKHKPGFWSEVAAAVGSRSPEECQRKYMENPRGKGSQKHVTSGPSSG
;
_entity_poly.pdbx_strand_id   A
#
# COMPACT_ATOMS: atom_id res chain seq x y z
N GLY A 1 1.35 -26.24 -9.70
CA GLY A 1 2.70 -26.24 -10.23
C GLY A 1 3.41 -24.90 -9.92
N SER A 2 4.13 -24.41 -10.91
CA SER A 2 4.84 -23.15 -10.77
C SER A 2 3.87 -21.98 -10.86
N SER A 3 4.34 -20.82 -10.42
CA SER A 3 3.52 -19.62 -10.46
C SER A 3 4.33 -18.43 -9.95
N GLY A 4 3.75 -17.25 -10.13
CA GLY A 4 4.41 -16.02 -9.69
C GLY A 4 4.02 -14.85 -10.59
N SER A 5 4.21 -13.65 -10.05
CA SER A 5 3.88 -12.44 -10.79
C SER A 5 4.96 -11.38 -10.56
N SER A 6 5.65 -11.04 -11.63
CA SER A 6 6.71 -10.04 -11.56
C SER A 6 6.61 -9.09 -12.75
N GLY A 7 6.50 -7.80 -12.43
CA GLY A 7 6.40 -6.78 -13.45
C GLY A 7 5.08 -6.01 -13.33
N ASP A 8 4.93 -5.36 -12.18
CA ASP A 8 3.72 -4.57 -11.92
C ASP A 8 3.86 -3.89 -10.56
N LYS A 9 4.19 -2.60 -10.63
CA LYS A 9 4.35 -1.81 -9.41
C LYS A 9 3.20 -2.12 -8.45
N GLU A 10 3.47 -3.01 -7.51
CA GLU A 10 2.46 -3.40 -6.54
C GLU A 10 3.13 -3.97 -5.30
N TRP A 11 2.33 -4.13 -4.25
CA TRP A 11 2.83 -4.68 -2.99
C TRP A 11 2.43 -6.15 -2.93
N ASN A 12 2.81 -6.78 -1.82
CA ASN A 12 2.50 -8.18 -1.62
C ASN A 12 1.72 -8.35 -0.31
N GLU A 13 0.98 -9.44 -0.23
CA GLU A 13 0.18 -9.73 0.94
C GLU A 13 0.94 -9.32 2.21
N LYS A 14 2.15 -9.84 2.32
CA LYS A 14 2.99 -9.54 3.47
C LYS A 14 2.91 -8.04 3.77
N GLU A 15 3.04 -7.25 2.71
CA GLU A 15 3.00 -5.81 2.84
C GLU A 15 1.58 -5.34 3.17
N LEU A 16 0.66 -5.71 2.28
CA LEU A 16 -0.74 -5.35 2.45
C LEU A 16 -1.16 -5.63 3.90
N GLN A 17 -1.17 -6.91 4.24
CA GLN A 17 -1.55 -7.33 5.58
C GLN A 17 -0.89 -6.43 6.63
N LYS A 18 0.36 -6.09 6.36
CA LYS A 18 1.12 -5.24 7.26
C LYS A 18 0.52 -3.83 7.24
N LEU A 19 0.14 -3.40 6.05
CA LEU A 19 -0.44 -2.08 5.87
C LEU A 19 -1.81 -2.03 6.57
N HIS A 20 -2.64 -3.01 6.23
CA HIS A 20 -3.96 -3.09 6.82
C HIS A 20 -3.85 -3.37 8.31
N CYS A 21 -3.13 -4.44 8.64
CA CYS A 21 -2.94 -4.82 10.02
C CYS A 21 -2.62 -3.57 10.83
N ALA A 22 -1.43 -3.03 10.60
CA ALA A 22 -0.99 -1.83 11.29
C ALA A 22 -2.10 -0.78 11.23
N PHE A 23 -2.54 -0.51 10.01
CA PHE A 23 -3.60 0.46 9.79
C PHE A 23 -4.80 0.20 10.71
N ALA A 24 -4.99 -1.07 11.03
CA ALA A 24 -6.08 -1.47 11.90
C ALA A 24 -5.62 -1.41 13.36
N SER A 25 -4.53 -2.12 13.62
CA SER A 25 -3.98 -2.14 14.97
C SER A 25 -3.79 -0.72 15.49
N LEU A 26 -3.08 0.07 14.70
CA LEU A 26 -2.81 1.46 15.07
C LEU A 26 -4.01 2.32 14.69
N PRO A 27 -4.24 3.37 15.52
CA PRO A 27 -5.35 4.28 15.29
C PRO A 27 -5.06 5.21 14.12
N LYS A 28 -6.13 5.67 13.48
CA LYS A 28 -6.01 6.56 12.34
C LYS A 28 -6.09 8.01 12.83
N HIS A 29 -6.36 8.15 14.12
CA HIS A 29 -6.46 9.47 14.73
C HIS A 29 -5.07 9.97 15.11
N LYS A 30 -4.11 9.07 15.03
CA LYS A 30 -2.74 9.41 15.36
C LYS A 30 -2.17 10.37 14.31
N PRO A 31 -1.06 11.06 14.69
CA PRO A 31 -0.43 11.99 13.77
C PRO A 31 0.36 11.26 12.69
N GLY A 32 1.50 10.72 13.09
CA GLY A 32 2.35 10.00 12.16
C GLY A 32 1.84 8.57 11.94
N PHE A 33 0.55 8.49 11.61
CA PHE A 33 -0.08 7.20 11.37
C PHE A 33 0.70 6.40 10.34
N TRP A 34 1.14 7.11 9.30
CA TRP A 34 1.90 6.47 8.23
C TRP A 34 3.21 5.95 8.82
N SER A 35 3.89 6.84 9.54
CA SER A 35 5.16 6.48 10.15
C SER A 35 4.98 5.23 11.01
N GLU A 36 3.80 5.10 11.59
CA GLU A 36 3.51 3.96 12.44
C GLU A 36 3.30 2.71 11.58
N VAL A 37 2.25 2.76 10.76
CA VAL A 37 1.93 1.64 9.89
C VAL A 37 3.16 1.28 9.07
N ALA A 38 4.05 2.25 8.91
CA ALA A 38 5.27 2.03 8.16
C ALA A 38 6.24 1.19 8.99
N ALA A 39 6.06 1.26 10.29
CA ALA A 39 6.91 0.51 11.20
C ALA A 39 6.79 -0.98 10.90
N ALA A 40 5.55 -1.46 10.93
CA ALA A 40 5.28 -2.87 10.66
C ALA A 40 5.40 -3.11 9.15
N VAL A 41 5.09 -2.08 8.39
CA VAL A 41 5.16 -2.17 6.94
C VAL A 41 6.57 -1.82 6.47
N GLY A 42 7.47 -1.69 7.44
CA GLY A 42 8.85 -1.36 7.14
C GLY A 42 9.20 -1.73 5.70
N SER A 43 8.73 -2.89 5.28
CA SER A 43 8.99 -3.36 3.93
C SER A 43 8.91 -2.20 2.94
N ARG A 44 8.10 -1.21 3.31
CA ARG A 44 7.92 -0.04 2.46
C ARG A 44 8.02 1.23 3.30
N SER A 45 7.81 2.36 2.64
CA SER A 45 7.87 3.64 3.31
C SER A 45 6.46 4.07 3.76
N PRO A 46 6.43 5.06 4.68
CA PRO A 46 5.18 5.57 5.20
C PRO A 46 4.48 6.46 4.17
N GLU A 47 5.30 7.07 3.32
CA GLU A 47 4.77 7.95 2.29
C GLU A 47 4.14 7.14 1.17
N GLU A 48 4.56 5.89 1.07
CA GLU A 48 4.04 5.00 0.05
C GLU A 48 2.76 4.31 0.54
N CYS A 49 2.72 4.08 1.85
CA CYS A 49 1.56 3.44 2.46
C CYS A 49 0.32 4.28 2.13
N GLN A 50 0.55 5.56 1.93
CA GLN A 50 -0.53 6.48 1.61
C GLN A 50 -0.92 6.35 0.14
N ARG A 51 0.08 6.45 -0.72
CA ARG A 51 -0.15 6.35 -2.15
C ARG A 51 -0.82 5.02 -2.48
N LYS A 52 -0.40 3.99 -1.78
CA LYS A 52 -0.95 2.66 -1.99
C LYS A 52 -2.41 2.64 -1.55
N TYR A 53 -2.63 2.94 -0.28
CA TYR A 53 -3.96 2.97 0.28
C TYR A 53 -4.90 3.83 -0.59
N MET A 54 -4.41 5.02 -0.91
CA MET A 54 -5.19 5.95 -1.71
C MET A 54 -5.84 5.22 -2.90
N GLU A 55 -5.09 4.30 -3.47
CA GLU A 55 -5.57 3.53 -4.61
C GLU A 55 -6.59 2.49 -4.15
N ASN A 56 -6.24 1.81 -3.06
CA ASN A 56 -7.10 0.79 -2.52
C ASN A 56 -7.43 1.13 -1.06
N PRO A 57 -8.37 2.11 -0.90
CA PRO A 57 -8.77 2.53 0.43
C PRO A 57 -9.69 1.50 1.09
N ARG A 58 -10.72 1.10 0.34
CA ARG A 58 -11.67 0.13 0.83
C ARG A 58 -12.44 -0.49 -0.34
N GLY A 59 -12.88 0.37 -1.24
CA GLY A 59 -13.63 -0.08 -2.41
C GLY A 59 -13.02 0.45 -3.69
N LYS A 60 -13.83 1.17 -4.45
CA LYS A 60 -13.38 1.75 -5.71
C LYS A 60 -12.24 2.72 -5.44
N GLY A 61 -12.57 3.78 -4.71
CA GLY A 61 -11.59 4.80 -4.37
C GLY A 61 -11.58 5.93 -5.42
N SER A 62 -10.45 6.62 -5.48
CA SER A 62 -10.29 7.71 -6.42
C SER A 62 -8.82 7.90 -6.77
N GLN A 63 -8.54 7.89 -8.06
CA GLN A 63 -7.18 8.06 -8.54
C GLN A 63 -7.02 9.41 -9.25
N LYS A 64 -5.85 10.00 -9.08
CA LYS A 64 -5.56 11.28 -9.69
C LYS A 64 -4.11 11.31 -10.17
N HIS A 65 -3.95 11.64 -11.45
CA HIS A 65 -2.62 11.70 -12.03
C HIS A 65 -2.17 13.16 -12.14
N VAL A 66 -2.91 13.91 -12.94
CA VAL A 66 -2.60 15.32 -13.13
C VAL A 66 -3.47 16.17 -12.19
N THR A 67 -2.97 17.35 -11.89
CA THR A 67 -3.68 18.26 -11.00
C THR A 67 -4.26 17.50 -9.80
N SER A 68 -3.37 17.10 -8.91
CA SER A 68 -3.77 16.35 -7.73
C SER A 68 -4.80 17.17 -6.93
N GLY A 69 -5.60 16.46 -6.16
CA GLY A 69 -6.63 17.09 -5.35
C GLY A 69 -6.01 18.09 -4.37
N PRO A 70 -6.65 18.18 -3.17
CA PRO A 70 -6.17 19.08 -2.13
C PRO A 70 -4.92 18.53 -1.45
N SER A 71 -3.86 19.32 -1.49
CA SER A 71 -2.60 18.91 -0.89
C SER A 71 -2.35 19.73 0.38
N SER A 72 -1.85 19.04 1.40
CA SER A 72 -1.57 19.68 2.67
C SER A 72 -0.21 19.22 3.19
N GLY A 73 -0.08 17.91 3.35
CA GLY A 73 1.15 17.33 3.85
C GLY A 73 1.10 17.11 5.36
N GLY A 1 0.29 -16.57 -5.54
CA GLY A 1 0.99 -16.84 -6.78
C GLY A 1 0.93 -15.62 -7.70
N SER A 2 1.74 -15.68 -8.75
CA SER A 2 1.80 -14.60 -9.72
C SER A 2 2.64 -15.00 -10.93
N SER A 3 1.97 -15.13 -12.06
CA SER A 3 2.64 -15.52 -13.29
C SER A 3 3.91 -14.68 -13.48
N GLY A 4 3.70 -13.37 -13.53
CA GLY A 4 4.82 -12.45 -13.70
C GLY A 4 4.50 -11.42 -14.79
N SER A 5 5.21 -10.30 -14.70
CA SER A 5 5.02 -9.22 -15.67
C SER A 5 6.18 -8.22 -15.57
N SER A 6 6.71 -7.87 -16.74
CA SER A 6 7.81 -6.93 -16.80
C SER A 6 7.33 -5.54 -16.39
N GLY A 7 7.88 -5.06 -15.28
CA GLY A 7 7.51 -3.75 -14.78
C GLY A 7 6.22 -3.82 -13.95
N ASP A 8 6.31 -3.31 -12.74
CA ASP A 8 5.17 -3.30 -11.84
C ASP A 8 5.56 -2.67 -10.51
N LYS A 9 4.61 -1.95 -9.93
CA LYS A 9 4.84 -1.30 -8.65
C LYS A 9 3.73 -1.67 -7.67
N GLU A 10 3.56 -2.96 -7.47
CA GLU A 10 2.54 -3.46 -6.57
C GLU A 10 3.19 -4.06 -5.31
N TRP A 11 2.39 -4.10 -4.25
CA TRP A 11 2.87 -4.64 -2.98
C TRP A 11 2.47 -6.11 -2.92
N ASN A 12 2.92 -6.76 -1.86
CA ASN A 12 2.62 -8.17 -1.66
C ASN A 12 1.76 -8.34 -0.42
N GLU A 13 0.99 -9.42 -0.40
CA GLU A 13 0.12 -9.71 0.72
C GLU A 13 0.80 -9.32 2.04
N LYS A 14 2.02 -9.79 2.20
CA LYS A 14 2.80 -9.51 3.40
C LYS A 14 2.72 -8.00 3.69
N GLU A 15 3.00 -7.21 2.66
CA GLU A 15 2.97 -5.77 2.80
C GLU A 15 1.55 -5.30 3.11
N LEU A 16 0.63 -5.71 2.25
CA LEU A 16 -0.77 -5.33 2.41
C LEU A 16 -1.20 -5.60 3.85
N GLN A 17 -1.29 -6.88 4.19
CA GLN A 17 -1.68 -7.28 5.52
C GLN A 17 -0.98 -6.40 6.57
N LYS A 18 0.27 -6.06 6.28
CA LYS A 18 1.05 -5.24 7.17
C LYS A 18 0.45 -3.83 7.22
N LEU A 19 0.12 -3.33 6.04
CA LEU A 19 -0.46 -2.00 5.93
C LEU A 19 -1.82 -1.99 6.64
N HIS A 20 -2.67 -2.92 6.23
CA HIS A 20 -4.00 -3.02 6.80
C HIS A 20 -3.89 -3.30 8.31
N CYS A 21 -3.15 -4.36 8.62
CA CYS A 21 -2.96 -4.74 10.01
C CYS A 21 -2.63 -3.49 10.82
N ALA A 22 -1.43 -2.96 10.58
CA ALA A 22 -0.99 -1.77 11.28
C ALA A 22 -2.10 -0.72 11.23
N PHE A 23 -2.55 -0.43 10.02
CA PHE A 23 -3.61 0.54 9.82
C PHE A 23 -4.79 0.27 10.76
N ALA A 24 -4.99 -1.00 11.06
CA ALA A 24 -6.07 -1.41 11.93
C ALA A 24 -5.60 -1.34 13.38
N SER A 25 -4.51 -2.05 13.65
CA SER A 25 -3.95 -2.08 14.99
C SER A 25 -3.76 -0.66 15.51
N LEU A 26 -3.01 0.13 14.74
CA LEU A 26 -2.74 1.51 15.11
C LEU A 26 -3.96 2.36 14.79
N PRO A 27 -4.13 3.44 15.60
CA PRO A 27 -5.25 4.35 15.41
C PRO A 27 -5.04 5.25 14.19
N LYS A 28 -6.14 5.63 13.58
CA LYS A 28 -6.09 6.49 12.41
C LYS A 28 -6.20 7.94 12.84
N HIS A 29 -6.35 8.13 14.14
CA HIS A 29 -6.47 9.48 14.70
C HIS A 29 -5.11 9.93 15.23
N LYS A 30 -4.07 9.22 14.82
CA LYS A 30 -2.73 9.54 15.24
C LYS A 30 -2.09 10.50 14.24
N PRO A 31 -0.95 11.11 14.67
CA PRO A 31 -0.24 12.06 13.83
C PRO A 31 0.52 11.33 12.72
N GLY A 32 1.63 10.72 13.12
CA GLY A 32 2.47 10.00 12.18
C GLY A 32 1.93 8.57 11.95
N PHE A 33 0.62 8.50 11.72
CA PHE A 33 -0.03 7.22 11.49
C PHE A 33 0.72 6.42 10.42
N TRP A 34 1.16 7.13 9.39
CA TRP A 34 1.89 6.49 8.31
C TRP A 34 3.21 5.95 8.87
N SER A 35 3.90 6.82 9.60
CA SER A 35 5.18 6.43 10.19
C SER A 35 5.00 5.17 11.03
N GLU A 36 3.85 5.06 11.66
CA GLU A 36 3.54 3.91 12.48
C GLU A 36 3.33 2.67 11.61
N VAL A 37 2.29 2.71 10.81
CA VAL A 37 1.98 1.61 9.91
C VAL A 37 3.21 1.26 9.09
N ALA A 38 4.08 2.25 8.92
CA ALA A 38 5.30 2.05 8.15
C ALA A 38 6.28 1.22 8.97
N ALA A 39 6.11 1.28 10.29
CA ALA A 39 6.98 0.54 11.18
C ALA A 39 6.88 -0.95 10.87
N ALA A 40 5.65 -1.45 10.91
CA ALA A 40 5.41 -2.85 10.62
C ALA A 40 5.52 -3.10 9.11
N VAL A 41 5.14 -2.08 8.36
CA VAL A 41 5.19 -2.16 6.91
C VAL A 41 6.59 -1.78 6.43
N GLY A 42 7.49 -1.65 7.39
CA GLY A 42 8.86 -1.29 7.07
C GLY A 42 9.21 -1.63 5.62
N SER A 43 8.76 -2.81 5.21
CA SER A 43 9.01 -3.27 3.85
C SER A 43 8.90 -2.10 2.88
N ARG A 44 8.08 -1.13 3.24
CA ARG A 44 7.89 0.05 2.41
C ARG A 44 8.00 1.32 3.25
N SER A 45 7.76 2.45 2.60
CA SER A 45 7.83 3.73 3.27
C SER A 45 6.43 4.15 3.74
N PRO A 46 6.41 5.12 4.69
CA PRO A 46 5.15 5.62 5.21
C PRO A 46 4.44 6.52 4.21
N GLU A 47 5.24 7.13 3.35
CA GLU A 47 4.71 8.03 2.33
C GLU A 47 4.06 7.22 1.21
N GLU A 48 4.49 5.97 1.10
CA GLU A 48 3.97 5.09 0.07
C GLU A 48 2.70 4.39 0.56
N CYS A 49 2.67 4.15 1.86
CA CYS A 49 1.52 3.50 2.48
C CYS A 49 0.27 4.32 2.17
N GLN A 50 0.49 5.63 1.98
CA GLN A 50 -0.60 6.53 1.68
C GLN A 50 -1.03 6.39 0.22
N ARG A 51 -0.04 6.39 -0.65
CA ARG A 51 -0.29 6.27 -2.08
C ARG A 51 -0.99 4.94 -2.37
N LYS A 52 -0.39 3.86 -1.89
CA LYS A 52 -0.95 2.53 -2.10
C LYS A 52 -2.38 2.50 -1.58
N TYR A 53 -2.51 2.64 -0.27
CA TYR A 53 -3.82 2.63 0.35
C TYR A 53 -4.83 3.44 -0.47
N MET A 54 -4.46 4.67 -0.77
CA MET A 54 -5.31 5.55 -1.54
C MET A 54 -5.73 4.89 -2.85
N GLU A 55 -4.78 4.21 -3.46
CA GLU A 55 -5.04 3.52 -4.72
C GLU A 55 -6.01 2.36 -4.50
N ASN A 56 -5.80 1.65 -3.40
CA ASN A 56 -6.65 0.52 -3.07
C ASN A 56 -7.18 0.68 -1.64
N PRO A 57 -8.19 1.59 -1.50
CA PRO A 57 -8.78 1.85 -0.21
C PRO A 57 -9.71 0.70 0.21
N ARG A 58 -10.70 0.45 -0.63
CA ARG A 58 -11.66 -0.61 -0.36
C ARG A 58 -12.20 -1.18 -1.67
N GLY A 59 -11.47 -2.13 -2.22
CA GLY A 59 -11.88 -2.77 -3.47
C GLY A 59 -11.80 -1.77 -4.63
N LYS A 60 -10.72 -1.87 -5.38
CA LYS A 60 -10.52 -0.99 -6.52
C LYS A 60 -9.21 -1.36 -7.21
N GLY A 61 -9.28 -1.45 -8.54
CA GLY A 61 -8.11 -1.80 -9.33
C GLY A 61 -8.14 -1.09 -10.68
N SER A 62 -7.02 -0.44 -10.99
CA SER A 62 -6.90 0.28 -12.25
C SER A 62 -5.93 -0.45 -13.18
N GLN A 63 -4.71 -0.63 -12.70
CA GLN A 63 -3.69 -1.30 -13.48
C GLN A 63 -3.32 -0.47 -14.71
N LYS A 64 -2.02 -0.38 -14.95
CA LYS A 64 -1.52 0.39 -16.09
C LYS A 64 -1.96 1.85 -15.95
N HIS A 65 -1.00 2.68 -15.56
CA HIS A 65 -1.27 4.09 -15.39
C HIS A 65 0.07 4.86 -15.28
N VAL A 66 0.27 5.75 -16.23
CA VAL A 66 1.49 6.54 -16.26
C VAL A 66 2.70 5.62 -16.32
N THR A 67 3.25 5.49 -17.51
CA THR A 67 4.41 4.64 -17.72
C THR A 67 5.24 5.14 -18.91
N SER A 68 6.50 5.44 -18.62
CA SER A 68 7.39 5.93 -19.66
C SER A 68 6.70 7.00 -20.50
N GLY A 69 6.75 8.23 -19.99
CA GLY A 69 6.13 9.34 -20.68
C GLY A 69 6.99 10.61 -20.58
N PRO A 70 8.05 10.65 -21.44
CA PRO A 70 8.96 11.79 -21.44
C PRO A 70 8.31 12.99 -22.12
N SER A 71 7.52 13.72 -21.34
CA SER A 71 6.84 14.90 -21.84
C SER A 71 6.34 15.75 -20.68
N SER A 72 5.92 16.97 -21.02
CA SER A 72 5.42 17.88 -20.01
C SER A 72 4.24 18.69 -20.58
N GLY A 73 3.52 19.33 -19.68
CA GLY A 73 2.37 20.13 -20.07
C GLY A 73 1.07 19.48 -19.62
N GLY A 1 -14.16 -7.96 -10.58
CA GLY A 1 -13.66 -8.71 -11.73
C GLY A 1 -12.87 -7.80 -12.66
N SER A 2 -11.66 -8.23 -12.98
CA SER A 2 -10.80 -7.47 -13.87
C SER A 2 -9.46 -8.20 -14.04
N SER A 3 -8.96 -8.15 -15.27
CA SER A 3 -7.69 -8.79 -15.58
C SER A 3 -6.65 -7.75 -15.98
N GLY A 4 -5.51 -7.80 -15.32
CA GLY A 4 -4.43 -6.86 -15.59
C GLY A 4 -4.78 -5.46 -15.09
N SER A 5 -3.77 -4.60 -15.07
CA SER A 5 -3.95 -3.24 -14.61
C SER A 5 -2.64 -2.46 -14.72
N SER A 6 -1.62 -2.99 -14.04
CA SER A 6 -0.31 -2.37 -14.07
C SER A 6 0.75 -3.37 -14.53
N GLY A 7 1.90 -2.83 -14.92
CA GLY A 7 2.99 -3.67 -15.39
C GLY A 7 3.55 -4.53 -14.25
N ASP A 8 4.24 -3.86 -13.34
CA ASP A 8 4.84 -4.54 -12.21
C ASP A 8 5.33 -3.51 -11.19
N LYS A 9 4.41 -3.13 -10.31
CA LYS A 9 4.72 -2.16 -9.28
C LYS A 9 3.64 -2.20 -8.19
N GLU A 10 3.45 -3.37 -7.63
CA GLU A 10 2.46 -3.55 -6.59
C GLU A 10 3.10 -4.14 -5.33
N TRP A 11 2.34 -4.11 -4.25
CA TRP A 11 2.82 -4.65 -2.97
C TRP A 11 2.44 -6.12 -2.91
N ASN A 12 2.86 -6.77 -1.84
CA ASN A 12 2.57 -8.18 -1.64
C ASN A 12 1.72 -8.34 -0.38
N GLU A 13 0.98 -9.44 -0.34
CA GLU A 13 0.13 -9.73 0.79
C GLU A 13 0.81 -9.32 2.10
N LYS A 14 2.04 -9.79 2.25
CA LYS A 14 2.81 -9.48 3.44
C LYS A 14 2.74 -7.98 3.72
N GLU A 15 2.99 -7.20 2.68
CA GLU A 15 2.94 -5.76 2.81
C GLU A 15 1.52 -5.29 3.11
N LEU A 16 0.60 -5.70 2.27
CA LEU A 16 -0.80 -5.34 2.44
C LEU A 16 -1.22 -5.60 3.88
N GLN A 17 -1.27 -6.88 4.23
CA GLN A 17 -1.66 -7.28 5.57
C GLN A 17 -0.94 -6.41 6.60
N LYS A 18 0.31 -6.09 6.31
CA LYS A 18 1.10 -5.26 7.20
C LYS A 18 0.52 -3.85 7.23
N LEU A 19 0.11 -3.39 6.06
CA LEU A 19 -0.46 -2.05 5.94
C LEU A 19 -1.82 -2.03 6.64
N HIS A 20 -2.67 -2.96 6.24
CA HIS A 20 -3.99 -3.05 6.83
C HIS A 20 -3.89 -3.34 8.32
N CYS A 21 -3.12 -4.37 8.65
CA CYS A 21 -2.93 -4.75 10.03
C CYS A 21 -2.59 -3.50 10.83
N ALA A 22 -1.38 -2.98 10.59
CA ALA A 22 -0.93 -1.79 11.29
C ALA A 22 -2.03 -0.73 11.24
N PHE A 23 -2.52 -0.48 10.03
CA PHE A 23 -3.57 0.50 9.84
C PHE A 23 -4.74 0.24 10.79
N ALA A 24 -4.99 -1.03 11.05
CA ALA A 24 -6.07 -1.43 11.94
C ALA A 24 -5.59 -1.35 13.39
N SER A 25 -4.50 -2.07 13.65
CA SER A 25 -3.93 -2.09 14.99
C SER A 25 -3.72 -0.67 15.50
N LEU A 26 -2.95 0.09 14.72
CA LEU A 26 -2.66 1.46 15.08
C LEU A 26 -3.88 2.34 14.77
N PRO A 27 -4.06 3.38 15.62
CA PRO A 27 -5.18 4.29 15.46
C PRO A 27 -4.94 5.25 14.28
N LYS A 28 -6.04 5.69 13.69
CA LYS A 28 -5.96 6.60 12.57
C LYS A 28 -6.04 8.04 13.07
N HIS A 29 -6.26 8.17 14.37
CA HIS A 29 -6.36 9.49 14.99
C HIS A 29 -4.96 9.97 15.36
N LYS A 30 -3.99 9.11 15.14
CA LYS A 30 -2.60 9.44 15.45
C LYS A 30 -2.06 10.40 14.38
N PRO A 31 -0.95 11.10 14.75
CA PRO A 31 -0.33 12.04 13.84
C PRO A 31 0.45 11.30 12.74
N GLY A 32 1.58 10.72 13.15
CA GLY A 32 2.42 10.00 12.22
C GLY A 32 1.89 8.58 11.99
N PHE A 33 0.60 8.50 11.72
CA PHE A 33 -0.04 7.21 11.48
C PHE A 33 0.72 6.41 10.42
N TRP A 34 1.14 7.12 9.38
CA TRP A 34 1.87 6.49 8.30
C TRP A 34 3.20 5.96 8.86
N SER A 35 3.90 6.84 9.56
CA SER A 35 5.17 6.47 10.16
C SER A 35 5.00 5.21 11.01
N GLU A 36 3.83 5.08 11.62
CA GLU A 36 3.53 3.93 12.45
C GLU A 36 3.32 2.69 11.58
N VAL A 37 2.27 2.75 10.77
CA VAL A 37 1.94 1.64 9.90
C VAL A 37 3.17 1.28 9.06
N ALA A 38 4.05 2.25 8.90
CA ALA A 38 5.27 2.04 8.14
C ALA A 38 6.24 1.20 8.95
N ALA A 39 6.08 1.26 10.27
CA ALA A 39 6.94 0.50 11.16
C ALA A 39 6.81 -0.99 10.85
N ALA A 40 5.58 -1.47 10.88
CA ALA A 40 5.32 -2.87 10.60
C ALA A 40 5.42 -3.12 9.10
N VAL A 41 5.08 -2.08 8.34
CA VAL A 41 5.13 -2.16 6.89
C VAL A 41 6.54 -1.80 6.41
N GLY A 42 7.44 -1.68 7.37
CA GLY A 42 8.82 -1.34 7.07
C GLY A 42 9.16 -1.69 5.61
N SER A 43 8.69 -2.85 5.20
CA SER A 43 8.94 -3.33 3.84
C SER A 43 8.84 -2.15 2.87
N ARG A 44 8.03 -1.18 3.23
CA ARG A 44 7.85 0.00 2.40
C ARG A 44 7.96 1.27 3.24
N SER A 45 7.73 2.40 2.58
CA SER A 45 7.80 3.68 3.26
C SER A 45 6.41 4.12 3.71
N PRO A 46 6.39 5.10 4.66
CA PRO A 46 5.13 5.61 5.17
C PRO A 46 4.43 6.51 4.16
N GLU A 47 5.25 7.15 3.33
CA GLU A 47 4.73 8.04 2.31
C GLU A 47 4.08 7.24 1.18
N GLU A 48 4.46 5.97 1.09
CA GLU A 48 3.93 5.09 0.07
C GLU A 48 2.66 4.40 0.58
N CYS A 49 2.63 4.17 1.88
CA CYS A 49 1.48 3.53 2.50
C CYS A 49 0.24 4.37 2.20
N GLN A 50 0.47 5.66 1.99
CA GLN A 50 -0.61 6.57 1.70
C GLN A 50 -1.03 6.45 0.23
N ARG A 51 -0.03 6.39 -0.64
CA ARG A 51 -0.28 6.27 -2.07
C ARG A 51 -0.97 4.94 -2.37
N LYS A 52 -0.34 3.86 -1.94
CA LYS A 52 -0.87 2.53 -2.16
C LYS A 52 -2.32 2.48 -1.66
N TYR A 53 -2.46 2.60 -0.35
CA TYR A 53 -3.77 2.57 0.28
C TYR A 53 -4.77 3.39 -0.52
N MET A 54 -4.44 4.66 -0.70
CA MET A 54 -5.31 5.57 -1.45
C MET A 54 -5.73 4.94 -2.78
N GLU A 55 -4.75 4.34 -3.44
CA GLU A 55 -5.01 3.70 -4.73
C GLU A 55 -5.98 2.53 -4.55
N ASN A 56 -5.74 1.75 -3.50
CA ASN A 56 -6.59 0.61 -3.21
C ASN A 56 -7.11 0.71 -1.78
N PRO A 57 -8.12 1.61 -1.59
CA PRO A 57 -8.71 1.80 -0.28
C PRO A 57 -9.63 0.64 0.09
N ARG A 58 -10.60 0.40 -0.78
CA ARG A 58 -11.56 -0.68 -0.56
C ARG A 58 -12.05 -0.66 0.89
N GLY A 59 -13.09 0.13 1.11
CA GLY A 59 -13.67 0.26 2.44
C GLY A 59 -15.11 0.77 2.36
N LYS A 60 -15.22 2.08 2.17
CA LYS A 60 -16.53 2.71 2.08
C LYS A 60 -16.38 4.10 1.45
N GLY A 61 -16.93 4.23 0.25
CA GLY A 61 -16.87 5.50 -0.45
C GLY A 61 -15.58 5.60 -1.28
N SER A 62 -15.17 6.83 -1.54
CA SER A 62 -13.96 7.07 -2.31
C SER A 62 -14.12 6.49 -3.71
N GLN A 63 -13.54 7.20 -4.68
CA GLN A 63 -13.61 6.77 -6.06
C GLN A 63 -12.57 7.51 -6.91
N LYS A 64 -11.96 6.77 -7.83
CA LYS A 64 -10.94 7.34 -8.68
C LYS A 64 -10.48 6.28 -9.69
N HIS A 65 -9.71 6.72 -10.66
CA HIS A 65 -9.20 5.82 -11.70
C HIS A 65 -7.74 6.16 -11.98
N VAL A 66 -6.92 5.12 -12.05
CA VAL A 66 -5.51 5.29 -12.31
C VAL A 66 -5.33 6.11 -13.59
N THR A 67 -4.24 6.87 -13.63
CA THR A 67 -3.94 7.70 -14.78
C THR A 67 -2.45 7.63 -15.12
N SER A 68 -2.15 7.86 -16.39
CA SER A 68 -0.77 7.83 -16.84
C SER A 68 -0.18 6.43 -16.65
N GLY A 69 0.93 6.20 -17.32
CA GLY A 69 1.60 4.92 -17.22
C GLY A 69 2.56 4.71 -18.40
N PRO A 70 3.72 5.42 -18.33
CA PRO A 70 4.72 5.33 -19.37
C PRO A 70 5.49 4.01 -19.28
N SER A 71 6.02 3.75 -18.09
CA SER A 71 6.77 2.53 -17.85
C SER A 71 8.06 2.56 -18.67
N SER A 72 9.05 1.83 -18.16
CA SER A 72 10.35 1.76 -18.83
C SER A 72 11.00 3.14 -18.85
N GLY A 73 12.22 3.18 -18.31
CA GLY A 73 12.96 4.44 -18.26
C GLY A 73 13.52 4.68 -16.86
N GLY A 1 11.39 -10.40 -4.45
CA GLY A 1 10.12 -9.73 -4.68
C GLY A 1 10.31 -8.22 -4.80
N SER A 2 9.39 -7.48 -4.19
CA SER A 2 9.45 -6.03 -4.23
C SER A 2 9.37 -5.54 -5.68
N SER A 3 8.21 -4.98 -6.01
CA SER A 3 8.00 -4.46 -7.35
C SER A 3 8.12 -5.60 -8.37
N GLY A 4 7.68 -5.31 -9.59
CA GLY A 4 7.73 -6.30 -10.65
C GLY A 4 8.87 -5.99 -11.63
N SER A 5 8.62 -6.30 -12.89
CA SER A 5 9.62 -6.06 -13.93
C SER A 5 9.11 -4.99 -14.90
N SER A 6 9.43 -3.74 -14.58
CA SER A 6 9.02 -2.62 -15.41
C SER A 6 7.51 -2.71 -15.70
N GLY A 7 6.75 -1.97 -14.91
CA GLY A 7 5.31 -1.95 -15.07
C GLY A 7 4.63 -1.36 -13.83
N ASP A 8 3.38 -1.78 -13.63
CA ASP A 8 2.62 -1.30 -12.49
C ASP A 8 3.29 -1.77 -11.20
N LYS A 9 3.38 -0.85 -10.24
CA LYS A 9 3.99 -1.15 -8.96
C LYS A 9 2.91 -1.59 -7.97
N GLU A 10 3.12 -2.76 -7.39
CA GLU A 10 2.18 -3.29 -6.43
C GLU A 10 2.92 -3.92 -5.24
N TRP A 11 2.21 -4.04 -4.14
CA TRP A 11 2.79 -4.60 -2.93
C TRP A 11 2.37 -6.08 -2.86
N ASN A 12 2.84 -6.74 -1.82
CA ASN A 12 2.53 -8.14 -1.62
C ASN A 12 1.71 -8.32 -0.34
N GLU A 13 0.95 -9.40 -0.30
CA GLU A 13 0.12 -9.68 0.86
C GLU A 13 0.85 -9.27 2.15
N LYS A 14 2.04 -9.81 2.31
CA LYS A 14 2.85 -9.50 3.48
C LYS A 14 2.83 -8.00 3.75
N GLU A 15 3.10 -7.24 2.68
CA GLU A 15 3.11 -5.80 2.78
C GLU A 15 1.70 -5.27 3.08
N LEU A 16 0.74 -5.84 2.36
CA LEU A 16 -0.64 -5.44 2.53
C LEU A 16 -1.08 -5.71 3.98
N GLN A 17 -1.16 -7.00 4.31
CA GLN A 17 -1.55 -7.40 5.64
C GLN A 17 -0.91 -6.48 6.69
N LYS A 18 0.34 -6.12 6.42
CA LYS A 18 1.07 -5.25 7.32
C LYS A 18 0.42 -3.86 7.33
N LEU A 19 0.17 -3.36 6.13
CA LEU A 19 -0.44 -2.04 5.98
C LEU A 19 -1.80 -2.05 6.66
N HIS A 20 -2.64 -2.99 6.26
CA HIS A 20 -3.97 -3.11 6.82
C HIS A 20 -3.87 -3.37 8.33
N CYS A 21 -3.14 -4.42 8.67
CA CYS A 21 -2.95 -4.78 10.07
C CYS A 21 -2.62 -3.51 10.85
N ALA A 22 -1.41 -3.00 10.62
CA ALA A 22 -0.96 -1.80 11.30
C ALA A 22 -2.08 -0.75 11.24
N PHE A 23 -2.55 -0.48 10.03
CA PHE A 23 -3.60 0.49 9.83
C PHE A 23 -4.78 0.22 10.76
N ALA A 24 -4.98 -1.05 11.06
CA ALA A 24 -6.07 -1.46 11.94
C ALA A 24 -5.60 -1.39 13.40
N SER A 25 -4.51 -2.09 13.66
CA SER A 25 -3.96 -2.10 15.01
C SER A 25 -3.74 -0.68 15.51
N LEU A 26 -3.04 0.10 14.69
CA LEU A 26 -2.76 1.48 15.03
C LEU A 26 -3.97 2.35 14.70
N PRO A 27 -4.17 3.41 15.53
CA PRO A 27 -5.29 4.31 15.34
C PRO A 27 -5.05 5.25 14.16
N LYS A 28 -6.14 5.68 13.55
CA LYS A 28 -6.05 6.58 12.41
C LYS A 28 -6.13 8.03 12.89
N HIS A 29 -6.27 8.17 14.20
CA HIS A 29 -6.37 9.49 14.79
C HIS A 29 -4.97 9.98 15.17
N LYS A 30 -4.02 9.06 15.13
CA LYS A 30 -2.64 9.38 15.46
C LYS A 30 -2.09 10.35 14.41
N PRO A 31 -0.97 11.03 14.78
CA PRO A 31 -0.33 11.98 13.88
C PRO A 31 0.43 11.25 12.77
N GLY A 32 1.58 10.70 13.14
CA GLY A 32 2.41 9.98 12.19
C GLY A 32 1.88 8.56 11.97
N PHE A 33 0.59 8.48 11.67
CA PHE A 33 -0.04 7.20 11.43
C PHE A 33 0.71 6.40 10.37
N TRP A 34 1.16 7.12 9.34
CA TRP A 34 1.89 6.50 8.26
C TRP A 34 3.20 5.96 8.82
N SER A 35 3.89 6.82 9.57
CA SER A 35 5.15 6.44 10.17
C SER A 35 4.98 5.17 11.00
N GLU A 36 3.81 5.04 11.61
CA GLU A 36 3.51 3.89 12.43
C GLU A 36 3.30 2.66 11.55
N VAL A 37 2.25 2.72 10.73
CA VAL A 37 1.93 1.63 9.84
C VAL A 37 3.17 1.26 9.02
N ALA A 38 4.05 2.24 8.87
CA ALA A 38 5.27 2.03 8.12
C ALA A 38 6.24 1.17 8.94
N ALA A 39 6.06 1.22 10.25
CA ALA A 39 6.90 0.45 11.15
C ALA A 39 6.77 -1.03 10.82
N ALA A 40 5.53 -1.51 10.85
CA ALA A 40 5.26 -2.91 10.55
C ALA A 40 5.37 -3.14 9.04
N VAL A 41 5.06 -2.09 8.30
CA VAL A 41 5.12 -2.16 6.85
C VAL A 41 6.54 -1.81 6.38
N GLY A 42 7.43 -1.70 7.35
CA GLY A 42 8.82 -1.37 7.05
C GLY A 42 9.17 -1.70 5.60
N SER A 43 8.70 -2.86 5.17
CA SER A 43 8.95 -3.32 3.81
C SER A 43 8.87 -2.14 2.85
N ARG A 44 8.05 -1.17 3.22
CA ARG A 44 7.88 0.02 2.39
C ARG A 44 7.99 1.29 3.25
N SER A 45 7.77 2.42 2.60
CA SER A 45 7.84 3.69 3.29
C SER A 45 6.44 4.12 3.75
N PRO A 46 6.41 5.10 4.69
CA PRO A 46 5.16 5.60 5.22
C PRO A 46 4.46 6.50 4.21
N GLU A 47 5.26 7.13 3.36
CA GLU A 47 4.74 8.02 2.34
C GLU A 47 4.08 7.22 1.22
N GLU A 48 4.52 5.98 1.09
CA GLU A 48 4.00 5.10 0.07
C GLU A 48 2.71 4.41 0.56
N CYS A 49 2.69 4.15 1.86
CA CYS A 49 1.53 3.51 2.46
C CYS A 49 0.29 4.34 2.13
N GLN A 50 0.51 5.63 1.97
CA GLN A 50 -0.58 6.55 1.65
C GLN A 50 -0.99 6.39 0.18
N ARG A 51 0.01 6.43 -0.69
CA ARG A 51 -0.24 6.31 -2.10
C ARG A 51 -0.91 4.96 -2.42
N LYS A 52 -0.38 3.92 -1.79
CA LYS A 52 -0.92 2.58 -1.99
C LYS A 52 -2.37 2.55 -1.55
N TYR A 53 -2.59 2.90 -0.29
CA TYR A 53 -3.93 2.92 0.26
C TYR A 53 -4.87 3.76 -0.60
N MET A 54 -4.40 4.95 -0.95
CA MET A 54 -5.18 5.85 -1.77
C MET A 54 -5.77 5.13 -2.98
N GLU A 55 -4.94 4.31 -3.61
CA GLU A 55 -5.37 3.55 -4.78
C GLU A 55 -6.38 2.49 -4.36
N ASN A 56 -6.05 1.78 -3.30
CA ASN A 56 -6.92 0.73 -2.79
C ASN A 56 -7.25 1.00 -1.33
N PRO A 57 -8.18 1.98 -1.12
CA PRO A 57 -8.59 2.34 0.22
C PRO A 57 -9.52 1.28 0.82
N ARG A 58 -10.56 0.95 0.07
CA ARG A 58 -11.52 -0.04 0.51
C ARG A 58 -11.98 -0.90 -0.66
N GLY A 59 -12.40 -0.22 -1.71
CA GLY A 59 -12.87 -0.91 -2.91
C GLY A 59 -11.71 -1.57 -3.65
N LYS A 60 -11.93 -1.84 -4.93
CA LYS A 60 -10.92 -2.47 -5.75
C LYS A 60 -11.42 -2.54 -7.20
N GLY A 61 -10.57 -2.05 -8.11
CA GLY A 61 -10.91 -2.06 -9.52
C GLY A 61 -10.37 -0.81 -10.22
N SER A 62 -9.05 -0.80 -10.39
CA SER A 62 -8.39 0.32 -11.04
C SER A 62 -7.03 -0.10 -11.57
N GLN A 63 -6.42 0.77 -12.37
CA GLN A 63 -5.13 0.49 -12.94
C GLN A 63 -5.23 -0.63 -13.98
N LYS A 64 -4.31 -0.60 -14.93
CA LYS A 64 -4.29 -1.61 -15.98
C LYS A 64 -2.91 -1.65 -16.63
N HIS A 65 -2.69 -2.68 -17.43
CA HIS A 65 -1.41 -2.84 -18.11
C HIS A 65 -1.53 -3.95 -19.15
N VAL A 66 -0.82 -3.75 -20.25
CA VAL A 66 -0.84 -4.72 -21.33
C VAL A 66 -0.70 -6.13 -20.75
N THR A 67 -1.30 -7.09 -21.44
CA THR A 67 -1.26 -8.47 -21.00
C THR A 67 0.13 -9.07 -21.26
N SER A 68 1.11 -8.49 -20.60
CA SER A 68 2.48 -8.96 -20.75
C SER A 68 3.02 -9.44 -19.41
N GLY A 69 3.20 -10.74 -19.31
CA GLY A 69 3.70 -11.35 -18.08
C GLY A 69 2.69 -11.21 -16.95
N PRO A 70 2.85 -12.10 -15.93
CA PRO A 70 1.95 -12.08 -14.78
C PRO A 70 2.27 -10.91 -13.85
N SER A 71 3.46 -10.98 -13.27
CA SER A 71 3.90 -9.94 -12.35
C SER A 71 3.16 -10.06 -11.02
N SER A 72 3.57 -11.05 -10.23
CA SER A 72 2.96 -11.28 -8.94
C SER A 72 4.01 -11.81 -7.95
N GLY A 73 3.64 -11.78 -6.68
CA GLY A 73 4.53 -12.24 -5.63
C GLY A 73 3.79 -13.16 -4.65
N GLY A 1 -0.02 -19.24 -2.57
CA GLY A 1 0.94 -18.39 -3.24
C GLY A 1 0.43 -16.97 -3.37
N SER A 2 1.05 -16.21 -4.27
CA SER A 2 0.66 -14.83 -4.49
C SER A 2 -0.28 -14.74 -5.70
N SER A 3 -0.90 -13.59 -5.84
CA SER A 3 -1.82 -13.37 -6.94
C SER A 3 -1.73 -11.91 -7.41
N GLY A 4 -1.26 -11.75 -8.65
CA GLY A 4 -1.13 -10.43 -9.22
C GLY A 4 0.34 -10.07 -9.44
N SER A 5 0.79 -10.27 -10.67
CA SER A 5 2.16 -9.98 -11.02
C SER A 5 2.37 -10.14 -12.54
N SER A 6 2.16 -9.05 -13.25
CA SER A 6 2.32 -9.05 -14.69
C SER A 6 2.31 -7.62 -15.23
N GLY A 7 3.49 -7.15 -15.58
CA GLY A 7 3.64 -5.80 -16.11
C GLY A 7 2.85 -4.80 -15.25
N ASP A 8 3.34 -4.59 -14.04
CA ASP A 8 2.70 -3.65 -13.13
C ASP A 8 3.43 -3.68 -11.79
N LYS A 9 3.36 -2.56 -11.09
CA LYS A 9 4.02 -2.44 -9.79
C LYS A 9 2.95 -2.42 -8.69
N GLU A 10 3.10 -3.36 -7.76
CA GLU A 10 2.16 -3.47 -6.65
C GLU A 10 2.87 -4.08 -5.43
N TRP A 11 2.15 -4.04 -4.31
CA TRP A 11 2.68 -4.59 -3.08
C TRP A 11 2.33 -6.07 -3.01
N ASN A 12 2.67 -6.67 -1.88
CA ASN A 12 2.39 -8.08 -1.68
C ASN A 12 1.63 -8.28 -0.37
N GLU A 13 0.93 -9.39 -0.28
CA GLU A 13 0.16 -9.70 0.92
C GLU A 13 0.93 -9.28 2.16
N LYS A 14 2.15 -9.78 2.28
CA LYS A 14 2.99 -9.45 3.41
C LYS A 14 2.90 -7.95 3.70
N GLU A 15 3.00 -7.16 2.64
CA GLU A 15 2.94 -5.72 2.76
C GLU A 15 1.51 -5.28 3.12
N LEU A 16 0.58 -5.67 2.25
CA LEU A 16 -0.82 -5.34 2.47
C LEU A 16 -1.21 -5.65 3.90
N GLN A 17 -1.26 -6.94 4.20
CA GLN A 17 -1.62 -7.40 5.53
C GLN A 17 -0.99 -6.48 6.59
N LYS A 18 0.24 -6.10 6.34
CA LYS A 18 0.96 -5.23 7.26
C LYS A 18 0.30 -3.86 7.27
N LEU A 19 0.07 -3.33 6.08
CA LEU A 19 -0.56 -2.02 5.93
C LEU A 19 -1.91 -2.04 6.65
N HIS A 20 -2.75 -2.98 6.26
CA HIS A 20 -4.07 -3.12 6.85
C HIS A 20 -3.93 -3.41 8.35
N CYS A 21 -3.23 -4.49 8.64
CA CYS A 21 -3.01 -4.88 10.03
C CYS A 21 -2.70 -3.62 10.85
N ALA A 22 -1.52 -3.07 10.60
CA ALA A 22 -1.09 -1.88 11.30
C ALA A 22 -2.21 -0.82 11.23
N PHE A 23 -2.62 -0.52 10.01
CA PHE A 23 -3.67 0.45 9.79
C PHE A 23 -4.86 0.20 10.72
N ALA A 24 -5.05 -1.06 11.06
CA ALA A 24 -6.13 -1.45 11.94
C ALA A 24 -5.67 -1.35 13.39
N SER A 25 -4.58 -2.04 13.68
CA SER A 25 -4.02 -2.05 15.02
C SER A 25 -3.80 -0.61 15.49
N LEU A 26 -3.03 0.12 14.70
CA LEU A 26 -2.72 1.50 15.03
C LEU A 26 -3.95 2.38 14.73
N PRO A 27 -4.14 3.40 15.60
CA PRO A 27 -5.27 4.30 15.44
C PRO A 27 -5.03 5.28 14.28
N LYS A 28 -6.13 5.73 13.69
CA LYS A 28 -6.04 6.66 12.58
C LYS A 28 -6.14 8.09 13.12
N HIS A 29 -6.29 8.19 14.43
CA HIS A 29 -6.38 9.49 15.07
C HIS A 29 -5.00 9.95 15.52
N LYS A 30 -3.99 9.22 15.06
CA LYS A 30 -2.62 9.54 15.42
C LYS A 30 -2.04 10.50 14.37
N PRO A 31 -0.91 11.14 14.74
CA PRO A 31 -0.25 12.07 13.85
C PRO A 31 0.49 11.33 12.74
N GLY A 32 1.64 10.78 13.08
CA GLY A 32 2.45 10.05 12.13
C GLY A 32 1.92 8.63 11.93
N PHE A 33 0.62 8.55 11.67
CA PHE A 33 -0.01 7.26 11.46
C PHE A 33 0.72 6.45 10.40
N TRP A 34 1.20 7.16 9.38
CA TRP A 34 1.92 6.51 8.30
C TRP A 34 3.24 5.97 8.86
N SER A 35 3.97 6.86 9.54
CA SER A 35 5.23 6.48 10.14
C SER A 35 5.06 5.21 10.97
N GLU A 36 3.89 5.09 11.57
CA GLU A 36 3.59 3.94 12.41
C GLU A 36 3.38 2.69 11.54
N VAL A 37 2.34 2.75 10.73
CA VAL A 37 2.02 1.63 9.85
C VAL A 37 3.26 1.27 9.02
N ALA A 38 4.13 2.26 8.87
CA ALA A 38 5.35 2.06 8.10
C ALA A 38 6.33 1.22 8.93
N ALA A 39 6.16 1.29 10.24
CA ALA A 39 7.02 0.54 11.15
C ALA A 39 6.92 -0.95 10.83
N ALA A 40 5.68 -1.44 10.87
CA ALA A 40 5.43 -2.84 10.59
C ALA A 40 5.54 -3.09 9.08
N VAL A 41 5.17 -2.07 8.33
CA VAL A 41 5.22 -2.15 6.88
C VAL A 41 6.62 -1.79 6.39
N GLY A 42 7.52 -1.66 7.35
CA GLY A 42 8.91 -1.31 7.03
C GLY A 42 9.24 -1.67 5.59
N SER A 43 8.78 -2.84 5.18
CA SER A 43 9.03 -3.30 3.82
C SER A 43 8.92 -2.13 2.84
N ARG A 44 8.10 -1.17 3.21
CA ARG A 44 7.90 0.01 2.38
C ARG A 44 8.01 1.29 3.22
N SER A 45 7.77 2.41 2.56
CA SER A 45 7.84 3.70 3.23
C SER A 45 6.45 4.13 3.70
N PRO A 46 6.43 5.11 4.64
CA PRO A 46 5.18 5.61 5.18
C PRO A 46 4.47 6.51 4.17
N GLU A 47 5.27 7.14 3.31
CA GLU A 47 4.73 8.02 2.29
C GLU A 47 4.05 7.22 1.19
N GLU A 48 4.46 5.96 1.08
CA GLU A 48 3.90 5.08 0.07
C GLU A 48 2.62 4.43 0.60
N CYS A 49 2.64 4.12 1.89
CA CYS A 49 1.49 3.50 2.53
C CYS A 49 0.25 4.35 2.22
N GLN A 50 0.49 5.64 2.02
CA GLN A 50 -0.60 6.56 1.72
C GLN A 50 -1.03 6.42 0.26
N ARG A 51 -0.04 6.44 -0.62
CA ARG A 51 -0.29 6.32 -2.04
C ARG A 51 -0.98 4.99 -2.34
N LYS A 52 -0.35 3.91 -1.89
CA LYS A 52 -0.90 2.58 -2.10
C LYS A 52 -2.34 2.54 -1.62
N TYR A 53 -2.50 2.66 -0.30
CA TYR A 53 -3.82 2.64 0.29
C TYR A 53 -4.82 3.45 -0.54
N MET A 54 -4.49 4.72 -0.72
CA MET A 54 -5.35 5.61 -1.49
C MET A 54 -5.72 4.97 -2.83
N GLU A 55 -4.75 4.31 -3.43
CA GLU A 55 -4.96 3.66 -4.71
C GLU A 55 -5.89 2.45 -4.54
N ASN A 56 -5.65 1.70 -3.47
CA ASN A 56 -6.44 0.53 -3.18
C ASN A 56 -6.99 0.62 -1.76
N PRO A 57 -8.03 1.50 -1.60
CA PRO A 57 -8.66 1.69 -0.31
C PRO A 57 -9.55 0.51 0.06
N ARG A 58 -10.58 0.32 -0.74
CA ARG A 58 -11.52 -0.77 -0.52
C ARG A 58 -11.73 -1.56 -1.82
N GLY A 59 -12.26 -0.86 -2.81
CA GLY A 59 -12.52 -1.48 -4.11
C GLY A 59 -12.42 -0.45 -5.24
N LYS A 60 -12.03 -0.95 -6.41
CA LYS A 60 -11.88 -0.08 -7.57
C LYS A 60 -10.74 0.90 -7.32
N GLY A 61 -10.21 1.42 -8.42
CA GLY A 61 -9.12 2.38 -8.34
C GLY A 61 -9.08 3.28 -9.58
N SER A 62 -7.87 3.66 -9.96
CA SER A 62 -7.68 4.50 -11.13
C SER A 62 -6.39 4.12 -11.85
N GLN A 63 -6.39 4.35 -13.15
CA GLN A 63 -5.23 4.04 -13.97
C GLN A 63 -4.98 2.53 -13.97
N LYS A 64 -5.46 1.89 -15.03
CA LYS A 64 -5.30 0.45 -15.16
C LYS A 64 -5.02 0.11 -16.63
N HIS A 65 -4.51 -1.09 -16.84
CA HIS A 65 -4.20 -1.55 -18.19
C HIS A 65 -3.84 -3.03 -18.15
N VAL A 66 -4.14 -3.71 -19.25
CA VAL A 66 -3.86 -5.13 -19.36
C VAL A 66 -3.20 -5.42 -20.71
N THR A 67 -2.10 -6.15 -20.65
CA THR A 67 -1.37 -6.49 -21.86
C THR A 67 -0.37 -7.62 -21.58
N SER A 68 -0.59 -8.75 -22.23
CA SER A 68 0.28 -9.89 -22.06
C SER A 68 1.13 -10.09 -23.31
N GLY A 69 2.35 -10.55 -23.08
CA GLY A 69 3.28 -10.79 -24.18
C GLY A 69 4.70 -10.37 -23.80
N PRO A 70 5.46 -11.34 -23.22
CA PRO A 70 6.82 -11.07 -22.80
C PRO A 70 7.76 -11.03 -24.01
N SER A 71 9.00 -10.65 -23.74
CA SER A 71 10.01 -10.56 -24.79
C SER A 71 11.10 -11.60 -24.56
N SER A 72 11.61 -12.14 -25.65
CA SER A 72 12.67 -13.13 -25.57
C SER A 72 13.83 -12.61 -24.73
N GLY A 73 14.68 -13.53 -24.31
CA GLY A 73 15.83 -13.18 -23.51
C GLY A 73 16.97 -14.18 -23.69
N GLY A 1 11.53 -9.34 -24.59
CA GLY A 1 12.61 -9.71 -23.69
C GLY A 1 12.13 -10.66 -22.60
N SER A 2 13.00 -10.92 -21.65
CA SER A 2 12.67 -11.82 -20.55
C SER A 2 11.52 -11.22 -19.72
N SER A 3 11.76 -10.02 -19.21
CA SER A 3 10.77 -9.35 -18.39
C SER A 3 9.90 -8.45 -19.29
N GLY A 4 10.56 -7.52 -19.96
CA GLY A 4 9.88 -6.60 -20.84
C GLY A 4 9.93 -5.18 -20.30
N SER A 5 8.84 -4.45 -20.51
CA SER A 5 8.75 -3.08 -20.05
C SER A 5 7.48 -2.89 -19.21
N SER A 6 7.57 -3.32 -17.96
CA SER A 6 6.44 -3.21 -17.05
C SER A 6 6.90 -2.63 -15.71
N GLY A 7 6.70 -1.34 -15.55
CA GLY A 7 7.09 -0.67 -14.32
C GLY A 7 6.36 -1.25 -13.12
N ASP A 8 6.98 -2.27 -12.53
CA ASP A 8 6.39 -2.92 -11.37
C ASP A 8 6.20 -1.89 -10.25
N LYS A 9 5.03 -1.96 -9.63
CA LYS A 9 4.72 -1.04 -8.55
C LYS A 9 3.55 -1.60 -7.74
N GLU A 10 3.72 -2.82 -7.26
CA GLU A 10 2.69 -3.48 -6.48
C GLU A 10 3.30 -4.10 -5.22
N TRP A 11 2.49 -4.13 -4.16
CA TRP A 11 2.94 -4.69 -2.90
C TRP A 11 2.50 -6.17 -2.85
N ASN A 12 2.90 -6.83 -1.78
CA ASN A 12 2.56 -8.23 -1.61
C ASN A 12 1.73 -8.40 -0.34
N GLU A 13 0.98 -9.49 -0.29
CA GLU A 13 0.14 -9.77 0.86
C GLU A 13 0.87 -9.39 2.15
N LYS A 14 2.08 -9.90 2.28
CA LYS A 14 2.88 -9.62 3.46
C LYS A 14 2.85 -8.12 3.75
N GLU A 15 3.04 -7.34 2.70
CA GLU A 15 3.04 -5.90 2.83
C GLU A 15 1.63 -5.40 3.13
N LEU A 16 0.69 -5.80 2.29
CA LEU A 16 -0.70 -5.40 2.45
C LEU A 16 -1.12 -5.65 3.90
N GLN A 17 -1.21 -6.93 4.24
CA GLN A 17 -1.61 -7.31 5.59
C GLN A 17 -0.94 -6.40 6.62
N LYS A 18 0.33 -6.12 6.37
CA LYS A 18 1.10 -5.27 7.27
C LYS A 18 0.49 -3.87 7.29
N LEU A 19 0.17 -3.38 6.09
CA LEU A 19 -0.43 -2.06 5.95
C LEU A 19 -1.78 -2.05 6.65
N HIS A 20 -2.63 -2.97 6.23
CA HIS A 20 -3.97 -3.07 6.81
C HIS A 20 -3.86 -3.33 8.31
N CYS A 21 -3.19 -4.42 8.64
CA CYS A 21 -3.01 -4.79 10.05
C CYS A 21 -2.65 -3.53 10.83
N ALA A 22 -1.44 -3.04 10.59
CA ALA A 22 -0.97 -1.84 11.26
C ALA A 22 -2.06 -0.78 11.23
N PHE A 23 -2.53 -0.48 10.03
CA PHE A 23 -3.57 0.51 9.84
C PHE A 23 -4.75 0.23 10.78
N ALA A 24 -4.99 -1.04 11.03
CA ALA A 24 -6.08 -1.45 11.90
C ALA A 24 -5.62 -1.37 13.35
N SER A 25 -4.54 -2.08 13.64
CA SER A 25 -3.99 -2.10 14.99
C SER A 25 -3.77 -0.67 15.48
N LEU A 26 -3.00 0.07 14.71
CA LEU A 26 -2.70 1.45 15.06
C LEU A 26 -3.91 2.33 14.74
N PRO A 27 -4.08 3.40 15.56
CA PRO A 27 -5.19 4.32 15.36
C PRO A 27 -4.94 5.23 14.16
N LYS A 28 -6.03 5.70 13.57
CA LYS A 28 -5.94 6.57 12.42
C LYS A 28 -5.98 8.03 12.88
N HIS A 29 -6.31 8.19 14.16
CA HIS A 29 -6.39 9.53 14.74
C HIS A 29 -4.99 10.02 15.08
N LYS A 30 -4.04 9.09 15.07
CA LYS A 30 -2.66 9.41 15.37
C LYS A 30 -2.11 10.34 14.28
N PRO A 31 -1.04 11.09 14.67
CA PRO A 31 -0.42 12.03 13.73
C PRO A 31 0.42 11.28 12.70
N GLY A 32 1.52 10.71 13.18
CA GLY A 32 2.41 9.96 12.30
C GLY A 32 1.89 8.55 12.05
N PHE A 33 0.61 8.47 11.71
CA PHE A 33 -0.02 7.19 11.45
C PHE A 33 0.76 6.40 10.39
N TRP A 34 1.11 7.10 9.32
CA TRP A 34 1.85 6.48 8.23
C TRP A 34 3.18 5.97 8.80
N SER A 35 3.83 6.83 9.56
CA SER A 35 5.10 6.48 10.17
C SER A 35 4.95 5.22 11.01
N GLU A 36 3.79 5.08 11.62
CA GLU A 36 3.51 3.93 12.45
C GLU A 36 3.32 2.68 11.59
N VAL A 37 2.28 2.73 10.76
CA VAL A 37 1.97 1.62 9.87
C VAL A 37 3.22 1.26 9.06
N ALA A 38 4.10 2.25 8.91
CA ALA A 38 5.33 2.05 8.16
C ALA A 38 6.30 1.22 9.00
N ALA A 39 6.10 1.27 10.31
CA ALA A 39 6.95 0.53 11.22
C ALA A 39 6.85 -0.96 10.91
N ALA A 40 5.62 -1.45 10.94
CA ALA A 40 5.39 -2.86 10.65
C ALA A 40 5.52 -3.11 9.14
N VAL A 41 5.16 -2.09 8.38
CA VAL A 41 5.23 -2.18 6.93
C VAL A 41 6.64 -1.78 6.47
N GLY A 42 7.53 -1.63 7.44
CA GLY A 42 8.90 -1.25 7.15
C GLY A 42 9.26 -1.60 5.71
N SER A 43 8.83 -2.78 5.29
CA SER A 43 9.11 -3.25 3.93
C SER A 43 9.01 -2.08 2.95
N ARG A 44 8.17 -1.11 3.31
CA ARG A 44 7.96 0.06 2.47
C ARG A 44 8.04 1.33 3.32
N SER A 45 7.81 2.45 2.65
CA SER A 45 7.85 3.74 3.32
C SER A 45 6.44 4.15 3.76
N PRO A 46 6.39 5.15 4.69
CA PRO A 46 5.13 5.63 5.20
C PRO A 46 4.42 6.51 4.17
N GLU A 47 5.24 7.14 3.33
CA GLU A 47 4.70 8.01 2.30
C GLU A 47 4.07 7.19 1.18
N GLU A 48 4.50 5.94 1.09
CA GLU A 48 3.98 5.04 0.08
C GLU A 48 2.71 4.34 0.58
N CYS A 49 2.69 4.09 1.88
CA CYS A 49 1.55 3.44 2.50
C CYS A 49 0.30 4.25 2.18
N GLN A 50 0.51 5.54 1.96
CA GLN A 50 -0.59 6.44 1.64
C GLN A 50 -0.97 6.32 0.16
N ARG A 51 0.04 6.45 -0.69
CA ARG A 51 -0.18 6.35 -2.12
C ARG A 51 -0.82 5.01 -2.48
N LYS A 52 -0.37 3.98 -1.78
CA LYS A 52 -0.88 2.64 -2.01
C LYS A 52 -2.36 2.59 -1.60
N TYR A 53 -2.60 2.90 -0.34
CA TYR A 53 -3.96 2.90 0.19
C TYR A 53 -4.89 3.75 -0.68
N MET A 54 -4.46 4.99 -0.91
CA MET A 54 -5.25 5.91 -1.72
C MET A 54 -5.85 5.19 -2.93
N GLU A 55 -5.03 4.38 -3.57
CA GLU A 55 -5.47 3.64 -4.74
C GLU A 55 -6.51 2.60 -4.34
N ASN A 56 -6.18 1.85 -3.29
CA ASN A 56 -7.07 0.81 -2.80
C ASN A 56 -7.40 1.09 -1.34
N PRO A 57 -8.32 2.07 -1.12
CA PRO A 57 -8.73 2.43 0.22
C PRO A 57 -9.67 1.39 0.81
N ARG A 58 -10.37 1.78 1.87
CA ARG A 58 -11.30 0.89 2.53
C ARG A 58 -12.74 1.34 2.29
N GLY A 59 -13.29 0.89 1.17
CA GLY A 59 -14.65 1.23 0.81
C GLY A 59 -14.78 2.73 0.52
N LYS A 60 -14.41 3.09 -0.70
CA LYS A 60 -14.47 4.49 -1.12
C LYS A 60 -14.95 4.56 -2.56
N GLY A 61 -14.16 3.98 -3.45
CA GLY A 61 -14.49 3.97 -4.86
C GLY A 61 -13.73 5.08 -5.61
N SER A 62 -14.34 5.53 -6.70
CA SER A 62 -13.73 6.58 -7.51
C SER A 62 -14.80 7.25 -8.36
N GLN A 63 -14.55 8.51 -8.69
CA GLN A 63 -15.48 9.28 -9.50
C GLN A 63 -14.74 9.95 -10.67
N LYS A 64 -13.77 10.78 -10.31
CA LYS A 64 -12.98 11.48 -11.30
C LYS A 64 -11.50 11.24 -11.04
N HIS A 65 -10.69 11.58 -12.04
CA HIS A 65 -9.25 11.41 -11.92
C HIS A 65 -8.55 12.71 -12.33
N VAL A 66 -8.76 13.73 -11.52
CA VAL A 66 -8.15 15.02 -11.78
C VAL A 66 -6.63 14.86 -11.87
N THR A 67 -6.09 15.30 -13.00
CA THR A 67 -4.66 15.21 -13.23
C THR A 67 -4.07 16.61 -13.45
N SER A 68 -3.07 16.93 -12.63
CA SER A 68 -2.41 18.21 -12.73
C SER A 68 -3.44 19.34 -12.60
N GLY A 69 -2.93 20.55 -12.40
CA GLY A 69 -3.78 21.70 -12.26
C GLY A 69 -2.97 22.97 -12.00
N PRO A 70 -2.61 23.18 -10.71
CA PRO A 70 -1.83 24.33 -10.31
C PRO A 70 -0.36 24.17 -10.72
N SER A 71 0.23 23.07 -10.26
CA SER A 71 1.63 22.78 -10.57
C SER A 71 1.78 22.53 -12.08
N SER A 72 2.76 23.18 -12.66
CA SER A 72 3.03 23.03 -14.08
C SER A 72 4.38 23.68 -14.43
N GLY A 73 5.15 22.95 -15.22
CA GLY A 73 6.46 23.43 -15.63
C GLY A 73 7.58 22.57 -15.05
N GLY A 1 6.88 -16.36 -0.02
CA GLY A 1 6.32 -15.02 -0.03
C GLY A 1 6.61 -14.31 -1.35
N SER A 2 6.76 -13.00 -1.26
CA SER A 2 7.04 -12.20 -2.43
C SER A 2 8.11 -11.16 -2.12
N SER A 3 8.91 -10.84 -3.12
CA SER A 3 9.97 -9.85 -2.97
C SER A 3 10.02 -8.93 -4.19
N GLY A 4 9.36 -7.79 -4.06
CA GLY A 4 9.32 -6.82 -5.13
C GLY A 4 8.60 -7.39 -6.36
N SER A 5 7.36 -6.95 -6.54
CA SER A 5 6.56 -7.40 -7.66
C SER A 5 7.22 -6.98 -8.98
N SER A 6 7.48 -7.96 -9.81
CA SER A 6 8.10 -7.71 -11.10
C SER A 6 7.09 -7.08 -12.05
N GLY A 7 7.17 -5.76 -12.17
CA GLY A 7 6.26 -5.03 -13.05
C GLY A 7 4.96 -4.70 -12.33
N ASP A 8 4.27 -3.70 -12.86
CA ASP A 8 3.00 -3.27 -12.28
C ASP A 8 3.22 -2.92 -10.80
N LYS A 9 3.45 -1.64 -10.56
CA LYS A 9 3.66 -1.16 -9.20
C LYS A 9 2.57 -1.70 -8.29
N GLU A 10 2.98 -2.58 -7.38
CA GLU A 10 2.05 -3.18 -6.45
C GLU A 10 2.79 -3.79 -5.26
N TRP A 11 2.05 -4.02 -4.19
CA TRP A 11 2.63 -4.59 -2.98
C TRP A 11 2.25 -6.07 -2.92
N ASN A 12 2.66 -6.71 -1.85
CA ASN A 12 2.37 -8.12 -1.66
C ASN A 12 1.59 -8.32 -0.36
N GLU A 13 0.91 -9.44 -0.28
CA GLU A 13 0.13 -9.76 0.90
C GLU A 13 0.88 -9.35 2.17
N LYS A 14 2.11 -9.84 2.26
CA LYS A 14 2.95 -9.54 3.41
C LYS A 14 2.88 -8.04 3.71
N GLU A 15 3.04 -7.25 2.66
CA GLU A 15 2.99 -5.81 2.79
C GLU A 15 1.57 -5.35 3.11
N LEU A 16 0.65 -5.76 2.26
CA LEU A 16 -0.76 -5.39 2.44
C LEU A 16 -1.16 -5.66 3.89
N GLN A 17 -1.25 -6.94 4.22
CA GLN A 17 -1.63 -7.35 5.56
C GLN A 17 -0.98 -6.43 6.59
N LYS A 18 0.26 -6.08 6.33
CA LYS A 18 1.01 -5.21 7.23
C LYS A 18 0.38 -3.81 7.21
N LEU A 19 0.17 -3.31 6.00
CA LEU A 19 -0.42 -2.00 5.83
C LEU A 19 -1.78 -1.95 6.52
N HIS A 20 -2.62 -2.92 6.16
CA HIS A 20 -3.95 -3.00 6.75
C HIS A 20 -3.84 -3.25 8.25
N CYS A 21 -3.18 -4.36 8.58
CA CYS A 21 -3.00 -4.72 9.97
C CYS A 21 -2.65 -3.47 10.77
N ALA A 22 -1.45 -2.96 10.53
CA ALA A 22 -0.98 -1.77 11.21
C ALA A 22 -2.09 -0.71 11.18
N PHE A 23 -2.54 -0.41 9.97
CA PHE A 23 -3.59 0.58 9.79
C PHE A 23 -4.77 0.29 10.70
N ALA A 24 -4.98 -0.99 10.96
CA ALA A 24 -6.08 -1.41 11.81
C ALA A 24 -5.64 -1.34 13.28
N SER A 25 -4.56 -2.04 13.57
CA SER A 25 -4.02 -2.06 14.93
C SER A 25 -3.81 -0.63 15.42
N LEU A 26 -3.06 0.13 14.63
CA LEU A 26 -2.77 1.51 14.99
C LEU A 26 -3.97 2.39 14.63
N PRO A 27 -4.24 3.38 15.52
CA PRO A 27 -5.35 4.29 15.31
C PRO A 27 -5.04 5.31 14.21
N LYS A 28 -6.09 5.82 13.60
CA LYS A 28 -5.95 6.80 12.54
C LYS A 28 -6.01 8.20 13.13
N HIS A 29 -6.26 8.25 14.43
CA HIS A 29 -6.36 9.53 15.12
C HIS A 29 -4.97 9.94 15.62
N LYS A 30 -3.97 9.19 15.18
CA LYS A 30 -2.59 9.47 15.56
C LYS A 30 -1.97 10.45 14.56
N PRO A 31 -0.79 11.00 14.95
CA PRO A 31 -0.10 11.95 14.10
C PRO A 31 0.59 11.24 12.94
N GLY A 32 1.77 10.71 13.21
CA GLY A 32 2.53 10.01 12.19
C GLY A 32 1.98 8.59 11.98
N PHE A 33 0.68 8.53 11.72
CA PHE A 33 0.02 7.26 11.50
C PHE A 33 0.76 6.44 10.43
N TRP A 34 1.20 7.15 9.40
CA TRP A 34 1.92 6.50 8.31
C TRP A 34 3.25 5.96 8.87
N SER A 35 3.93 6.82 9.60
CA SER A 35 5.21 6.44 10.20
C SER A 35 5.04 5.18 11.03
N GLU A 36 3.87 5.05 11.65
CA GLU A 36 3.57 3.90 12.48
C GLU A 36 3.37 2.66 11.60
N VAL A 37 2.33 2.72 10.78
CA VAL A 37 2.01 1.61 9.89
C VAL A 37 3.25 1.26 9.08
N ALA A 38 4.14 2.24 8.93
CA ALA A 38 5.35 2.03 8.17
C ALA A 38 6.33 1.19 8.99
N ALA A 39 6.15 1.24 10.31
CA ALA A 39 6.99 0.48 11.22
C ALA A 39 6.88 -1.01 10.89
N ALA A 40 5.65 -1.49 10.93
CA ALA A 40 5.39 -2.89 10.64
C ALA A 40 5.50 -3.14 9.13
N VAL A 41 5.16 -2.10 8.38
CA VAL A 41 5.21 -2.18 6.93
C VAL A 41 6.62 -1.81 6.46
N GLY A 42 7.52 -1.68 7.43
CA GLY A 42 8.90 -1.32 7.12
C GLY A 42 9.25 -1.67 5.67
N SER A 43 8.80 -2.84 5.25
CA SER A 43 9.04 -3.31 3.90
C SER A 43 8.95 -2.13 2.91
N ARG A 44 8.13 -1.16 3.29
CA ARG A 44 7.94 0.02 2.46
C ARG A 44 8.04 1.29 3.31
N SER A 45 7.81 2.42 2.65
CA SER A 45 7.87 3.70 3.32
C SER A 45 6.47 4.11 3.80
N PRO A 46 6.45 5.11 4.72
CA PRO A 46 5.19 5.60 5.26
C PRO A 46 4.47 6.49 4.24
N GLU A 47 5.27 7.13 3.40
CA GLU A 47 4.73 8.02 2.38
C GLU A 47 4.05 7.19 1.28
N GLU A 48 4.50 5.95 1.15
CA GLU A 48 3.94 5.06 0.15
C GLU A 48 2.66 4.41 0.67
N CYS A 49 2.68 4.08 1.95
CA CYS A 49 1.53 3.45 2.58
C CYS A 49 0.29 4.28 2.25
N GLN A 50 0.51 5.58 2.06
CA GLN A 50 -0.58 6.48 1.75
C GLN A 50 -1.00 6.31 0.29
N ARG A 51 -0.03 6.51 -0.60
CA ARG A 51 -0.28 6.39 -2.03
C ARG A 51 -0.96 5.06 -2.33
N LYS A 52 -0.39 3.99 -1.80
CA LYS A 52 -0.92 2.66 -2.01
C LYS A 52 -2.39 2.63 -1.58
N TYR A 53 -2.60 2.84 -0.29
CA TYR A 53 -3.94 2.85 0.26
C TYR A 53 -4.91 3.60 -0.66
N MET A 54 -4.56 4.85 -0.94
CA MET A 54 -5.39 5.67 -1.81
C MET A 54 -5.92 4.86 -2.99
N GLU A 55 -5.02 4.10 -3.61
CA GLU A 55 -5.38 3.29 -4.75
C GLU A 55 -6.39 2.20 -4.33
N ASN A 56 -6.08 1.54 -3.23
CA ASN A 56 -6.94 0.50 -2.71
C ASN A 56 -7.27 0.79 -1.24
N PRO A 57 -8.19 1.77 -1.04
CA PRO A 57 -8.59 2.14 0.30
C PRO A 57 -9.53 1.10 0.91
N ARG A 58 -10.61 0.82 0.19
CA ARG A 58 -11.58 -0.16 0.64
C ARG A 58 -12.48 -0.60 -0.51
N GLY A 59 -12.16 -1.76 -1.05
CA GLY A 59 -12.91 -2.31 -2.16
C GLY A 59 -12.20 -2.07 -3.49
N LYS A 60 -12.87 -2.42 -4.57
CA LYS A 60 -12.31 -2.26 -5.90
C LYS A 60 -11.05 -3.11 -6.03
N GLY A 61 -10.59 -3.24 -7.25
CA GLY A 61 -9.39 -4.03 -7.53
C GLY A 61 -8.20 -3.12 -7.82
N SER A 62 -7.66 -3.29 -9.02
CA SER A 62 -6.51 -2.50 -9.43
C SER A 62 -6.87 -1.66 -10.67
N GLN A 63 -7.28 -0.43 -10.41
CA GLN A 63 -7.66 0.48 -11.49
C GLN A 63 -6.49 1.39 -11.84
N LYS A 64 -6.53 1.92 -13.05
CA LYS A 64 -5.48 2.80 -13.53
C LYS A 64 -4.14 2.08 -13.47
N HIS A 65 -3.99 1.09 -14.35
CA HIS A 65 -2.76 0.32 -14.39
C HIS A 65 -2.80 -0.60 -15.62
N VAL A 66 -3.77 -1.50 -15.62
CA VAL A 66 -3.93 -2.44 -16.72
C VAL A 66 -4.90 -1.86 -17.74
N THR A 67 -4.70 -2.27 -19.00
CA THR A 67 -5.54 -1.80 -20.07
C THR A 67 -7.01 -2.13 -19.79
N SER A 68 -7.90 -1.32 -20.35
CA SER A 68 -9.32 -1.51 -20.17
C SER A 68 -9.75 -2.86 -20.75
N GLY A 69 -9.62 -2.96 -22.07
CA GLY A 69 -9.99 -4.18 -22.77
C GLY A 69 -9.62 -5.41 -21.94
N PRO A 70 -10.65 -5.94 -21.24
CA PRO A 70 -10.44 -7.13 -20.40
C PRO A 70 -10.33 -8.39 -21.26
N SER A 71 -9.10 -8.85 -21.41
CA SER A 71 -8.84 -10.05 -22.20
C SER A 71 -9.24 -9.81 -23.65
N SER A 72 -8.22 -9.67 -24.50
CA SER A 72 -8.45 -9.44 -25.91
C SER A 72 -8.97 -10.72 -26.58
N GLY A 73 -10.11 -10.59 -27.24
CA GLY A 73 -10.71 -11.71 -27.92
C GLY A 73 -10.22 -11.80 -29.37
N GLY A 1 19.19 -4.32 -18.51
CA GLY A 1 17.85 -4.09 -19.03
C GLY A 1 16.85 -5.02 -18.34
N SER A 2 16.26 -4.51 -17.26
CA SER A 2 15.28 -5.27 -16.51
C SER A 2 14.65 -4.39 -15.43
N SER A 3 13.72 -3.55 -15.86
CA SER A 3 13.03 -2.65 -14.94
C SER A 3 14.04 -1.69 -14.31
N GLY A 4 13.89 -0.42 -14.67
CA GLY A 4 14.77 0.62 -14.15
C GLY A 4 14.67 0.72 -12.63
N SER A 5 15.36 1.71 -12.08
CA SER A 5 15.35 1.92 -10.64
C SER A 5 14.23 2.89 -10.27
N SER A 6 13.02 2.35 -10.16
CA SER A 6 11.86 3.15 -9.81
C SER A 6 10.82 2.28 -9.12
N GLY A 7 10.91 2.21 -7.80
CA GLY A 7 9.97 1.43 -7.02
C GLY A 7 9.64 0.11 -7.73
N ASP A 8 8.49 -0.43 -7.38
CA ASP A 8 8.04 -1.69 -7.98
C ASP A 8 6.52 -1.64 -8.17
N LYS A 9 6.00 -2.70 -8.77
CA LYS A 9 4.58 -2.80 -9.02
C LYS A 9 3.83 -2.76 -7.69
N GLU A 10 2.63 -3.33 -7.70
CA GLU A 10 1.81 -3.37 -6.50
C GLU A 10 2.58 -4.03 -5.35
N TRP A 11 1.98 -3.97 -4.17
CA TRP A 11 2.59 -4.54 -2.99
C TRP A 11 2.21 -6.03 -2.94
N ASN A 12 2.66 -6.67 -1.88
CA ASN A 12 2.37 -8.09 -1.70
C ASN A 12 1.55 -8.28 -0.42
N GLU A 13 0.91 -9.44 -0.32
CA GLU A 13 0.09 -9.75 0.83
C GLU A 13 0.82 -9.37 2.12
N LYS A 14 2.07 -9.81 2.21
CA LYS A 14 2.88 -9.52 3.38
C LYS A 14 2.82 -8.01 3.68
N GLU A 15 3.03 -7.23 2.63
CA GLU A 15 3.02 -5.79 2.76
C GLU A 15 1.59 -5.31 3.09
N LEU A 16 0.64 -5.77 2.29
CA LEU A 16 -0.74 -5.40 2.48
C LEU A 16 -1.14 -5.68 3.93
N GLN A 17 -1.23 -6.97 4.24
CA GLN A 17 -1.61 -7.38 5.58
C GLN A 17 -0.94 -6.48 6.62
N LYS A 18 0.30 -6.13 6.34
CA LYS A 18 1.07 -5.28 7.24
C LYS A 18 0.44 -3.88 7.26
N LEU A 19 0.19 -3.37 6.07
CA LEU A 19 -0.41 -2.04 5.94
C LEU A 19 -1.76 -2.03 6.64
N HIS A 20 -2.60 -2.97 6.24
CA HIS A 20 -3.93 -3.07 6.82
C HIS A 20 -3.83 -3.34 8.31
N CYS A 21 -3.13 -4.42 8.65
CA CYS A 21 -2.95 -4.80 10.03
C CYS A 21 -2.63 -3.54 10.83
N ALA A 22 -1.43 -3.01 10.60
CA ALA A 22 -0.99 -1.81 11.28
C ALA A 22 -2.10 -0.75 11.22
N PHE A 23 -2.53 -0.48 9.99
CA PHE A 23 -3.58 0.51 9.77
C PHE A 23 -4.77 0.25 10.69
N ALA A 24 -4.98 -1.02 10.99
CA ALA A 24 -6.08 -1.41 11.85
C ALA A 24 -5.63 -1.33 13.32
N SER A 25 -4.55 -2.04 13.61
CA SER A 25 -4.01 -2.05 14.96
C SER A 25 -3.79 -0.62 15.45
N LEU A 26 -3.04 0.14 14.66
CA LEU A 26 -2.75 1.52 15.01
C LEU A 26 -3.97 2.39 14.67
N PRO A 27 -4.17 3.44 15.51
CA PRO A 27 -5.28 4.35 15.32
C PRO A 27 -5.02 5.29 14.14
N LYS A 28 -6.12 5.75 13.54
CA LYS A 28 -6.02 6.64 12.40
C LYS A 28 -6.09 8.10 12.90
N HIS A 29 -6.24 8.23 14.21
CA HIS A 29 -6.33 9.54 14.83
C HIS A 29 -4.92 10.04 15.14
N LYS A 30 -3.98 9.11 15.15
CA LYS A 30 -2.59 9.45 15.44
C LYS A 30 -2.07 10.40 14.36
N PRO A 31 -0.96 11.12 14.72
CA PRO A 31 -0.35 12.05 13.79
C PRO A 31 0.42 11.31 12.70
N GLY A 32 1.56 10.75 13.11
CA GLY A 32 2.41 10.03 12.18
C GLY A 32 1.88 8.60 11.96
N PHE A 33 0.58 8.52 11.66
CA PHE A 33 -0.04 7.23 11.42
C PHE A 33 0.71 6.43 10.37
N TRP A 34 1.18 7.14 9.35
CA TRP A 34 1.91 6.51 8.27
C TRP A 34 3.23 5.98 8.85
N SER A 35 3.92 6.85 9.57
CA SER A 35 5.18 6.47 10.18
C SER A 35 5.01 5.22 11.02
N GLU A 36 3.82 5.08 11.60
CA GLU A 36 3.52 3.93 12.42
C GLU A 36 3.31 2.69 11.55
N VAL A 37 2.28 2.75 10.73
CA VAL A 37 1.96 1.64 9.84
C VAL A 37 3.21 1.27 9.02
N ALA A 38 4.10 2.25 8.88
CA ALA A 38 5.33 2.04 8.14
C ALA A 38 6.28 1.19 8.98
N ALA A 39 6.09 1.24 10.29
CA ALA A 39 6.92 0.48 11.20
C ALA A 39 6.79 -1.01 10.88
N ALA A 40 5.56 -1.49 10.91
CA ALA A 40 5.29 -2.89 10.62
C ALA A 40 5.41 -3.14 9.12
N VAL A 41 5.10 -2.10 8.35
CA VAL A 41 5.17 -2.18 6.90
C VAL A 41 6.58 -1.82 6.45
N GLY A 42 7.47 -1.69 7.42
CA GLY A 42 8.86 -1.34 7.13
C GLY A 42 9.22 -1.69 5.69
N SER A 43 8.75 -2.86 5.26
CA SER A 43 9.02 -3.33 3.91
C SER A 43 8.94 -2.15 2.93
N ARG A 44 8.12 -1.17 3.30
CA ARG A 44 7.94 0.00 2.46
C ARG A 44 8.04 1.27 3.31
N SER A 45 7.82 2.40 2.66
CA SER A 45 7.89 3.68 3.33
C SER A 45 6.48 4.11 3.79
N PRO A 46 6.46 5.10 4.71
CA PRO A 46 5.20 5.60 5.24
C PRO A 46 4.50 6.49 4.21
N GLU A 47 5.31 7.14 3.39
CA GLU A 47 4.78 8.03 2.37
C GLU A 47 4.10 7.22 1.26
N GLU A 48 4.55 5.97 1.13
CA GLU A 48 3.99 5.09 0.12
C GLU A 48 2.70 4.44 0.63
N CYS A 49 2.70 4.15 1.91
CA CYS A 49 1.54 3.53 2.54
C CYS A 49 0.31 4.36 2.19
N GLN A 50 0.54 5.66 2.02
CA GLN A 50 -0.54 6.57 1.69
C GLN A 50 -0.94 6.41 0.22
N ARG A 51 0.06 6.52 -0.64
CA ARG A 51 -0.19 6.39 -2.07
C ARG A 51 -0.87 5.04 -2.38
N LYS A 52 -0.34 4.00 -1.76
CA LYS A 52 -0.89 2.67 -1.97
C LYS A 52 -2.35 2.65 -1.54
N TYR A 53 -2.57 2.85 -0.25
CA TYR A 53 -3.92 2.87 0.29
C TYR A 53 -4.87 3.64 -0.63
N MET A 54 -4.47 4.87 -0.94
CA MET A 54 -5.28 5.72 -1.80
C MET A 54 -5.87 4.92 -2.96
N GLU A 55 -5.04 4.08 -3.54
CA GLU A 55 -5.45 3.25 -4.65
C GLU A 55 -6.53 2.25 -4.20
N ASN A 56 -6.24 1.59 -3.09
CA ASN A 56 -7.16 0.61 -2.54
C ASN A 56 -7.50 0.98 -1.10
N PRO A 57 -8.38 2.01 -0.96
CA PRO A 57 -8.79 2.47 0.34
C PRO A 57 -9.78 1.49 0.99
N ARG A 58 -10.81 1.16 0.23
CA ARG A 58 -11.83 0.24 0.71
C ARG A 58 -11.89 -0.99 -0.19
N GLY A 59 -12.01 -0.74 -1.49
CA GLY A 59 -12.08 -1.81 -2.45
C GLY A 59 -10.70 -2.11 -3.06
N LYS A 60 -10.72 -2.77 -4.20
CA LYS A 60 -9.49 -3.11 -4.89
C LYS A 60 -9.14 -2.00 -5.89
N GLY A 61 -7.93 -2.09 -6.41
CA GLY A 61 -7.46 -1.11 -7.37
C GLY A 61 -7.17 -1.75 -8.72
N SER A 62 -5.93 -2.19 -8.88
CA SER A 62 -5.51 -2.82 -10.12
C SER A 62 -5.65 -1.84 -11.29
N GLN A 63 -4.79 -0.84 -11.28
CA GLN A 63 -4.81 0.17 -12.33
C GLN A 63 -3.50 0.94 -12.35
N LYS A 64 -3.18 1.48 -13.52
CA LYS A 64 -1.96 2.24 -13.68
C LYS A 64 -0.76 1.29 -13.64
N HIS A 65 0.31 1.69 -14.30
CA HIS A 65 1.52 0.89 -14.34
C HIS A 65 2.75 1.80 -14.28
N VAL A 66 3.60 1.52 -13.31
CA VAL A 66 4.81 2.30 -13.13
C VAL A 66 5.94 1.69 -13.96
N THR A 67 6.47 2.49 -14.87
CA THR A 67 7.56 2.04 -15.73
C THR A 67 8.43 3.22 -16.14
N SER A 68 9.73 2.98 -16.15
CA SER A 68 10.70 4.00 -16.52
C SER A 68 11.46 3.57 -17.77
N GLY A 69 12.15 2.45 -17.65
CA GLY A 69 12.93 1.92 -18.75
C GLY A 69 14.32 2.56 -18.80
N PRO A 70 15.14 2.07 -19.77
CA PRO A 70 16.50 2.58 -19.92
C PRO A 70 16.50 3.95 -20.58
N SER A 71 17.22 4.87 -19.95
CA SER A 71 17.31 6.23 -20.45
C SER A 71 18.59 6.40 -21.27
N SER A 72 19.72 6.15 -20.62
CA SER A 72 21.00 6.27 -21.28
C SER A 72 21.91 5.10 -20.87
N GLY A 73 22.13 4.99 -19.58
CA GLY A 73 22.97 3.92 -19.05
C GLY A 73 22.12 2.75 -18.54
N GLY A 1 8.97 -6.02 -6.69
CA GLY A 1 8.25 -5.40 -7.78
C GLY A 1 9.13 -5.25 -9.02
N SER A 2 8.79 -4.28 -9.84
CA SER A 2 9.55 -4.01 -11.05
C SER A 2 9.53 -5.24 -11.96
N SER A 3 9.69 -4.98 -13.25
CA SER A 3 9.69 -6.06 -14.23
C SER A 3 8.34 -6.77 -14.23
N GLY A 4 7.61 -6.59 -15.32
CA GLY A 4 6.30 -7.21 -15.46
C GLY A 4 5.40 -6.38 -16.39
N SER A 5 4.56 -5.57 -15.77
CA SER A 5 3.65 -4.72 -16.53
C SER A 5 4.12 -3.27 -16.48
N SER A 6 4.97 -2.92 -17.43
CA SER A 6 5.51 -1.57 -17.50
C SER A 6 5.84 -1.06 -16.10
N GLY A 7 6.96 -1.54 -15.58
CA GLY A 7 7.41 -1.14 -14.26
C GLY A 7 6.29 -1.32 -13.22
N ASP A 8 6.19 -2.55 -12.72
CA ASP A 8 5.18 -2.88 -11.73
C ASP A 8 5.26 -1.86 -10.58
N LYS A 9 4.20 -1.85 -9.78
CA LYS A 9 4.14 -0.95 -8.64
C LYS A 9 3.12 -1.48 -7.64
N GLU A 10 2.99 -2.80 -7.61
CA GLU A 10 2.08 -3.44 -6.70
C GLU A 10 2.81 -3.90 -5.43
N TRP A 11 2.02 -4.22 -4.42
CA TRP A 11 2.59 -4.67 -3.15
C TRP A 11 2.31 -6.17 -3.03
N ASN A 12 2.82 -6.74 -1.94
CA ASN A 12 2.65 -8.16 -1.69
C ASN A 12 1.79 -8.35 -0.43
N GLU A 13 1.03 -9.44 -0.43
CA GLU A 13 0.16 -9.75 0.69
C GLU A 13 0.89 -9.49 2.01
N LYS A 14 2.20 -9.65 1.96
CA LYS A 14 3.03 -9.44 3.14
C LYS A 14 2.91 -7.98 3.59
N GLU A 15 3.01 -7.08 2.62
CA GLU A 15 2.92 -5.66 2.89
C GLU A 15 1.47 -5.28 3.21
N LEU A 16 0.59 -5.61 2.28
CA LEU A 16 -0.83 -5.31 2.44
C LEU A 16 -1.23 -5.58 3.90
N GLN A 17 -1.23 -6.85 4.26
CA GLN A 17 -1.60 -7.24 5.61
C GLN A 17 -0.91 -6.34 6.63
N LYS A 18 0.35 -6.04 6.35
CA LYS A 18 1.13 -5.19 7.23
C LYS A 18 0.53 -3.78 7.24
N LEU A 19 0.08 -3.37 6.06
CA LEU A 19 -0.51 -2.04 5.92
C LEU A 19 -1.87 -2.02 6.62
N HIS A 20 -2.71 -2.97 6.26
CA HIS A 20 -4.04 -3.07 6.84
C HIS A 20 -3.91 -3.35 8.35
N CYS A 21 -3.17 -4.39 8.67
CA CYS A 21 -2.95 -4.77 10.05
C CYS A 21 -2.63 -3.51 10.85
N ALA A 22 -1.43 -2.99 10.60
CA ALA A 22 -0.99 -1.79 11.29
C ALA A 22 -2.09 -0.74 11.24
N PHE A 23 -2.57 -0.48 10.03
CA PHE A 23 -3.62 0.50 9.83
C PHE A 23 -4.80 0.24 10.78
N ALA A 24 -4.99 -1.03 11.10
CA ALA A 24 -6.06 -1.43 11.99
C ALA A 24 -5.57 -1.37 13.44
N SER A 25 -4.49 -2.08 13.69
CA SER A 25 -3.91 -2.11 15.02
C SER A 25 -3.66 -0.70 15.52
N LEU A 26 -2.98 0.08 14.69
CA LEU A 26 -2.67 1.46 15.05
C LEU A 26 -3.89 2.34 14.75
N PRO A 27 -4.05 3.40 15.58
CA PRO A 27 -5.16 4.32 15.42
C PRO A 27 -4.92 5.26 14.23
N LYS A 28 -6.03 5.70 13.65
CA LYS A 28 -5.95 6.60 12.51
C LYS A 28 -6.01 8.05 12.99
N HIS A 29 -6.26 8.19 14.29
CA HIS A 29 -6.34 9.51 14.90
C HIS A 29 -4.94 10.00 15.25
N LYS A 30 -3.99 9.08 15.16
CA LYS A 30 -2.60 9.40 15.47
C LYS A 30 -2.05 10.37 14.42
N PRO A 31 -0.93 11.05 14.79
CA PRO A 31 -0.30 12.00 13.88
C PRO A 31 0.45 11.27 12.76
N GLY A 32 1.61 10.72 13.13
CA GLY A 32 2.43 10.01 12.18
C GLY A 32 1.90 8.59 11.95
N PHE A 33 0.62 8.52 11.65
CA PHE A 33 -0.02 7.23 11.41
C PHE A 33 0.75 6.42 10.36
N TRP A 34 1.12 7.10 9.29
CA TRP A 34 1.87 6.46 8.22
C TRP A 34 3.19 5.94 8.80
N SER A 35 3.84 6.82 9.56
CA SER A 35 5.11 6.47 10.18
C SER A 35 4.95 5.21 11.03
N GLU A 36 3.79 5.08 11.64
CA GLU A 36 3.49 3.94 12.48
C GLU A 36 3.30 2.69 11.62
N VAL A 37 2.27 2.73 10.79
CA VAL A 37 1.97 1.62 9.91
C VAL A 37 3.21 1.26 9.10
N ALA A 38 4.08 2.24 8.94
CA ALA A 38 5.31 2.05 8.20
C ALA A 38 6.29 1.22 9.04
N ALA A 39 6.07 1.26 10.35
CA ALA A 39 6.93 0.54 11.27
C ALA A 39 6.82 -0.96 10.98
N ALA A 40 5.59 -1.46 11.00
CA ALA A 40 5.35 -2.87 10.74
C ALA A 40 5.48 -3.13 9.24
N VAL A 41 5.26 -2.08 8.46
CA VAL A 41 5.35 -2.18 7.02
C VAL A 41 6.75 -1.78 6.57
N GLY A 42 7.63 -1.60 7.54
CA GLY A 42 9.00 -1.22 7.26
C GLY A 42 9.40 -1.59 5.83
N SER A 43 8.97 -2.78 5.43
CA SER A 43 9.27 -3.26 4.08
C SER A 43 9.16 -2.12 3.08
N ARG A 44 8.31 -1.16 3.41
CA ARG A 44 8.10 -0.01 2.55
C ARG A 44 8.16 1.28 3.37
N SER A 45 7.90 2.39 2.68
CA SER A 45 7.92 3.69 3.34
C SER A 45 6.50 4.08 3.77
N PRO A 46 6.44 5.07 4.70
CA PRO A 46 5.17 5.54 5.20
C PRO A 46 4.45 6.41 4.17
N GLU A 47 5.26 7.05 3.32
CA GLU A 47 4.71 7.92 2.28
C GLU A 47 4.08 7.08 1.17
N GLU A 48 4.53 5.84 1.08
CA GLU A 48 4.02 4.93 0.08
C GLU A 48 2.75 4.23 0.58
N CYS A 49 2.71 4.01 1.89
CA CYS A 49 1.57 3.36 2.50
C CYS A 49 0.32 4.18 2.17
N GLN A 50 0.54 5.46 1.96
CA GLN A 50 -0.56 6.37 1.64
C GLN A 50 -0.95 6.23 0.17
N ARG A 51 0.04 6.37 -0.69
CA ARG A 51 -0.19 6.26 -2.13
C ARG A 51 -0.83 4.91 -2.46
N LYS A 52 -0.42 3.90 -1.71
CA LYS A 52 -0.94 2.56 -1.92
C LYS A 52 -2.43 2.53 -1.54
N TYR A 53 -2.69 2.87 -0.27
CA TYR A 53 -4.05 2.89 0.23
C TYR A 53 -4.96 3.73 -0.68
N MET A 54 -4.50 4.94 -0.94
CA MET A 54 -5.26 5.86 -1.78
C MET A 54 -5.82 5.14 -3.00
N GLU A 55 -4.97 4.31 -3.60
CA GLU A 55 -5.37 3.55 -4.78
C GLU A 55 -6.46 2.55 -4.42
N ASN A 56 -6.18 1.77 -3.39
CA ASN A 56 -7.13 0.76 -2.94
C ASN A 56 -7.44 0.99 -1.46
N PRO A 57 -8.29 2.01 -1.20
CA PRO A 57 -8.68 2.35 0.17
C PRO A 57 -9.68 1.32 0.71
N ARG A 58 -10.35 1.72 1.78
CA ARG A 58 -11.34 0.86 2.41
C ARG A 58 -12.63 0.85 1.60
N GLY A 59 -12.69 -0.04 0.63
CA GLY A 59 -13.86 -0.16 -0.22
C GLY A 59 -13.46 -0.10 -1.70
N LYS A 60 -13.58 1.09 -2.27
CA LYS A 60 -13.25 1.30 -3.66
C LYS A 60 -11.88 0.67 -3.96
N GLY A 61 -11.55 0.62 -5.23
CA GLY A 61 -10.29 0.05 -5.66
C GLY A 61 -10.24 -0.11 -7.19
N SER A 62 -11.01 -1.07 -7.67
CA SER A 62 -11.07 -1.33 -9.10
C SER A 62 -11.51 -0.06 -9.84
N GLN A 63 -11.35 -0.11 -11.16
CA GLN A 63 -11.73 1.02 -12.00
C GLN A 63 -10.81 2.21 -11.72
N LYS A 64 -10.47 2.92 -12.79
CA LYS A 64 -9.61 4.08 -12.66
C LYS A 64 -10.22 5.24 -13.46
N HIS A 65 -9.60 6.41 -13.29
CA HIS A 65 -10.07 7.60 -13.99
C HIS A 65 -9.60 7.57 -15.43
N VAL A 66 -8.28 7.46 -15.59
CA VAL A 66 -7.69 7.42 -16.92
C VAL A 66 -7.95 8.75 -17.63
N THR A 67 -6.87 9.33 -18.13
CA THR A 67 -6.97 10.61 -18.83
C THR A 67 -6.96 10.38 -20.35
N SER A 68 -7.38 11.41 -21.06
CA SER A 68 -7.43 11.34 -22.52
C SER A 68 -6.05 10.92 -23.06
N GLY A 69 -6.09 9.98 -23.99
CA GLY A 69 -4.87 9.48 -24.60
C GLY A 69 -5.17 8.34 -25.58
N PRO A 70 -5.84 8.71 -26.70
CA PRO A 70 -6.19 7.73 -27.73
C PRO A 70 -4.96 7.33 -28.54
N SER A 71 -5.03 6.13 -29.11
CA SER A 71 -3.94 5.62 -29.92
C SER A 71 -4.49 4.98 -31.19
N SER A 72 -3.62 4.86 -32.18
CA SER A 72 -3.99 4.27 -33.45
C SER A 72 -4.00 2.74 -33.33
N GLY A 73 -5.07 2.14 -33.84
CA GLY A 73 -5.20 0.70 -33.81
C GLY A 73 -4.72 0.13 -32.47
N GLY A 1 9.55 -15.27 -9.71
CA GLY A 1 9.29 -14.99 -11.12
C GLY A 1 7.80 -14.75 -11.35
N SER A 2 7.45 -14.59 -12.63
CA SER A 2 6.07 -14.34 -13.00
C SER A 2 5.86 -14.69 -14.47
N SER A 3 4.60 -14.86 -14.83
CA SER A 3 4.25 -15.20 -16.21
C SER A 3 4.68 -14.07 -17.14
N GLY A 4 4.16 -12.88 -16.88
CA GLY A 4 4.49 -11.72 -17.70
C GLY A 4 5.61 -10.90 -17.05
N SER A 5 6.58 -10.54 -17.88
CA SER A 5 7.71 -9.75 -17.42
C SER A 5 7.22 -8.60 -16.53
N SER A 6 7.85 -8.48 -15.38
CA SER A 6 7.50 -7.43 -14.44
C SER A 6 8.56 -7.32 -13.34
N GLY A 7 8.90 -6.08 -13.00
CA GLY A 7 9.89 -5.84 -11.97
C GLY A 7 9.26 -5.15 -10.76
N ASP A 8 8.80 -5.97 -9.83
CA ASP A 8 8.18 -5.44 -8.62
C ASP A 8 6.97 -4.59 -9.00
N LYS A 9 5.79 -5.17 -8.84
CA LYS A 9 4.56 -4.48 -9.16
C LYS A 9 3.63 -4.51 -7.95
N GLU A 10 3.14 -3.33 -7.60
CA GLU A 10 2.24 -3.20 -6.47
C GLU A 10 2.80 -3.95 -5.25
N TRP A 11 2.02 -3.96 -4.19
CA TRP A 11 2.43 -4.63 -2.97
C TRP A 11 1.83 -6.04 -2.97
N ASN A 12 2.06 -6.75 -1.87
CA ASN A 12 1.56 -8.11 -1.75
C ASN A 12 0.90 -8.27 -0.37
N GLU A 13 0.56 -9.51 -0.06
CA GLU A 13 -0.07 -9.82 1.22
C GLU A 13 0.84 -9.43 2.37
N LYS A 14 2.09 -9.88 2.28
CA LYS A 14 3.06 -9.58 3.32
C LYS A 14 3.01 -8.09 3.65
N GLU A 15 2.97 -7.28 2.61
CA GLU A 15 2.92 -5.84 2.78
C GLU A 15 1.51 -5.40 3.16
N LEU A 16 0.58 -5.64 2.23
CA LEU A 16 -0.81 -5.27 2.45
C LEU A 16 -1.18 -5.58 3.90
N GLN A 17 -1.18 -6.87 4.22
CA GLN A 17 -1.53 -7.32 5.56
C GLN A 17 -0.90 -6.38 6.60
N LYS A 18 0.37 -6.07 6.40
CA LYS A 18 1.08 -5.20 7.30
C LYS A 18 0.41 -3.82 7.30
N LEU A 19 0.14 -3.33 6.10
CA LEU A 19 -0.50 -2.03 5.94
C LEU A 19 -1.85 -2.04 6.64
N HIS A 20 -2.70 -2.96 6.20
CA HIS A 20 -4.03 -3.09 6.77
C HIS A 20 -3.92 -3.34 8.28
N CYS A 21 -3.25 -4.44 8.61
CA CYS A 21 -3.07 -4.81 10.00
C CYS A 21 -2.71 -3.56 10.80
N ALA A 22 -1.50 -3.07 10.55
CA ALA A 22 -1.03 -1.87 11.23
C ALA A 22 -2.13 -0.81 11.21
N PHE A 23 -2.56 -0.48 10.00
CA PHE A 23 -3.60 0.51 9.83
C PHE A 23 -4.79 0.24 10.76
N ALA A 24 -5.00 -1.03 11.03
CA ALA A 24 -6.09 -1.45 11.91
C ALA A 24 -5.63 -1.38 13.35
N SER A 25 -4.54 -2.10 13.63
CA SER A 25 -3.99 -2.12 14.98
C SER A 25 -3.75 -0.70 15.48
N LEU A 26 -2.98 0.05 14.68
CA LEU A 26 -2.68 1.42 15.03
C LEU A 26 -3.88 2.32 14.71
N PRO A 27 -4.10 3.31 15.61
CA PRO A 27 -5.21 4.23 15.44
C PRO A 27 -4.92 5.25 14.33
N LYS A 28 -5.99 5.76 13.74
CA LYS A 28 -5.86 6.73 12.67
C LYS A 28 -5.91 8.15 13.25
N HIS A 29 -6.21 8.21 14.54
CA HIS A 29 -6.29 9.47 15.24
C HIS A 29 -4.88 9.96 15.60
N LYS A 30 -3.91 9.09 15.36
CA LYS A 30 -2.53 9.41 15.64
C LYS A 30 -1.98 10.36 14.57
N PRO A 31 -0.86 11.03 14.91
CA PRO A 31 -0.24 11.97 13.99
C PRO A 31 0.50 11.23 12.87
N GLY A 32 1.66 10.71 13.22
CA GLY A 32 2.48 9.98 12.26
C GLY A 32 1.94 8.57 12.06
N PHE A 33 0.65 8.49 11.74
CA PHE A 33 0.00 7.21 11.51
C PHE A 33 0.74 6.41 10.43
N TRP A 34 1.19 7.13 9.41
CA TRP A 34 1.91 6.49 8.32
C TRP A 34 3.24 5.95 8.87
N SER A 35 3.93 6.82 9.59
CA SER A 35 5.21 6.44 10.19
C SER A 35 5.04 5.16 11.01
N GLU A 36 3.88 5.05 11.64
CA GLU A 36 3.59 3.90 12.47
C GLU A 36 3.39 2.66 11.60
N VAL A 37 2.34 2.71 10.78
CA VAL A 37 2.02 1.61 9.90
C VAL A 37 3.25 1.25 9.06
N ALA A 38 4.13 2.25 8.90
CA ALA A 38 5.35 2.05 8.13
C ALA A 38 6.33 1.22 8.95
N ALA A 39 6.15 1.27 10.27
CA ALA A 39 7.02 0.53 11.18
C ALA A 39 6.92 -0.96 10.86
N ALA A 40 5.69 -1.45 10.88
CA ALA A 40 5.45 -2.86 10.60
C ALA A 40 5.56 -3.11 9.10
N VAL A 41 5.20 -2.08 8.34
CA VAL A 41 5.25 -2.17 6.89
C VAL A 41 6.64 -1.77 6.41
N GLY A 42 7.54 -1.62 7.36
CA GLY A 42 8.92 -1.25 7.05
C GLY A 42 9.26 -1.59 5.61
N SER A 43 8.82 -2.78 5.19
CA SER A 43 9.08 -3.24 3.84
C SER A 43 8.97 -2.07 2.85
N ARG A 44 8.14 -1.11 3.23
CA ARG A 44 7.92 0.07 2.38
C ARG A 44 8.02 1.34 3.22
N SER A 45 7.77 2.47 2.57
CA SER A 45 7.84 3.75 3.23
C SER A 45 6.44 4.16 3.71
N PRO A 46 6.42 5.13 4.66
CA PRO A 46 5.16 5.62 5.20
C PRO A 46 4.45 6.53 4.19
N GLU A 47 5.25 7.15 3.34
CA GLU A 47 4.70 8.04 2.33
C GLU A 47 4.03 7.24 1.22
N GLU A 48 4.45 5.99 1.09
CA GLU A 48 3.91 5.12 0.07
C GLU A 48 2.64 4.42 0.58
N CYS A 49 2.63 4.18 1.89
CA CYS A 49 1.49 3.53 2.52
C CYS A 49 0.25 4.37 2.23
N GLN A 50 0.46 5.66 2.03
CA GLN A 50 -0.63 6.57 1.75
C GLN A 50 -1.05 6.45 0.29
N ARG A 51 -0.06 6.50 -0.59
CA ARG A 51 -0.32 6.40 -2.01
C ARG A 51 -1.01 5.08 -2.34
N LYS A 52 -0.40 3.99 -1.88
CA LYS A 52 -0.94 2.67 -2.11
C LYS A 52 -2.40 2.64 -1.65
N TYR A 53 -2.58 2.75 -0.34
CA TYR A 53 -3.91 2.73 0.23
C TYR A 53 -4.90 3.49 -0.65
N MET A 54 -4.59 4.76 -0.88
CA MET A 54 -5.44 5.60 -1.71
C MET A 54 -5.78 4.92 -3.03
N GLU A 55 -4.77 4.30 -3.62
CA GLU A 55 -4.94 3.61 -4.88
C GLU A 55 -5.87 2.40 -4.70
N ASN A 56 -5.63 1.66 -3.63
CA ASN A 56 -6.44 0.49 -3.33
C ASN A 56 -7.00 0.62 -1.91
N PRO A 57 -8.06 1.47 -1.78
CA PRO A 57 -8.68 1.68 -0.49
C PRO A 57 -9.57 0.49 -0.10
N ARG A 58 -10.51 0.18 -0.97
CA ARG A 58 -11.41 -0.93 -0.74
C ARG A 58 -11.50 -1.81 -1.99
N GLY A 59 -11.88 -1.18 -3.09
CA GLY A 59 -12.03 -1.89 -4.35
C GLY A 59 -10.76 -1.76 -5.20
N LYS A 60 -10.80 -2.35 -6.38
CA LYS A 60 -9.67 -2.30 -7.29
C LYS A 60 -10.17 -2.01 -8.70
N GLY A 61 -9.22 -1.84 -9.61
CA GLY A 61 -9.55 -1.55 -10.99
C GLY A 61 -8.75 -0.35 -11.51
N SER A 62 -7.43 -0.46 -11.40
CA SER A 62 -6.56 0.60 -11.85
C SER A 62 -5.09 0.18 -11.67
N GLN A 63 -4.47 -0.14 -12.80
CA GLN A 63 -3.08 -0.56 -12.79
C GLN A 63 -2.47 -0.44 -14.18
N LYS A 64 -3.05 -1.21 -15.11
CA LYS A 64 -2.57 -1.20 -16.48
C LYS A 64 -3.68 -0.66 -17.39
N HIS A 65 -3.30 -0.35 -18.62
CA HIS A 65 -4.25 0.16 -19.60
C HIS A 65 -3.90 -0.37 -20.99
N VAL A 66 -4.76 -0.06 -21.94
CA VAL A 66 -4.56 -0.50 -23.31
C VAL A 66 -3.09 -0.31 -23.69
N THR A 67 -2.55 -1.31 -24.36
CA THR A 67 -1.16 -1.28 -24.78
C THR A 67 -1.06 -1.43 -26.29
N SER A 68 -0.50 -0.41 -26.93
CA SER A 68 -0.34 -0.42 -28.37
C SER A 68 0.88 -1.26 -28.76
N GLY A 69 1.04 -1.45 -30.06
CA GLY A 69 2.15 -2.24 -30.56
C GLY A 69 2.63 -1.69 -31.92
N PRO A 70 3.88 -2.07 -32.29
CA PRO A 70 4.46 -1.63 -33.54
C PRO A 70 3.86 -2.40 -34.72
N SER A 71 4.36 -2.11 -35.90
CA SER A 71 3.89 -2.76 -37.11
C SER A 71 4.55 -2.13 -38.34
N SER A 72 4.79 -2.97 -39.34
CA SER A 72 5.41 -2.52 -40.56
C SER A 72 4.80 -3.24 -41.77
N GLY A 73 5.04 -2.69 -42.94
CA GLY A 73 4.53 -3.27 -44.16
C GLY A 73 3.09 -2.82 -44.42
N GLY A 1 3.11 -9.33 -30.37
CA GLY A 1 2.33 -10.36 -29.70
C GLY A 1 2.89 -10.65 -28.31
N SER A 2 2.22 -10.09 -27.31
CA SER A 2 2.63 -10.29 -25.93
C SER A 2 1.73 -11.32 -25.26
N SER A 3 2.35 -12.43 -24.87
CA SER A 3 1.62 -13.50 -24.21
C SER A 3 1.33 -13.13 -22.75
N GLY A 4 2.39 -12.78 -22.04
CA GLY A 4 2.27 -12.40 -20.64
C GLY A 4 3.36 -11.40 -20.24
N SER A 5 3.66 -11.38 -18.96
CA SER A 5 4.68 -10.48 -18.44
C SER A 5 4.27 -9.03 -18.71
N SER A 6 4.14 -8.28 -17.62
CA SER A 6 3.76 -6.88 -17.72
C SER A 6 4.26 -6.12 -16.49
N GLY A 7 4.07 -4.81 -16.54
CA GLY A 7 4.50 -3.95 -15.44
C GLY A 7 4.16 -4.59 -14.09
N ASP A 8 5.21 -5.00 -13.39
CA ASP A 8 5.03 -5.63 -12.08
C ASP A 8 5.43 -4.63 -11.00
N LYS A 9 4.47 -3.81 -10.62
CA LYS A 9 4.70 -2.80 -9.59
C LYS A 9 3.51 -2.79 -8.61
N GLU A 10 3.63 -3.61 -7.58
CA GLU A 10 2.58 -3.70 -6.58
C GLU A 10 3.15 -4.16 -5.25
N TRP A 11 2.26 -4.31 -4.27
CA TRP A 11 2.67 -4.73 -2.94
C TRP A 11 2.33 -6.22 -2.80
N ASN A 12 3.05 -6.88 -1.91
CA ASN A 12 2.83 -8.29 -1.66
C ASN A 12 1.92 -8.46 -0.45
N GLU A 13 1.18 -9.57 -0.47
CA GLU A 13 0.26 -9.86 0.62
C GLU A 13 0.93 -9.61 1.97
N LYS A 14 2.24 -9.71 1.96
CA LYS A 14 3.02 -9.50 3.17
C LYS A 14 2.88 -8.05 3.62
N GLU A 15 2.96 -7.15 2.64
CA GLU A 15 2.84 -5.73 2.92
C GLU A 15 1.38 -5.36 3.21
N LEU A 16 0.53 -5.69 2.25
CA LEU A 16 -0.89 -5.40 2.38
C LEU A 16 -1.33 -5.67 3.82
N GLN A 17 -1.27 -6.94 4.20
CA GLN A 17 -1.66 -7.35 5.54
C GLN A 17 -1.00 -6.44 6.58
N LYS A 18 0.25 -6.10 6.32
CA LYS A 18 1.01 -5.24 7.22
C LYS A 18 0.37 -3.85 7.23
N LEU A 19 0.12 -3.34 6.03
CA LEU A 19 -0.48 -2.02 5.89
C LEU A 19 -1.84 -2.01 6.59
N HIS A 20 -2.69 -2.95 6.19
CA HIS A 20 -4.01 -3.07 6.76
C HIS A 20 -3.90 -3.33 8.27
N CYS A 21 -3.16 -4.38 8.59
CA CYS A 21 -2.96 -4.75 9.99
C CYS A 21 -2.59 -3.49 10.77
N ALA A 22 -1.39 -3.00 10.52
CA ALA A 22 -0.90 -1.81 11.21
C ALA A 22 -2.00 -0.74 11.18
N PHE A 23 -2.51 -0.49 9.99
CA PHE A 23 -3.56 0.51 9.83
C PHE A 23 -4.73 0.24 10.78
N ALA A 24 -4.94 -1.03 11.05
CA ALA A 24 -6.01 -1.45 11.95
C ALA A 24 -5.52 -1.38 13.39
N SER A 25 -4.42 -2.09 13.64
CA SER A 25 -3.84 -2.13 14.97
C SER A 25 -3.60 -0.70 15.48
N LEU A 26 -2.91 0.07 14.66
CA LEU A 26 -2.60 1.45 15.00
C LEU A 26 -3.84 2.32 14.73
N PRO A 27 -3.98 3.38 15.58
CA PRO A 27 -5.10 4.30 15.44
C PRO A 27 -4.91 5.23 14.24
N LYS A 28 -6.03 5.60 13.64
CA LYS A 28 -6.00 6.49 12.49
C LYS A 28 -6.14 7.94 12.95
N HIS A 29 -6.32 8.09 14.26
CA HIS A 29 -6.47 9.41 14.84
C HIS A 29 -5.10 9.93 15.29
N LYS A 30 -4.09 9.12 15.05
CA LYS A 30 -2.73 9.48 15.42
C LYS A 30 -2.16 10.44 14.37
N PRO A 31 -1.03 11.09 14.74
CA PRO A 31 -0.38 12.04 13.84
C PRO A 31 0.36 11.29 12.72
N GLY A 32 1.55 10.81 13.06
CA GLY A 32 2.36 10.09 12.09
C GLY A 32 1.84 8.66 11.89
N PHE A 33 0.56 8.57 11.59
CA PHE A 33 -0.06 7.27 11.37
C PHE A 33 0.71 6.45 10.34
N TRP A 34 1.14 7.14 9.29
CA TRP A 34 1.89 6.49 8.23
C TRP A 34 3.20 5.99 8.82
N SER A 35 3.87 6.87 9.55
CA SER A 35 5.14 6.53 10.17
C SER A 35 4.97 5.28 11.03
N GLU A 36 3.79 5.16 11.63
CA GLU A 36 3.50 4.02 12.49
C GLU A 36 3.30 2.76 11.64
N VAL A 37 2.27 2.80 10.80
CA VAL A 37 1.97 1.67 9.94
C VAL A 37 3.21 1.30 9.13
N ALA A 38 4.09 2.28 8.97
CA ALA A 38 5.32 2.07 8.23
C ALA A 38 6.29 1.24 9.09
N ALA A 39 6.07 1.31 10.39
CA ALA A 39 6.92 0.57 11.32
C ALA A 39 6.81 -0.92 11.04
N ALA A 40 5.57 -1.42 11.07
CA ALA A 40 5.31 -2.82 10.82
C ALA A 40 5.44 -3.10 9.32
N VAL A 41 5.23 -2.05 8.54
CA VAL A 41 5.32 -2.17 7.10
C VAL A 41 6.73 -1.77 6.64
N GLY A 42 7.61 -1.61 7.61
CA GLY A 42 8.98 -1.24 7.33
C GLY A 42 9.37 -1.63 5.90
N SER A 43 8.94 -2.82 5.50
CA SER A 43 9.22 -3.31 4.17
C SER A 43 9.12 -2.17 3.15
N ARG A 44 8.28 -1.20 3.48
CA ARG A 44 8.07 -0.06 2.61
C ARG A 44 8.15 1.24 3.41
N SER A 45 7.90 2.34 2.72
CA SER A 45 7.93 3.64 3.35
C SER A 45 6.52 4.06 3.78
N PRO A 46 6.46 5.05 4.70
CA PRO A 46 5.20 5.55 5.20
C PRO A 46 4.50 6.43 4.15
N GLU A 47 5.32 7.05 3.32
CA GLU A 47 4.79 7.92 2.28
C GLU A 47 4.15 7.09 1.17
N GLU A 48 4.55 5.83 1.11
CA GLU A 48 4.01 4.92 0.11
C GLU A 48 2.73 4.25 0.62
N CYS A 49 2.71 4.01 1.92
CA CYS A 49 1.55 3.39 2.55
C CYS A 49 0.32 4.22 2.21
N GLN A 50 0.55 5.49 1.99
CA GLN A 50 -0.54 6.41 1.65
C GLN A 50 -0.94 6.24 0.18
N ARG A 51 0.05 6.38 -0.69
CA ARG A 51 -0.19 6.25 -2.12
C ARG A 51 -0.90 4.93 -2.41
N LYS A 52 -0.43 3.88 -1.76
CA LYS A 52 -1.00 2.56 -1.94
C LYS A 52 -2.48 2.58 -1.52
N TYR A 53 -2.68 2.88 -0.24
CA TYR A 53 -4.03 2.94 0.31
C TYR A 53 -4.94 3.78 -0.60
N MET A 54 -4.48 4.99 -0.91
CA MET A 54 -5.24 5.89 -1.75
C MET A 54 -5.84 5.14 -2.95
N GLU A 55 -5.02 4.31 -3.55
CA GLU A 55 -5.45 3.53 -4.70
C GLU A 55 -6.48 2.48 -4.28
N ASN A 56 -6.13 1.72 -3.25
CA ASN A 56 -7.01 0.69 -2.75
C ASN A 56 -7.27 0.93 -1.26
N PRO A 57 -8.15 1.92 -0.98
CA PRO A 57 -8.49 2.25 0.39
C PRO A 57 -9.42 1.21 1.01
N ARG A 58 -10.48 0.91 0.27
CA ARG A 58 -11.45 -0.08 0.73
C ARG A 58 -12.18 -0.70 -0.47
N GLY A 59 -11.62 -1.80 -0.95
CA GLY A 59 -12.21 -2.49 -2.09
C GLY A 59 -11.80 -3.97 -2.10
N LYS A 60 -11.64 -4.49 -3.30
CA LYS A 60 -11.25 -5.89 -3.46
C LYS A 60 -10.79 -6.11 -4.90
N GLY A 61 -10.02 -7.18 -5.08
CA GLY A 61 -9.51 -7.53 -6.39
C GLY A 61 -8.01 -7.82 -6.33
N SER A 62 -7.68 -9.10 -6.46
CA SER A 62 -6.29 -9.52 -6.42
C SER A 62 -6.03 -10.59 -7.50
N GLN A 63 -5.61 -10.11 -8.66
CA GLN A 63 -5.33 -11.00 -9.77
C GLN A 63 -3.84 -11.01 -10.07
N LYS A 64 -3.16 -12.03 -9.56
CA LYS A 64 -1.73 -12.17 -9.77
C LYS A 64 -1.35 -13.65 -9.73
N HIS A 65 -0.11 -13.92 -10.06
CA HIS A 65 0.39 -15.28 -10.07
C HIS A 65 1.09 -15.59 -8.75
N VAL A 66 0.60 -16.62 -8.08
CA VAL A 66 1.16 -17.03 -6.80
C VAL A 66 2.66 -17.26 -6.96
N THR A 67 3.41 -16.70 -6.02
CA THR A 67 4.86 -16.83 -6.04
C THR A 67 5.35 -17.48 -4.75
N SER A 68 6.26 -18.42 -4.91
CA SER A 68 6.83 -19.13 -3.76
C SER A 68 8.27 -18.68 -3.54
N GLY A 69 8.78 -19.01 -2.35
CA GLY A 69 10.14 -18.65 -2.00
C GLY A 69 10.54 -19.26 -0.66
N PRO A 70 11.18 -20.47 -0.74
CA PRO A 70 11.62 -21.16 0.45
C PRO A 70 12.86 -20.50 1.06
N SER A 71 12.76 -20.21 2.35
CA SER A 71 13.87 -19.57 3.05
C SER A 71 15.03 -20.55 3.20
N SER A 72 16.24 -20.01 3.14
CA SER A 72 17.43 -20.82 3.26
C SER A 72 17.87 -20.89 4.72
N GLY A 73 18.68 -21.90 5.01
CA GLY A 73 19.18 -22.09 6.37
C GLY A 73 18.08 -21.83 7.40
N GLY A 1 16.76 -8.60 -12.65
CA GLY A 1 17.63 -7.48 -12.36
C GLY A 1 18.93 -7.95 -11.70
N SER A 2 18.81 -8.33 -10.43
CA SER A 2 19.96 -8.79 -9.68
C SER A 2 19.75 -10.25 -9.26
N SER A 3 18.68 -10.46 -8.51
CA SER A 3 18.36 -11.80 -8.03
C SER A 3 16.95 -11.81 -7.43
N GLY A 4 16.16 -12.78 -7.86
CA GLY A 4 14.79 -12.91 -7.38
C GLY A 4 14.23 -14.30 -7.68
N SER A 5 12.93 -14.43 -7.47
CA SER A 5 12.26 -15.70 -7.72
C SER A 5 10.74 -15.49 -7.75
N SER A 6 10.21 -15.40 -8.95
CA SER A 6 8.79 -15.21 -9.13
C SER A 6 8.33 -13.97 -8.34
N GLY A 7 8.25 -12.86 -9.04
CA GLY A 7 7.83 -11.62 -8.42
C GLY A 7 7.25 -10.65 -9.45
N ASP A 8 6.43 -9.72 -8.96
CA ASP A 8 5.82 -8.74 -9.84
C ASP A 8 5.74 -7.39 -9.10
N LYS A 9 5.13 -6.43 -9.78
CA LYS A 9 4.98 -5.10 -9.21
C LYS A 9 3.94 -5.15 -8.08
N GLU A 10 3.40 -3.98 -7.76
CA GLU A 10 2.40 -3.88 -6.72
C GLU A 10 2.97 -4.41 -5.39
N TRP A 11 2.17 -4.25 -4.34
CA TRP A 11 2.58 -4.71 -3.03
C TRP A 11 2.19 -6.19 -2.90
N ASN A 12 2.83 -6.85 -1.95
CA ASN A 12 2.57 -8.26 -1.72
C ASN A 12 1.73 -8.42 -0.46
N GLU A 13 0.97 -9.51 -0.42
CA GLU A 13 0.12 -9.79 0.72
C GLU A 13 0.88 -9.54 2.03
N LYS A 14 2.19 -9.65 1.94
CA LYS A 14 3.04 -9.44 3.10
C LYS A 14 2.90 -7.99 3.56
N GLU A 15 2.94 -7.08 2.60
CA GLU A 15 2.84 -5.66 2.89
C GLU A 15 1.38 -5.30 3.21
N LEU A 16 0.50 -5.61 2.27
CA LEU A 16 -0.92 -5.34 2.45
C LEU A 16 -1.32 -5.64 3.89
N GLN A 17 -1.27 -6.92 4.23
CA GLN A 17 -1.63 -7.36 5.56
C GLN A 17 -0.97 -6.44 6.61
N LYS A 18 0.27 -6.09 6.34
CA LYS A 18 1.02 -5.24 7.25
C LYS A 18 0.39 -3.85 7.26
N LEU A 19 0.06 -3.36 6.07
CA LEU A 19 -0.55 -2.05 5.94
C LEU A 19 -1.89 -2.05 6.66
N HIS A 20 -2.73 -3.00 6.29
CA HIS A 20 -4.05 -3.12 6.88
C HIS A 20 -3.91 -3.41 8.38
N CYS A 21 -3.09 -4.40 8.68
CA CYS A 21 -2.86 -4.79 10.07
C CYS A 21 -2.47 -3.54 10.85
N ALA A 22 -1.26 -3.05 10.58
CA ALA A 22 -0.77 -1.86 11.25
C ALA A 22 -1.85 -0.79 11.26
N PHE A 23 -2.42 -0.57 10.08
CA PHE A 23 -3.47 0.43 9.94
C PHE A 23 -4.59 0.19 10.94
N ALA A 24 -4.93 -1.08 11.12
CA ALA A 24 -5.99 -1.45 12.04
C ALA A 24 -5.45 -1.40 13.48
N SER A 25 -4.38 -2.15 13.70
CA SER A 25 -3.76 -2.20 15.01
C SER A 25 -3.49 -0.77 15.52
N LEU A 26 -2.80 0.00 14.69
CA LEU A 26 -2.48 1.37 15.03
C LEU A 26 -3.72 2.25 14.85
N PRO A 27 -3.79 3.32 15.67
CA PRO A 27 -4.92 4.25 15.60
C PRO A 27 -4.80 5.15 14.37
N LYS A 28 -5.96 5.45 13.79
CA LYS A 28 -6.00 6.31 12.62
C LYS A 28 -6.20 7.76 13.07
N HIS A 29 -6.44 7.93 14.36
CA HIS A 29 -6.65 9.26 14.91
C HIS A 29 -5.30 9.85 15.36
N LYS A 30 -4.23 9.20 14.93
CA LYS A 30 -2.90 9.64 15.27
C LYS A 30 -2.34 10.50 14.15
N PRO A 31 -1.29 11.28 14.49
CA PRO A 31 -0.65 12.16 13.51
C PRO A 31 0.21 11.36 12.53
N GLY A 32 1.35 10.91 13.04
CA GLY A 32 2.26 10.13 12.22
C GLY A 32 1.77 8.69 12.05
N PHE A 33 0.54 8.58 11.59
CA PHE A 33 -0.06 7.27 11.38
C PHE A 33 0.73 6.46 10.35
N TRP A 34 1.07 7.13 9.25
CA TRP A 34 1.83 6.49 8.19
C TRP A 34 3.14 5.98 8.79
N SER A 35 3.80 6.86 9.54
CA SER A 35 5.06 6.52 10.16
C SER A 35 4.90 5.27 11.02
N GLU A 36 3.73 5.14 11.63
CA GLU A 36 3.43 4.00 12.47
C GLU A 36 3.23 2.75 11.62
N VAL A 37 2.21 2.80 10.78
CA VAL A 37 1.90 1.67 9.91
C VAL A 37 3.15 1.31 9.11
N ALA A 38 4.03 2.28 8.96
CA ALA A 38 5.26 2.07 8.22
C ALA A 38 6.23 1.23 9.06
N ALA A 39 6.01 1.29 10.37
CA ALA A 39 6.85 0.55 11.30
C ALA A 39 6.73 -0.95 11.00
N ALA A 40 5.49 -1.43 11.03
CA ALA A 40 5.23 -2.83 10.76
C ALA A 40 5.36 -3.10 9.26
N VAL A 41 5.16 -2.04 8.48
CA VAL A 41 5.24 -2.15 7.04
C VAL A 41 6.66 -1.77 6.59
N GLY A 42 7.53 -1.62 7.57
CA GLY A 42 8.92 -1.27 7.28
C GLY A 42 9.29 -1.64 5.85
N SER A 43 8.85 -2.82 5.45
CA SER A 43 9.14 -3.31 4.11
C SER A 43 9.05 -2.15 3.10
N ARG A 44 8.22 -1.18 3.44
CA ARG A 44 8.03 -0.03 2.58
C ARG A 44 8.10 1.26 3.40
N SER A 45 7.87 2.37 2.72
CA SER A 45 7.89 3.68 3.37
C SER A 45 6.48 4.08 3.79
N PRO A 46 6.41 5.09 4.71
CA PRO A 46 5.14 5.57 5.20
C PRO A 46 4.45 6.44 4.15
N GLU A 47 5.27 7.07 3.31
CA GLU A 47 4.75 7.94 2.27
C GLU A 47 4.12 7.10 1.16
N GLU A 48 4.54 5.85 1.09
CA GLU A 48 4.03 4.94 0.08
C GLU A 48 2.75 4.25 0.58
N CYS A 49 2.72 4.02 1.88
CA CYS A 49 1.57 3.38 2.50
C CYS A 49 0.32 4.20 2.15
N GLN A 50 0.54 5.48 1.92
CA GLN A 50 -0.55 6.39 1.58
C GLN A 50 -0.93 6.24 0.11
N ARG A 51 0.07 6.38 -0.74
CA ARG A 51 -0.14 6.27 -2.18
C ARG A 51 -0.80 4.93 -2.51
N LYS A 52 -0.43 3.92 -1.73
CA LYS A 52 -0.98 2.59 -1.93
C LYS A 52 -2.46 2.57 -1.51
N TYR A 53 -2.68 2.85 -0.23
CA TYR A 53 -4.03 2.88 0.31
C TYR A 53 -4.94 3.78 -0.54
N MET A 54 -4.37 4.90 -0.98
CA MET A 54 -5.11 5.84 -1.79
C MET A 54 -5.69 5.16 -3.04
N GLU A 55 -4.85 4.38 -3.69
CA GLU A 55 -5.27 3.67 -4.88
C GLU A 55 -6.34 2.64 -4.54
N ASN A 56 -6.06 1.86 -3.51
CA ASN A 56 -6.99 0.83 -3.07
C ASN A 56 -7.36 1.08 -1.60
N PRO A 57 -8.26 2.08 -1.40
CA PRO A 57 -8.70 2.41 -0.05
C PRO A 57 -9.68 1.37 0.48
N ARG A 58 -10.38 1.75 1.54
CA ARG A 58 -11.35 0.87 2.16
C ARG A 58 -12.73 1.07 1.52
N GLY A 59 -13.41 -0.04 1.29
CA GLY A 59 -14.74 0.01 0.70
C GLY A 59 -14.67 0.55 -0.73
N LYS A 60 -15.69 0.19 -1.51
CA LYS A 60 -15.77 0.63 -2.90
C LYS A 60 -14.41 0.43 -3.56
N GLY A 61 -14.24 -0.76 -4.13
CA GLY A 61 -12.99 -1.09 -4.81
C GLY A 61 -13.00 -2.54 -5.29
N SER A 62 -12.32 -2.77 -6.40
CA SER A 62 -12.24 -4.09 -6.98
C SER A 62 -10.97 -4.23 -7.82
N GLN A 63 -10.95 -3.48 -8.91
CA GLN A 63 -9.79 -3.51 -9.80
C GLN A 63 -9.93 -2.41 -10.87
N LYS A 64 -8.80 -2.07 -11.47
CA LYS A 64 -8.78 -1.05 -12.49
C LYS A 64 -7.36 -0.94 -13.07
N HIS A 65 -7.30 -0.51 -14.32
CA HIS A 65 -6.03 -0.36 -15.00
C HIS A 65 -5.28 -1.70 -14.99
N VAL A 66 -5.47 -2.45 -16.07
CA VAL A 66 -4.82 -3.75 -16.20
C VAL A 66 -3.30 -3.58 -16.04
N THR A 67 -2.72 -2.80 -16.94
CA THR A 67 -1.30 -2.55 -16.90
C THR A 67 -1.00 -1.07 -17.19
N SER A 68 0.09 -0.61 -16.62
CA SER A 68 0.49 0.78 -16.80
C SER A 68 1.98 0.85 -17.18
N GLY A 69 2.80 0.23 -16.35
CA GLY A 69 4.23 0.22 -16.57
C GLY A 69 4.81 -1.17 -16.31
N PRO A 70 6.01 -1.42 -16.91
CA PRO A 70 6.68 -2.69 -16.74
C PRO A 70 7.30 -2.81 -15.35
N SER A 71 7.85 -3.99 -15.07
CA SER A 71 8.48 -4.24 -13.79
C SER A 71 9.78 -3.43 -13.67
N SER A 72 10.01 -2.92 -12.47
CA SER A 72 11.21 -2.13 -12.22
C SER A 72 12.33 -3.03 -11.71
N GLY A 73 13.55 -2.55 -11.88
CA GLY A 73 14.72 -3.30 -11.44
C GLY A 73 15.91 -3.05 -12.36
N GLY A 1 -1.25 -15.98 -14.52
CA GLY A 1 -1.84 -14.74 -14.06
C GLY A 1 -0.94 -13.55 -14.40
N SER A 2 -1.56 -12.42 -14.69
CA SER A 2 -0.83 -11.21 -15.03
C SER A 2 -0.34 -10.52 -13.76
N SER A 3 -1.28 -10.18 -12.90
CA SER A 3 -0.96 -9.51 -11.66
C SER A 3 -0.58 -8.05 -11.93
N GLY A 4 0.43 -7.87 -12.75
CA GLY A 4 0.89 -6.54 -13.09
C GLY A 4 1.89 -6.59 -14.26
N SER A 5 3.09 -7.04 -13.95
CA SER A 5 4.13 -7.13 -14.97
C SER A 5 4.39 -5.76 -15.58
N SER A 6 5.49 -5.16 -15.15
CA SER A 6 5.86 -3.84 -15.65
C SER A 6 4.74 -2.84 -15.37
N GLY A 7 5.09 -1.56 -15.47
CA GLY A 7 4.13 -0.50 -15.25
C GLY A 7 3.22 -0.83 -14.06
N ASP A 8 3.86 -1.08 -12.92
CA ASP A 8 3.13 -1.41 -11.71
C ASP A 8 4.11 -1.66 -10.58
N LYS A 9 3.73 -1.22 -9.39
CA LYS A 9 4.57 -1.40 -8.21
C LYS A 9 3.72 -1.92 -7.05
N GLU A 10 2.72 -2.71 -7.41
CA GLU A 10 1.82 -3.30 -6.41
C GLU A 10 2.64 -3.93 -5.28
N TRP A 11 1.98 -4.08 -4.14
CA TRP A 11 2.63 -4.65 -2.98
C TRP A 11 2.24 -6.14 -2.91
N ASN A 12 2.69 -6.78 -1.85
CA ASN A 12 2.40 -8.19 -1.66
C ASN A 12 1.57 -8.38 -0.39
N GLU A 13 0.96 -9.55 -0.27
CA GLU A 13 0.14 -9.85 0.88
C GLU A 13 0.86 -9.44 2.18
N LYS A 14 2.10 -9.90 2.29
CA LYS A 14 2.90 -9.58 3.46
C LYS A 14 2.84 -8.08 3.73
N GLU A 15 3.08 -7.30 2.68
CA GLU A 15 3.04 -5.86 2.80
C GLU A 15 1.62 -5.38 3.08
N LEU A 16 0.68 -5.87 2.29
CA LEU A 16 -0.71 -5.51 2.45
C LEU A 16 -1.13 -5.76 3.89
N GLN A 17 -1.24 -7.04 4.23
CA GLN A 17 -1.63 -7.42 5.58
C GLN A 17 -0.99 -6.49 6.61
N LYS A 18 0.27 -6.17 6.35
CA LYS A 18 1.01 -5.30 7.25
C LYS A 18 0.35 -3.92 7.28
N LEU A 19 0.20 -3.35 6.09
CA LEU A 19 -0.42 -2.03 5.96
C LEU A 19 -1.79 -2.06 6.63
N HIS A 20 -2.62 -2.99 6.17
CA HIS A 20 -3.97 -3.12 6.71
C HIS A 20 -3.89 -3.37 8.22
N CYS A 21 -3.23 -4.47 8.56
CA CYS A 21 -3.08 -4.84 9.96
C CYS A 21 -2.79 -3.57 10.77
N ALA A 22 -1.58 -3.05 10.57
CA ALA A 22 -1.16 -1.84 11.26
C ALA A 22 -2.30 -0.81 11.22
N PHE A 23 -2.60 -0.37 10.00
CA PHE A 23 -3.65 0.61 9.80
C PHE A 23 -4.86 0.29 10.69
N ALA A 24 -5.06 -0.99 10.93
CA ALA A 24 -6.17 -1.43 11.76
C ALA A 24 -5.78 -1.33 13.24
N SER A 25 -4.69 -1.99 13.58
CA SER A 25 -4.19 -1.98 14.94
C SER A 25 -3.99 -0.54 15.41
N LEU A 26 -3.21 0.19 14.64
CA LEU A 26 -2.93 1.58 14.97
C LEU A 26 -4.11 2.45 14.54
N PRO A 27 -4.44 3.46 15.40
CA PRO A 27 -5.54 4.36 15.13
C PRO A 27 -5.16 5.37 14.04
N LYS A 28 -6.18 5.91 13.40
CA LYS A 28 -5.97 6.88 12.34
C LYS A 28 -6.04 8.30 12.94
N HIS A 29 -6.29 8.35 14.23
CA HIS A 29 -6.38 9.61 14.93
C HIS A 29 -4.98 10.08 15.34
N LYS A 30 -4.02 9.20 15.12
CA LYS A 30 -2.64 9.49 15.47
C LYS A 30 -2.05 10.44 14.41
N PRO A 31 -0.92 11.09 14.80
CA PRO A 31 -0.25 12.02 13.90
C PRO A 31 0.51 11.27 12.80
N GLY A 32 1.65 10.71 13.18
CA GLY A 32 2.47 9.98 12.24
C GLY A 32 1.92 8.57 12.02
N PHE A 33 0.63 8.50 11.75
CA PHE A 33 -0.03 7.23 11.52
C PHE A 33 0.71 6.42 10.44
N TRP A 34 1.20 7.14 9.44
CA TRP A 34 1.92 6.50 8.35
C TRP A 34 3.24 5.96 8.91
N SER A 35 3.98 6.85 9.57
CA SER A 35 5.25 6.48 10.15
C SER A 35 5.09 5.21 11.00
N GLU A 36 3.93 5.09 11.62
CA GLU A 36 3.64 3.95 12.45
C GLU A 36 3.45 2.70 11.59
N VAL A 37 2.41 2.73 10.78
CA VAL A 37 2.10 1.61 9.90
C VAL A 37 3.34 1.26 9.08
N ALA A 38 4.19 2.26 8.90
CA ALA A 38 5.42 2.07 8.14
C ALA A 38 6.41 1.26 8.97
N ALA A 39 6.23 1.32 10.28
CA ALA A 39 7.11 0.60 11.18
C ALA A 39 7.01 -0.90 10.88
N ALA A 40 5.79 -1.41 10.93
CA ALA A 40 5.56 -2.82 10.66
C ALA A 40 5.66 -3.08 9.15
N VAL A 41 5.25 -2.08 8.38
CA VAL A 41 5.28 -2.18 6.93
C VAL A 41 6.67 -1.77 6.44
N GLY A 42 7.57 -1.60 7.39
CA GLY A 42 8.94 -1.21 7.05
C GLY A 42 9.27 -1.56 5.61
N SER A 43 8.84 -2.74 5.21
CA SER A 43 9.09 -3.22 3.85
C SER A 43 8.97 -2.05 2.86
N ARG A 44 8.11 -1.10 3.23
CA ARG A 44 7.90 0.07 2.39
C ARG A 44 8.01 1.35 3.22
N SER A 45 7.75 2.47 2.56
CA SER A 45 7.83 3.76 3.22
C SER A 45 6.43 4.18 3.70
N PRO A 46 6.42 5.16 4.65
CA PRO A 46 5.17 5.66 5.19
C PRO A 46 4.45 6.55 4.18
N GLU A 47 5.24 7.16 3.31
CA GLU A 47 4.69 8.04 2.30
C GLU A 47 4.02 7.23 1.18
N GLU A 48 4.43 5.98 1.08
CA GLU A 48 3.89 5.09 0.07
C GLU A 48 2.63 4.40 0.59
N CYS A 49 2.64 4.14 1.90
CA CYS A 49 1.50 3.49 2.53
C CYS A 49 0.24 4.32 2.24
N GLN A 50 0.46 5.61 2.03
CA GLN A 50 -0.64 6.51 1.75
C GLN A 50 -1.07 6.37 0.29
N ARG A 51 -0.09 6.42 -0.60
CA ARG A 51 -0.35 6.31 -2.02
C ARG A 51 -1.02 4.96 -2.32
N LYS A 52 -0.37 3.91 -1.84
CA LYS A 52 -0.88 2.55 -2.06
C LYS A 52 -2.34 2.49 -1.60
N TYR A 53 -2.54 2.82 -0.33
CA TYR A 53 -3.88 2.80 0.24
C TYR A 53 -4.84 3.65 -0.59
N MET A 54 -4.42 4.88 -0.85
CA MET A 54 -5.22 5.80 -1.63
C MET A 54 -5.81 5.11 -2.86
N GLU A 55 -4.96 4.35 -3.53
CA GLU A 55 -5.38 3.64 -4.72
C GLU A 55 -6.43 2.58 -4.37
N ASN A 56 -6.14 1.82 -3.33
CA ASN A 56 -7.05 0.77 -2.89
C ASN A 56 -7.42 1.02 -1.42
N PRO A 57 -8.34 2.00 -1.23
CA PRO A 57 -8.79 2.35 0.11
C PRO A 57 -9.75 1.28 0.66
N ARG A 58 -10.76 0.97 -0.14
CA ARG A 58 -11.75 -0.02 0.24
C ARG A 58 -12.81 -0.16 -0.84
N GLY A 59 -12.58 -1.14 -1.71
CA GLY A 59 -13.51 -1.40 -2.81
C GLY A 59 -12.77 -1.86 -4.06
N LYS A 60 -11.94 -0.96 -4.58
CA LYS A 60 -11.17 -1.27 -5.78
C LYS A 60 -12.11 -1.39 -6.98
N GLY A 61 -11.71 -0.76 -8.08
CA GLY A 61 -12.51 -0.79 -9.29
C GLY A 61 -11.65 -0.48 -10.52
N SER A 62 -12.07 0.53 -11.25
CA SER A 62 -11.34 0.94 -12.45
C SER A 62 -11.48 2.45 -12.65
N GLN A 63 -10.41 3.03 -13.18
CA GLN A 63 -10.41 4.47 -13.44
C GLN A 63 -9.09 4.87 -14.10
N LYS A 64 -9.06 6.11 -14.58
CA LYS A 64 -7.87 6.64 -15.23
C LYS A 64 -8.06 8.13 -15.50
N HIS A 65 -8.10 8.89 -14.42
CA HIS A 65 -8.28 10.33 -14.53
C HIS A 65 -7.86 10.99 -13.21
N VAL A 66 -6.62 11.48 -13.20
CA VAL A 66 -6.08 12.14 -12.02
C VAL A 66 -5.43 13.46 -12.43
N THR A 67 -5.60 14.46 -11.57
CA THR A 67 -5.03 15.77 -11.83
C THR A 67 -4.85 16.54 -10.52
N SER A 68 -3.92 17.48 -10.54
CA SER A 68 -3.65 18.29 -9.37
C SER A 68 -2.96 19.59 -9.79
N GLY A 69 -2.88 20.52 -8.84
CA GLY A 69 -2.26 21.80 -9.09
C GLY A 69 -3.04 22.93 -8.43
N PRO A 70 -2.56 23.34 -7.23
CA PRO A 70 -3.20 24.41 -6.47
C PRO A 70 -2.89 25.77 -7.09
N SER A 71 -3.62 26.77 -6.63
CA SER A 71 -3.43 28.13 -7.13
C SER A 71 -2.93 29.04 -6.00
N SER A 72 -3.74 29.13 -4.95
CA SER A 72 -3.39 29.95 -3.82
C SER A 72 -3.86 29.29 -2.52
N GLY A 73 -3.41 29.83 -1.40
CA GLY A 73 -3.78 29.30 -0.11
C GLY A 73 -3.01 30.02 1.02
N GLY A 1 8.55 -15.13 -8.63
CA GLY A 1 7.34 -15.56 -9.31
C GLY A 1 6.89 -14.53 -10.34
N SER A 2 6.52 -13.35 -9.84
CA SER A 2 6.07 -12.28 -10.71
C SER A 2 7.20 -11.87 -11.66
N SER A 3 7.04 -12.28 -12.92
CA SER A 3 8.03 -11.96 -13.93
C SER A 3 7.71 -10.61 -14.56
N GLY A 4 8.56 -9.64 -14.24
CA GLY A 4 8.39 -8.29 -14.78
C GLY A 4 7.08 -7.67 -14.27
N SER A 5 7.23 -6.60 -13.50
CA SER A 5 6.09 -5.91 -12.95
C SER A 5 5.25 -5.30 -14.08
N SER A 6 4.00 -5.02 -13.74
CA SER A 6 3.09 -4.44 -14.71
C SER A 6 2.84 -2.96 -14.39
N GLY A 7 3.42 -2.10 -15.21
CA GLY A 7 3.28 -0.67 -15.01
C GLY A 7 4.00 -0.20 -13.75
N ASP A 8 3.30 -0.34 -12.62
CA ASP A 8 3.86 0.06 -11.34
C ASP A 8 3.95 -1.17 -10.43
N LYS A 9 5.00 -1.20 -9.63
CA LYS A 9 5.21 -2.30 -8.71
C LYS A 9 4.15 -2.24 -7.60
N GLU A 10 3.52 -3.37 -7.38
CA GLU A 10 2.49 -3.46 -6.36
C GLU A 10 3.05 -4.15 -5.09
N TRP A 11 2.28 -4.06 -4.02
CA TRP A 11 2.68 -4.65 -2.77
C TRP A 11 2.16 -6.09 -2.73
N ASN A 12 2.65 -6.84 -1.74
CA ASN A 12 2.24 -8.22 -1.59
C ASN A 12 1.46 -8.38 -0.28
N GLU A 13 0.82 -9.53 -0.14
CA GLU A 13 0.05 -9.81 1.05
C GLU A 13 0.80 -9.34 2.30
N LYS A 14 2.00 -9.88 2.47
CA LYS A 14 2.82 -9.52 3.61
C LYS A 14 2.76 -8.00 3.83
N GLU A 15 2.99 -7.27 2.75
CA GLU A 15 2.96 -5.82 2.80
C GLU A 15 1.54 -5.33 3.11
N LEU A 16 0.60 -5.80 2.31
CA LEU A 16 -0.79 -5.43 2.49
C LEU A 16 -1.21 -5.69 3.94
N GLN A 17 -1.24 -6.97 4.29
CA GLN A 17 -1.61 -7.37 5.64
C GLN A 17 -0.94 -6.46 6.66
N LYS A 18 0.29 -6.09 6.36
CA LYS A 18 1.06 -5.23 7.25
C LYS A 18 0.45 -3.82 7.24
N LEU A 19 0.10 -3.38 6.03
CA LEU A 19 -0.48 -2.06 5.87
C LEU A 19 -1.84 -2.01 6.58
N HIS A 20 -2.65 -3.01 6.28
CA HIS A 20 -3.98 -3.10 6.88
C HIS A 20 -3.85 -3.36 8.38
N CYS A 21 -3.14 -4.44 8.71
CA CYS A 21 -2.93 -4.81 10.10
C CYS A 21 -2.57 -3.54 10.88
N ALA A 22 -1.37 -3.04 10.63
CA ALA A 22 -0.90 -1.85 11.30
C ALA A 22 -2.01 -0.79 11.30
N PHE A 23 -2.50 -0.50 10.10
CA PHE A 23 -3.56 0.48 9.95
C PHE A 23 -4.73 0.17 10.88
N ALA A 24 -4.92 -1.11 11.16
CA ALA A 24 -5.99 -1.56 12.04
C ALA A 24 -5.52 -1.49 13.49
N SER A 25 -4.41 -2.17 13.75
CA SER A 25 -3.85 -2.20 15.08
C SER A 25 -3.61 -0.78 15.59
N LEU A 26 -2.92 0.00 14.76
CA LEU A 26 -2.63 1.38 15.11
C LEU A 26 -3.87 2.24 14.86
N PRO A 27 -3.98 3.34 15.65
CA PRO A 27 -5.11 4.25 15.53
C PRO A 27 -4.97 5.12 14.27
N LYS A 28 -6.11 5.45 13.69
CA LYS A 28 -6.13 6.28 12.50
C LYS A 28 -6.28 7.75 12.90
N HIS A 29 -6.38 7.97 14.21
CA HIS A 29 -6.52 9.31 14.73
C HIS A 29 -5.17 9.81 15.23
N LYS A 30 -4.12 9.14 14.78
CA LYS A 30 -2.76 9.50 15.17
C LYS A 30 -2.18 10.46 14.12
N PRO A 31 -1.08 11.16 14.54
CA PRO A 31 -0.42 12.10 13.65
C PRO A 31 0.40 11.36 12.59
N GLY A 32 1.49 10.75 13.04
CA GLY A 32 2.36 10.02 12.15
C GLY A 32 1.86 8.59 11.94
N PHE A 33 0.55 8.49 11.67
CA PHE A 33 -0.06 7.20 11.44
C PHE A 33 0.69 6.40 10.38
N TRP A 34 1.11 7.12 9.34
CA TRP A 34 1.85 6.50 8.25
C TRP A 34 3.16 5.96 8.81
N SER A 35 3.85 6.83 9.56
CA SER A 35 5.12 6.45 10.15
C SER A 35 4.95 5.19 10.99
N GLU A 36 3.76 5.04 11.56
CA GLU A 36 3.47 3.87 12.38
C GLU A 36 3.27 2.64 11.50
N VAL A 37 2.24 2.71 10.66
CA VAL A 37 1.94 1.61 9.77
C VAL A 37 3.18 1.25 8.96
N ALA A 38 4.06 2.23 8.83
CA ALA A 38 5.30 2.03 8.09
C ALA A 38 6.26 1.18 8.92
N ALA A 39 6.05 1.22 10.23
CA ALA A 39 6.90 0.46 11.14
C ALA A 39 6.79 -1.03 10.81
N ALA A 40 5.55 -1.51 10.81
CA ALA A 40 5.29 -2.91 10.51
C ALA A 40 5.44 -3.14 9.01
N VAL A 41 5.08 -2.11 8.25
CA VAL A 41 5.16 -2.19 6.80
C VAL A 41 6.58 -1.79 6.35
N GLY A 42 7.46 -1.66 7.33
CA GLY A 42 8.84 -1.29 7.05
C GLY A 42 9.20 -1.61 5.60
N SER A 43 8.77 -2.80 5.16
CA SER A 43 9.05 -3.24 3.81
C SER A 43 8.95 -2.06 2.84
N ARG A 44 8.11 -1.10 3.20
CA ARG A 44 7.91 0.08 2.38
C ARG A 44 8.01 1.35 3.23
N SER A 45 7.77 2.48 2.59
CA SER A 45 7.83 3.75 3.27
C SER A 45 6.43 4.17 3.73
N PRO A 46 6.40 5.14 4.66
CA PRO A 46 5.13 5.64 5.19
C PRO A 46 4.42 6.53 4.18
N GLU A 47 5.22 7.21 3.37
CA GLU A 47 4.70 8.10 2.36
C GLU A 47 4.03 7.30 1.24
N GLU A 48 4.45 6.05 1.12
CA GLU A 48 3.91 5.17 0.11
C GLU A 48 2.63 4.51 0.61
N CYS A 49 2.62 4.22 1.90
CA CYS A 49 1.46 3.59 2.52
C CYS A 49 0.22 4.42 2.20
N GLN A 50 0.45 5.72 2.02
CA GLN A 50 -0.64 6.62 1.71
C GLN A 50 -1.04 6.48 0.24
N ARG A 51 -0.05 6.54 -0.62
CA ARG A 51 -0.28 6.42 -2.05
C ARG A 51 -0.88 5.04 -2.38
N LYS A 52 -0.24 4.01 -1.84
CA LYS A 52 -0.70 2.65 -2.06
C LYS A 52 -2.18 2.55 -1.67
N TYR A 53 -2.45 2.86 -0.42
CA TYR A 53 -3.80 2.81 0.10
C TYR A 53 -4.75 3.64 -0.77
N MET A 54 -4.35 4.89 -1.01
CA MET A 54 -5.15 5.79 -1.81
C MET A 54 -5.68 5.08 -3.06
N GLU A 55 -4.79 4.35 -3.71
CA GLU A 55 -5.16 3.62 -4.91
C GLU A 55 -6.17 2.52 -4.59
N ASN A 56 -5.86 1.78 -3.53
CA ASN A 56 -6.73 0.69 -3.11
C ASN A 56 -7.14 0.92 -1.65
N PRO A 57 -8.11 1.86 -1.47
CA PRO A 57 -8.59 2.18 -0.13
C PRO A 57 -9.52 1.08 0.39
N ARG A 58 -10.51 0.75 -0.41
CA ARG A 58 -11.47 -0.28 -0.04
C ARG A 58 -11.79 -1.16 -1.25
N GLY A 59 -12.34 -0.52 -2.27
CA GLY A 59 -12.70 -1.24 -3.49
C GLY A 59 -12.94 -0.26 -4.64
N LYS A 60 -11.86 0.38 -5.07
CA LYS A 60 -11.94 1.33 -6.16
C LYS A 60 -10.94 0.94 -7.26
N GLY A 61 -11.02 1.65 -8.36
CA GLY A 61 -10.14 1.38 -9.49
C GLY A 61 -9.50 2.68 -10.00
N SER A 62 -9.05 2.62 -11.25
CA SER A 62 -8.42 3.77 -11.87
C SER A 62 -9.03 4.01 -13.25
N GLN A 63 -8.93 3.00 -14.10
CA GLN A 63 -9.48 3.10 -15.45
C GLN A 63 -8.72 4.16 -16.24
N LYS A 64 -8.37 3.80 -17.47
CA LYS A 64 -7.65 4.71 -18.35
C LYS A 64 -6.24 4.93 -17.79
N HIS A 65 -5.30 5.10 -18.71
CA HIS A 65 -3.92 5.32 -18.33
C HIS A 65 -3.17 6.02 -19.48
N VAL A 66 -3.24 7.34 -19.46
CA VAL A 66 -2.58 8.14 -20.48
C VAL A 66 -1.26 8.68 -19.93
N THR A 67 -0.29 8.81 -20.83
CA THR A 67 1.02 9.31 -20.45
C THR A 67 1.46 10.43 -21.39
N SER A 68 2.32 11.29 -20.87
CA SER A 68 2.82 12.40 -21.66
C SER A 68 4.31 12.62 -21.38
N GLY A 69 4.59 13.01 -20.14
CA GLY A 69 5.95 13.24 -19.71
C GLY A 69 6.71 11.93 -19.52
N PRO A 70 8.07 12.02 -19.61
CA PRO A 70 8.90 10.85 -19.46
C PRO A 70 9.01 10.45 -17.98
N SER A 71 7.95 9.81 -17.50
CA SER A 71 7.90 9.37 -16.11
C SER A 71 8.03 10.57 -15.18
N SER A 72 7.69 10.34 -13.92
CA SER A 72 7.76 11.40 -12.92
C SER A 72 9.20 11.54 -12.41
N GLY A 73 9.85 12.59 -12.90
CA GLY A 73 11.23 12.86 -12.50
C GLY A 73 11.75 14.13 -13.15
N GLY A 1 10.12 -14.66 -12.47
CA GLY A 1 10.03 -15.27 -11.16
C GLY A 1 10.01 -16.79 -11.26
N SER A 2 9.68 -17.43 -10.14
CA SER A 2 9.63 -18.88 -10.08
C SER A 2 8.31 -19.33 -9.44
N SER A 3 8.11 -18.88 -8.21
CA SER A 3 6.91 -19.23 -7.49
C SER A 3 6.15 -17.96 -7.08
N GLY A 4 5.24 -17.56 -7.95
CA GLY A 4 4.45 -16.36 -7.70
C GLY A 4 4.76 -15.27 -8.72
N SER A 5 4.91 -14.05 -8.21
CA SER A 5 5.21 -12.92 -9.08
C SER A 5 4.08 -12.71 -10.08
N SER A 6 3.08 -11.94 -9.66
CA SER A 6 1.94 -11.65 -10.52
C SER A 6 1.56 -10.18 -10.41
N GLY A 7 2.10 -9.39 -11.32
CA GLY A 7 1.83 -7.97 -11.33
C GLY A 7 2.99 -7.18 -10.72
N ASP A 8 3.96 -6.86 -11.58
CA ASP A 8 5.12 -6.12 -11.14
C ASP A 8 4.68 -4.72 -10.67
N LYS A 9 5.55 -4.09 -9.89
CA LYS A 9 5.28 -2.76 -9.37
C LYS A 9 3.99 -2.81 -8.55
N GLU A 10 4.03 -3.62 -7.50
CA GLU A 10 2.88 -3.76 -6.62
C GLU A 10 3.32 -4.32 -5.26
N TRP A 11 2.42 -4.21 -4.30
CA TRP A 11 2.69 -4.69 -2.95
C TRP A 11 2.27 -6.17 -2.88
N ASN A 12 2.81 -6.86 -1.90
CA ASN A 12 2.50 -8.27 -1.71
C ASN A 12 1.68 -8.43 -0.43
N GLU A 13 0.92 -9.52 -0.39
CA GLU A 13 0.09 -9.81 0.77
C GLU A 13 0.86 -9.53 2.06
N LYS A 14 2.17 -9.65 1.96
CA LYS A 14 3.03 -9.42 3.11
C LYS A 14 2.89 -7.96 3.57
N GLU A 15 2.95 -7.06 2.60
CA GLU A 15 2.83 -5.64 2.87
C GLU A 15 1.37 -5.28 3.17
N LEU A 16 0.51 -5.61 2.22
CA LEU A 16 -0.91 -5.34 2.36
C LEU A 16 -1.33 -5.62 3.80
N GLN A 17 -1.30 -6.89 4.16
CA GLN A 17 -1.67 -7.31 5.51
C GLN A 17 -1.03 -6.39 6.54
N LYS A 18 0.23 -6.05 6.30
CA LYS A 18 0.96 -5.19 7.20
C LYS A 18 0.32 -3.80 7.20
N LEU A 19 0.11 -3.27 6.00
CA LEU A 19 -0.50 -1.96 5.85
C LEU A 19 -1.86 -1.94 6.55
N HIS A 20 -2.70 -2.89 6.16
CA HIS A 20 -4.03 -3.00 6.75
C HIS A 20 -3.90 -3.26 8.25
N CYS A 21 -3.23 -4.36 8.56
CA CYS A 21 -3.04 -4.74 9.95
C CYS A 21 -2.64 -3.49 10.75
N ALA A 22 -1.44 -3.02 10.50
CA ALA A 22 -0.93 -1.84 11.19
C ALA A 22 -2.02 -0.78 11.21
N PHE A 23 -2.50 -0.44 10.02
CA PHE A 23 -3.55 0.57 9.89
C PHE A 23 -4.71 0.28 10.84
N ALA A 24 -4.93 -1.01 11.08
CA ALA A 24 -5.99 -1.44 11.97
C ALA A 24 -5.50 -1.39 13.42
N SER A 25 -4.42 -2.10 13.67
CA SER A 25 -3.83 -2.15 15.00
C SER A 25 -3.59 -0.72 15.51
N LEU A 26 -2.87 0.05 14.71
CA LEU A 26 -2.56 1.42 15.08
C LEU A 26 -3.77 2.31 14.77
N PRO A 27 -3.94 3.36 15.62
CA PRO A 27 -5.05 4.28 15.44
C PRO A 27 -4.79 5.23 14.26
N LYS A 28 -5.88 5.70 13.68
CA LYS A 28 -5.79 6.61 12.55
C LYS A 28 -5.82 8.06 13.05
N HIS A 29 -6.20 8.19 14.32
CA HIS A 29 -6.27 9.50 14.94
C HIS A 29 -4.87 10.01 15.28
N LYS A 30 -3.92 9.09 15.20
CA LYS A 30 -2.54 9.41 15.49
C LYS A 30 -2.00 10.37 14.41
N PRO A 31 -0.92 11.10 14.77
CA PRO A 31 -0.31 12.05 13.86
C PRO A 31 0.50 11.31 12.78
N GLY A 32 1.61 10.74 13.20
CA GLY A 32 2.48 10.01 12.29
C GLY A 32 1.96 8.60 12.06
N PHE A 33 0.68 8.52 11.73
CA PHE A 33 0.04 7.23 11.48
C PHE A 33 0.83 6.44 10.43
N TRP A 34 1.15 7.12 9.34
CA TRP A 34 1.90 6.50 8.26
C TRP A 34 3.22 6.00 8.83
N SER A 35 3.88 6.88 9.58
CA SER A 35 5.15 6.54 10.18
C SER A 35 5.01 5.28 11.04
N GLU A 36 3.86 5.15 11.67
CA GLU A 36 3.59 4.01 12.52
C GLU A 36 3.38 2.76 11.66
N VAL A 37 2.33 2.80 10.85
CA VAL A 37 2.01 1.69 9.98
C VAL A 37 3.25 1.32 9.16
N ALA A 38 4.12 2.29 9.00
CA ALA A 38 5.34 2.09 8.23
C ALA A 38 6.32 1.25 9.06
N ALA A 39 6.14 1.31 10.37
CA ALA A 39 7.00 0.58 11.28
C ALA A 39 6.88 -0.92 10.98
N ALA A 40 5.65 -1.41 11.03
CA ALA A 40 5.40 -2.81 10.77
C ALA A 40 5.51 -3.07 9.26
N VAL A 41 5.21 -2.04 8.49
CA VAL A 41 5.28 -2.14 7.04
C VAL A 41 6.68 -1.77 6.57
N GLY A 42 7.57 -1.62 7.54
CA GLY A 42 8.95 -1.27 7.24
C GLY A 42 9.31 -1.64 5.79
N SER A 43 8.86 -2.82 5.38
CA SER A 43 9.11 -3.30 4.04
C SER A 43 9.01 -2.15 3.04
N ARG A 44 8.18 -1.17 3.40
CA ARG A 44 7.98 -0.01 2.55
C ARG A 44 8.06 1.27 3.38
N SER A 45 7.81 2.39 2.71
CA SER A 45 7.85 3.69 3.36
C SER A 45 6.45 4.09 3.80
N PRO A 46 6.41 5.10 4.73
CA PRO A 46 5.14 5.59 5.24
C PRO A 46 4.43 6.45 4.20
N GLU A 47 5.22 7.08 3.34
CA GLU A 47 4.69 7.94 2.30
C GLU A 47 4.03 7.10 1.21
N GLU A 48 4.47 5.85 1.13
CA GLU A 48 3.93 4.93 0.14
C GLU A 48 2.66 4.26 0.66
N CYS A 49 2.67 3.98 1.96
CA CYS A 49 1.53 3.34 2.60
C CYS A 49 0.28 4.16 2.27
N GLN A 50 0.49 5.45 2.02
CA GLN A 50 -0.61 6.34 1.70
C GLN A 50 -1.02 6.16 0.23
N ARG A 51 -0.05 6.33 -0.64
CA ARG A 51 -0.30 6.19 -2.07
C ARG A 51 -1.05 4.89 -2.35
N LYS A 52 -0.46 3.80 -1.89
CA LYS A 52 -1.06 2.48 -2.08
C LYS A 52 -2.51 2.51 -1.60
N TYR A 53 -2.67 2.66 -0.29
CA TYR A 53 -3.99 2.71 0.31
C TYR A 53 -4.97 3.50 -0.58
N MET A 54 -4.61 4.75 -0.82
CA MET A 54 -5.44 5.61 -1.64
C MET A 54 -5.75 4.97 -2.99
N GLU A 55 -4.71 4.36 -3.56
CA GLU A 55 -4.86 3.70 -4.85
C GLU A 55 -5.80 2.50 -4.73
N ASN A 56 -5.59 1.72 -3.69
CA ASN A 56 -6.41 0.54 -3.45
C ASN A 56 -6.99 0.61 -2.04
N PRO A 57 -8.03 1.47 -1.88
CA PRO A 57 -8.67 1.64 -0.59
C PRO A 57 -9.57 0.44 -0.26
N ARG A 58 -10.52 0.20 -1.15
CA ARG A 58 -11.45 -0.90 -0.97
C ARG A 58 -11.54 -1.72 -2.26
N GLY A 59 -11.95 -2.97 -2.09
CA GLY A 59 -12.08 -3.87 -3.22
C GLY A 59 -13.50 -3.82 -3.80
N LYS A 60 -13.56 -3.79 -5.13
CA LYS A 60 -14.83 -3.73 -5.82
C LYS A 60 -14.84 -4.75 -6.97
N GLY A 61 -13.94 -4.51 -7.92
CA GLY A 61 -13.83 -5.39 -9.08
C GLY A 61 -12.51 -6.14 -9.06
N SER A 62 -12.45 -7.16 -8.21
CA SER A 62 -11.25 -7.97 -8.09
C SER A 62 -11.62 -9.41 -7.72
N GLN A 63 -10.84 -10.34 -8.23
CA GLN A 63 -11.07 -11.75 -7.96
C GLN A 63 -10.52 -12.12 -6.59
N LYS A 64 -11.44 -12.51 -5.70
CA LYS A 64 -11.06 -12.90 -4.36
C LYS A 64 -11.54 -14.32 -4.09
N HIS A 65 -10.72 -15.07 -3.36
CA HIS A 65 -11.05 -16.44 -3.03
C HIS A 65 -10.49 -16.78 -1.65
N VAL A 66 -11.02 -17.85 -1.07
CA VAL A 66 -10.57 -18.29 0.24
C VAL A 66 -10.85 -17.19 1.27
N THR A 67 -12.09 -17.14 1.73
CA THR A 67 -12.49 -16.15 2.70
C THR A 67 -13.61 -16.69 3.60
N SER A 68 -14.72 -17.02 2.97
CA SER A 68 -15.86 -17.56 3.69
C SER A 68 -15.53 -18.94 4.26
N GLY A 69 -16.12 -19.23 5.40
CA GLY A 69 -15.90 -20.51 6.06
C GLY A 69 -15.07 -20.33 7.33
N PRO A 70 -15.17 -21.35 8.23
CA PRO A 70 -14.44 -21.31 9.48
C PRO A 70 -12.95 -21.60 9.27
N SER A 71 -12.15 -21.20 10.24
CA SER A 71 -10.71 -21.42 10.17
C SER A 71 -10.29 -22.50 11.17
N SER A 72 -10.09 -23.70 10.64
CA SER A 72 -9.68 -24.81 11.48
C SER A 72 -8.84 -25.80 10.66
N GLY A 73 -7.79 -26.30 11.30
CA GLY A 73 -6.90 -27.24 10.65
C GLY A 73 -5.71 -27.58 11.54
N GLY A 1 15.81 -18.93 -1.24
CA GLY A 1 15.34 -19.85 -0.24
C GLY A 1 14.66 -19.12 0.93
N SER A 2 13.34 -19.20 0.94
CA SER A 2 12.57 -18.55 1.99
C SER A 2 13.05 -17.11 2.18
N SER A 3 12.62 -16.25 1.28
CA SER A 3 13.00 -14.85 1.34
C SER A 3 11.77 -13.96 1.11
N GLY A 4 11.94 -12.68 1.41
CA GLY A 4 10.87 -11.72 1.24
C GLY A 4 11.21 -10.70 0.16
N SER A 5 10.66 -10.93 -1.02
CA SER A 5 10.90 -10.04 -2.15
C SER A 5 9.73 -10.12 -3.13
N SER A 6 9.49 -9.01 -3.81
CA SER A 6 8.41 -8.93 -4.78
C SER A 6 8.71 -7.86 -5.82
N GLY A 7 8.58 -8.25 -7.08
CA GLY A 7 8.84 -7.33 -8.18
C GLY A 7 7.60 -6.49 -8.50
N ASP A 8 7.43 -6.21 -9.77
CA ASP A 8 6.29 -5.42 -10.22
C ASP A 8 6.29 -4.07 -9.49
N LYS A 9 5.21 -3.32 -9.69
CA LYS A 9 5.08 -2.02 -9.06
C LYS A 9 4.00 -2.09 -7.98
N GLU A 10 3.60 -3.32 -7.66
CA GLU A 10 2.58 -3.54 -6.66
C GLU A 10 3.21 -4.10 -5.37
N TRP A 11 2.39 -4.18 -4.34
CA TRP A 11 2.85 -4.69 -3.06
C TRP A 11 2.52 -6.18 -3.00
N ASN A 12 2.84 -6.79 -1.87
CA ASN A 12 2.58 -8.21 -1.68
C ASN A 12 1.73 -8.39 -0.42
N GLU A 13 0.98 -9.49 -0.40
CA GLU A 13 0.12 -9.80 0.73
C GLU A 13 0.81 -9.40 2.04
N LYS A 14 2.06 -9.80 2.16
CA LYS A 14 2.83 -9.50 3.35
C LYS A 14 2.71 -8.00 3.66
N GLU A 15 2.97 -7.20 2.64
CA GLU A 15 2.89 -5.76 2.79
C GLU A 15 1.46 -5.32 3.11
N LEU A 16 0.56 -5.66 2.19
CA LEU A 16 -0.84 -5.31 2.36
C LEU A 16 -1.25 -5.57 3.81
N GLN A 17 -1.32 -6.85 4.15
CA GLN A 17 -1.70 -7.25 5.49
C GLN A 17 -0.96 -6.40 6.53
N LYS A 18 0.29 -6.10 6.22
CA LYS A 18 1.12 -5.29 7.11
C LYS A 18 0.57 -3.86 7.15
N LEU A 19 0.15 -3.39 5.99
CA LEU A 19 -0.40 -2.06 5.88
C LEU A 19 -1.77 -2.00 6.57
N HIS A 20 -2.63 -2.92 6.17
CA HIS A 20 -3.97 -2.99 6.74
C HIS A 20 -3.86 -3.27 8.24
N CYS A 21 -3.12 -4.31 8.57
CA CYS A 21 -2.94 -4.69 9.96
C CYS A 21 -2.61 -3.44 10.76
N ALA A 22 -1.41 -2.92 10.54
CA ALA A 22 -0.97 -1.72 11.24
C ALA A 22 -2.07 -0.67 11.18
N PHE A 23 -2.54 -0.42 9.96
CA PHE A 23 -3.59 0.57 9.74
C PHE A 23 -4.78 0.30 10.66
N ALA A 24 -4.98 -0.97 10.97
CA ALA A 24 -6.07 -1.37 11.83
C ALA A 24 -5.62 -1.30 13.29
N SER A 25 -4.54 -2.01 13.57
CA SER A 25 -3.98 -2.05 14.92
C SER A 25 -3.75 -0.62 15.42
N LEU A 26 -3.03 0.15 14.63
CA LEU A 26 -2.73 1.53 14.98
C LEU A 26 -3.95 2.41 14.66
N PRO A 27 -4.16 3.43 15.53
CA PRO A 27 -5.28 4.34 15.35
C PRO A 27 -5.01 5.32 14.20
N LYS A 28 -6.09 5.78 13.60
CA LYS A 28 -5.99 6.72 12.49
C LYS A 28 -6.07 8.15 13.02
N HIS A 29 -6.23 8.25 14.34
CA HIS A 29 -6.33 9.55 14.99
C HIS A 29 -4.93 10.02 15.39
N LYS A 30 -3.96 9.15 15.16
CA LYS A 30 -2.58 9.46 15.49
C LYS A 30 -2.01 10.43 14.45
N PRO A 31 -0.90 11.11 14.84
CA PRO A 31 -0.25 12.06 13.95
C PRO A 31 0.52 11.34 12.84
N GLY A 32 1.64 10.74 13.24
CA GLY A 32 2.48 10.01 12.30
C GLY A 32 1.94 8.61 12.06
N PHE A 33 0.65 8.53 11.77
CA PHE A 33 0.00 7.26 11.52
C PHE A 33 0.76 6.45 10.47
N TRP A 34 1.18 7.16 9.42
CA TRP A 34 1.93 6.52 8.35
C TRP A 34 3.22 5.96 8.93
N SER A 35 3.97 6.85 9.59
CA SER A 35 5.23 6.46 10.19
C SER A 35 5.04 5.21 11.04
N GLU A 36 3.85 5.09 11.62
CA GLU A 36 3.52 3.95 12.45
C GLU A 36 3.30 2.71 11.59
N VAL A 37 2.26 2.78 10.77
CA VAL A 37 1.92 1.67 9.90
C VAL A 37 3.15 1.30 9.06
N ALA A 38 4.04 2.27 8.90
CA ALA A 38 5.25 2.05 8.13
C ALA A 38 6.23 1.22 8.95
N ALA A 39 6.04 1.27 10.27
CA ALA A 39 6.90 0.52 11.18
C ALA A 39 6.77 -0.97 10.88
N ALA A 40 5.54 -1.45 10.94
CA ALA A 40 5.27 -2.86 10.67
C ALA A 40 5.36 -3.12 9.17
N VAL A 41 5.10 -2.08 8.40
CA VAL A 41 5.15 -2.18 6.95
C VAL A 41 6.56 -1.81 6.47
N GLY A 42 7.46 -1.66 7.43
CA GLY A 42 8.84 -1.31 7.12
C GLY A 42 9.18 -1.67 5.67
N SER A 43 8.72 -2.84 5.26
CA SER A 43 8.97 -3.31 3.91
C SER A 43 8.87 -2.15 2.93
N ARG A 44 8.05 -1.18 3.29
CA ARG A 44 7.84 -0.01 2.45
C ARG A 44 7.98 1.27 3.28
N SER A 45 7.72 2.39 2.62
CA SER A 45 7.80 3.68 3.28
C SER A 45 6.42 4.13 3.74
N PRO A 46 6.40 5.10 4.69
CA PRO A 46 5.16 5.63 5.21
C PRO A 46 4.47 6.54 4.19
N GLU A 47 5.29 7.10 3.31
CA GLU A 47 4.77 8.00 2.29
C GLU A 47 4.09 7.20 1.18
N GLU A 48 4.45 5.93 1.10
CA GLU A 48 3.88 5.05 0.09
C GLU A 48 2.58 4.44 0.61
N CYS A 49 2.57 4.14 1.89
CA CYS A 49 1.40 3.55 2.52
C CYS A 49 0.18 4.43 2.19
N GLN A 50 0.45 5.71 2.01
CA GLN A 50 -0.60 6.65 1.70
C GLN A 50 -1.01 6.52 0.24
N ARG A 51 -0.01 6.50 -0.63
CA ARG A 51 -0.25 6.38 -2.06
C ARG A 51 -0.84 5.00 -2.38
N LYS A 52 -0.21 3.97 -1.83
CA LYS A 52 -0.66 2.61 -2.06
C LYS A 52 -2.09 2.47 -1.56
N TYR A 53 -2.25 2.61 -0.25
CA TYR A 53 -3.56 2.50 0.37
C TYR A 53 -4.61 3.28 -0.42
N MET A 54 -4.31 4.55 -0.64
CA MET A 54 -5.21 5.42 -1.38
C MET A 54 -5.80 4.69 -2.59
N GLU A 55 -4.94 3.95 -3.27
CA GLU A 55 -5.37 3.21 -4.45
C GLU A 55 -6.44 2.19 -4.06
N ASN A 56 -6.18 1.46 -2.99
CA ASN A 56 -7.11 0.46 -2.51
C ASN A 56 -7.46 0.74 -1.06
N PRO A 57 -8.33 1.77 -0.86
CA PRO A 57 -8.75 2.15 0.48
C PRO A 57 -9.75 1.14 1.04
N ARG A 58 -10.42 1.56 2.11
CA ARG A 58 -11.41 0.71 2.75
C ARG A 58 -12.77 0.86 2.07
N GLY A 59 -13.00 0.01 1.09
CA GLY A 59 -14.25 0.04 0.35
C GLY A 59 -14.70 -1.38 -0.03
N LYS A 60 -14.83 -1.59 -1.33
CA LYS A 60 -15.25 -2.89 -1.84
C LYS A 60 -14.54 -3.17 -3.16
N GLY A 61 -13.64 -4.14 -3.12
CA GLY A 61 -12.89 -4.51 -4.31
C GLY A 61 -12.25 -3.29 -4.96
N SER A 62 -11.60 -3.53 -6.09
CA SER A 62 -10.94 -2.46 -6.82
C SER A 62 -10.30 -3.01 -8.08
N GLN A 63 -10.68 -2.41 -9.21
CA GLN A 63 -10.15 -2.84 -10.50
C GLN A 63 -8.93 -1.99 -10.87
N LYS A 64 -7.81 -2.67 -11.08
CA LYS A 64 -6.58 -1.99 -11.44
C LYS A 64 -5.52 -3.04 -11.82
N HIS A 65 -5.37 -3.24 -13.12
CA HIS A 65 -4.41 -4.20 -13.61
C HIS A 65 -3.04 -3.52 -13.75
N VAL A 66 -2.98 -2.51 -14.59
CA VAL A 66 -1.75 -1.78 -14.82
C VAL A 66 -0.58 -2.76 -14.86
N THR A 67 -0.70 -3.74 -15.75
CA THR A 67 0.34 -4.75 -15.89
C THR A 67 1.60 -4.13 -16.51
N SER A 68 1.46 -3.73 -17.77
CA SER A 68 2.57 -3.12 -18.49
C SER A 68 3.68 -4.15 -18.69
N GLY A 69 4.27 -4.10 -19.88
CA GLY A 69 5.35 -5.03 -20.21
C GLY A 69 5.60 -5.06 -21.72
N PRO A 70 6.58 -4.24 -22.16
CA PRO A 70 6.93 -4.16 -23.57
C PRO A 70 7.72 -5.40 -24.01
N SER A 71 8.82 -5.63 -23.33
CA SER A 71 9.67 -6.78 -23.64
C SER A 71 8.81 -8.04 -23.76
N SER A 72 9.24 -8.92 -24.66
CA SER A 72 8.52 -10.16 -24.89
C SER A 72 9.48 -11.35 -24.72
N GLY A 73 10.53 -11.34 -25.53
CA GLY A 73 11.51 -12.40 -25.48
C GLY A 73 11.75 -13.00 -26.87
N GLY A 1 1.21 -5.25 -14.78
CA GLY A 1 0.48 -4.02 -15.06
C GLY A 1 -0.73 -4.29 -15.95
N SER A 2 -1.29 -3.21 -16.49
CA SER A 2 -2.45 -3.33 -17.35
C SER A 2 -2.08 -2.88 -18.77
N SER A 3 -1.48 -3.78 -19.52
CA SER A 3 -1.08 -3.49 -20.89
C SER A 3 -0.21 -2.23 -20.91
N GLY A 4 1.06 -2.41 -20.60
CA GLY A 4 1.99 -1.30 -20.59
C GLY A 4 2.94 -1.39 -19.39
N SER A 5 4.04 -0.65 -19.49
CA SER A 5 5.03 -0.65 -18.42
C SER A 5 4.53 0.18 -17.25
N SER A 6 5.15 -0.03 -16.10
CA SER A 6 4.78 0.70 -14.90
C SER A 6 6.01 0.89 -14.00
N GLY A 7 5.92 1.91 -13.15
CA GLY A 7 7.02 2.21 -12.25
C GLY A 7 7.00 1.29 -11.03
N ASP A 8 6.42 1.80 -9.95
CA ASP A 8 6.33 1.03 -8.72
C ASP A 8 5.63 -0.31 -9.01
N LYS A 9 6.02 -1.31 -8.23
CA LYS A 9 5.44 -2.64 -8.39
C LYS A 9 4.44 -2.89 -7.26
N GLU A 10 3.27 -3.39 -7.64
CA GLU A 10 2.23 -3.69 -6.68
C GLU A 10 2.84 -4.29 -5.41
N TRP A 11 2.10 -4.18 -4.32
CA TRP A 11 2.55 -4.71 -3.04
C TRP A 11 2.15 -6.19 -2.98
N ASN A 12 2.62 -6.85 -1.92
CA ASN A 12 2.32 -8.26 -1.73
C ASN A 12 1.56 -8.43 -0.41
N GLU A 13 0.87 -9.56 -0.32
CA GLU A 13 0.11 -9.86 0.88
C GLU A 13 0.95 -9.60 2.14
N LYS A 14 2.25 -9.66 1.96
CA LYS A 14 3.18 -9.43 3.05
C LYS A 14 3.02 -7.99 3.55
N GLU A 15 3.04 -7.07 2.59
CA GLU A 15 2.90 -5.66 2.91
C GLU A 15 1.44 -5.32 3.22
N LEU A 16 0.58 -5.65 2.26
CA LEU A 16 -0.85 -5.39 2.42
C LEU A 16 -1.27 -5.70 3.86
N GLN A 17 -1.19 -6.97 4.20
CA GLN A 17 -1.56 -7.42 5.54
C GLN A 17 -0.94 -6.49 6.58
N LYS A 18 0.30 -6.11 6.34
CA LYS A 18 1.01 -5.23 7.26
C LYS A 18 0.34 -3.86 7.25
N LEU A 19 0.15 -3.32 6.06
CA LEU A 19 -0.47 -2.01 5.91
C LEU A 19 -1.83 -2.03 6.61
N HIS A 20 -2.67 -2.98 6.18
CA HIS A 20 -4.00 -3.11 6.76
C HIS A 20 -3.89 -3.35 8.26
N CYS A 21 -3.21 -4.44 8.60
CA CYS A 21 -3.02 -4.80 10.00
C CYS A 21 -2.67 -3.54 10.78
N ALA A 22 -1.46 -3.05 10.53
CA ALA A 22 -0.98 -1.85 11.20
C ALA A 22 -2.09 -0.80 11.19
N PHE A 23 -2.54 -0.48 9.99
CA PHE A 23 -3.59 0.51 9.82
C PHE A 23 -4.76 0.22 10.77
N ALA A 24 -4.98 -1.06 11.01
CA ALA A 24 -6.07 -1.47 11.89
C ALA A 24 -5.60 -1.39 13.35
N SER A 25 -4.51 -2.10 13.62
CA SER A 25 -3.95 -2.12 14.96
C SER A 25 -3.73 -0.68 15.46
N LEU A 26 -3.01 0.09 14.66
CA LEU A 26 -2.73 1.47 15.01
C LEU A 26 -3.93 2.35 14.64
N PRO A 27 -4.18 3.37 15.49
CA PRO A 27 -5.29 4.28 15.25
C PRO A 27 -4.97 5.25 14.12
N LYS A 28 -6.03 5.76 13.50
CA LYS A 28 -5.88 6.70 12.41
C LYS A 28 -5.92 8.12 12.95
N HIS A 29 -6.33 8.24 14.21
CA HIS A 29 -6.42 9.53 14.86
C HIS A 29 -5.02 10.02 15.23
N LYS A 30 -4.05 9.12 15.06
CA LYS A 30 -2.67 9.44 15.37
C LYS A 30 -2.12 10.40 14.31
N PRO A 31 -1.01 11.09 14.68
CA PRO A 31 -0.38 12.03 13.78
C PRO A 31 0.40 11.30 12.68
N GLY A 32 1.53 10.76 13.08
CA GLY A 32 2.39 10.05 12.14
C GLY A 32 1.87 8.61 11.92
N PHE A 33 0.58 8.53 11.61
CA PHE A 33 -0.05 7.24 11.37
C PHE A 33 0.74 6.43 10.34
N TRP A 34 1.12 7.10 9.27
CA TRP A 34 1.88 6.47 8.21
C TRP A 34 3.20 5.98 8.80
N SER A 35 3.85 6.88 9.52
CA SER A 35 5.12 6.55 10.14
C SER A 35 4.98 5.31 11.01
N GLU A 36 3.82 5.18 11.63
CA GLU A 36 3.54 4.05 12.49
C GLU A 36 3.35 2.78 11.65
N VAL A 37 2.30 2.80 10.84
CA VAL A 37 2.00 1.68 9.98
C VAL A 37 3.25 1.31 9.17
N ALA A 38 4.11 2.29 8.99
CA ALA A 38 5.34 2.09 8.24
C ALA A 38 6.32 1.26 9.09
N ALA A 39 6.14 1.36 10.40
CA ALA A 39 7.01 0.64 11.32
C ALA A 39 6.91 -0.86 11.03
N ALA A 40 5.69 -1.37 11.07
CA ALA A 40 5.44 -2.77 10.81
C ALA A 40 5.58 -3.05 9.32
N VAL A 41 5.22 -2.04 8.53
CA VAL A 41 5.30 -2.16 7.08
C VAL A 41 6.72 -1.79 6.63
N GLY A 42 7.61 -1.63 7.60
CA GLY A 42 8.99 -1.28 7.31
C GLY A 42 9.35 -1.67 5.87
N SER A 43 8.91 -2.85 5.48
CA SER A 43 9.19 -3.34 4.13
C SER A 43 9.08 -2.19 3.13
N ARG A 44 8.26 -1.22 3.46
CA ARG A 44 8.06 -0.07 2.60
C ARG A 44 8.14 1.23 3.42
N SER A 45 7.89 2.33 2.73
CA SER A 45 7.92 3.64 3.37
C SER A 45 6.51 4.04 3.80
N PRO A 46 6.45 5.06 4.71
CA PRO A 46 5.18 5.54 5.21
C PRO A 46 4.47 6.40 4.16
N GLU A 47 5.28 7.01 3.29
CA GLU A 47 4.73 7.85 2.25
C GLU A 47 4.10 7.00 1.15
N GLU A 48 4.53 5.75 1.10
CA GLU A 48 4.01 4.82 0.11
C GLU A 48 2.73 4.15 0.62
N CYS A 49 2.72 3.90 1.92
CA CYS A 49 1.57 3.27 2.56
C CYS A 49 0.32 4.09 2.22
N GLN A 50 0.55 5.37 1.97
CA GLN A 50 -0.55 6.27 1.63
C GLN A 50 -0.93 6.10 0.16
N ARG A 51 0.03 6.37 -0.71
CA ARG A 51 -0.19 6.25 -2.14
C ARG A 51 -0.93 4.95 -2.46
N LYS A 52 -0.48 3.89 -1.80
CA LYS A 52 -1.08 2.58 -2.00
C LYS A 52 -2.54 2.61 -1.56
N TYR A 53 -2.73 2.88 -0.27
CA TYR A 53 -4.07 2.95 0.29
C TYR A 53 -4.98 3.82 -0.56
N MET A 54 -4.49 5.02 -0.87
CA MET A 54 -5.24 5.96 -1.69
C MET A 54 -5.84 5.27 -2.91
N GLU A 55 -5.00 4.51 -3.59
CA GLU A 55 -5.43 3.80 -4.78
C GLU A 55 -6.49 2.75 -4.42
N ASN A 56 -6.17 1.98 -3.38
CA ASN A 56 -7.09 0.94 -2.93
C ASN A 56 -7.40 1.16 -1.45
N PRO A 57 -8.29 2.16 -1.20
CA PRO A 57 -8.68 2.49 0.16
C PRO A 57 -9.66 1.44 0.72
N ARG A 58 -10.74 1.25 -0.02
CA ARG A 58 -11.75 0.28 0.38
C ARG A 58 -11.65 -0.99 -0.47
N GLY A 59 -12.26 -2.05 0.03
CA GLY A 59 -12.25 -3.32 -0.67
C GLY A 59 -13.24 -3.31 -1.85
N LYS A 60 -12.71 -2.92 -3.00
CA LYS A 60 -13.53 -2.86 -4.21
C LYS A 60 -13.09 -3.96 -5.17
N GLY A 61 -13.98 -4.27 -6.11
CA GLY A 61 -13.69 -5.31 -7.09
C GLY A 61 -14.77 -6.39 -7.07
N SER A 62 -15.45 -6.52 -8.20
CA SER A 62 -16.50 -7.52 -8.32
C SER A 62 -16.05 -8.64 -9.26
N GLN A 63 -15.24 -9.54 -8.72
CA GLN A 63 -14.74 -10.65 -9.51
C GLN A 63 -14.25 -11.77 -8.59
N LYS A 64 -14.68 -12.98 -8.90
CA LYS A 64 -14.30 -14.14 -8.11
C LYS A 64 -14.90 -14.01 -6.70
N HIS A 65 -15.29 -15.15 -6.16
CA HIS A 65 -15.87 -15.17 -4.83
C HIS A 65 -14.75 -15.18 -3.78
N VAL A 66 -13.92 -16.20 -3.85
CA VAL A 66 -12.81 -16.34 -2.92
C VAL A 66 -13.36 -16.47 -1.49
N THR A 67 -13.54 -17.72 -1.07
CA THR A 67 -14.04 -17.99 0.26
C THR A 67 -13.28 -19.15 0.90
N SER A 68 -12.77 -18.90 2.09
CA SER A 68 -12.02 -19.91 2.82
C SER A 68 -12.45 -19.92 4.29
N GLY A 69 -12.47 -21.12 4.86
CA GLY A 69 -12.85 -21.28 6.25
C GLY A 69 -14.29 -20.79 6.48
N PRO A 70 -15.25 -21.54 5.91
CA PRO A 70 -16.65 -21.20 6.05
C PRO A 70 -17.17 -21.54 7.45
N SER A 71 -17.90 -20.60 8.03
CA SER A 71 -18.45 -20.78 9.36
C SER A 71 -19.73 -19.96 9.51
N SER A 72 -19.54 -18.69 9.84
CA SER A 72 -20.67 -17.79 10.02
C SER A 72 -21.45 -17.66 8.71
N GLY A 73 -20.74 -17.32 7.66
CA GLY A 73 -21.35 -17.16 6.35
C GLY A 73 -21.07 -18.38 5.47
N GLY A 1 10.89 -19.27 -12.05
CA GLY A 1 12.04 -18.88 -12.84
C GLY A 1 12.20 -17.35 -12.89
N SER A 2 13.19 -16.91 -13.63
CA SER A 2 13.46 -15.49 -13.76
C SER A 2 12.85 -14.96 -15.06
N SER A 3 12.49 -13.68 -15.04
CA SER A 3 11.90 -13.05 -16.20
C SER A 3 12.85 -11.97 -16.74
N GLY A 4 12.79 -11.78 -18.05
CA GLY A 4 13.62 -10.78 -18.71
C GLY A 4 13.04 -9.38 -18.54
N SER A 5 13.44 -8.73 -17.46
CA SER A 5 12.96 -7.38 -17.18
C SER A 5 11.46 -7.40 -16.90
N SER A 6 11.13 -7.69 -15.65
CA SER A 6 9.73 -7.75 -15.24
C SER A 6 9.44 -6.65 -14.22
N GLY A 7 8.53 -5.77 -14.60
CA GLY A 7 8.14 -4.67 -13.73
C GLY A 7 7.36 -5.17 -12.52
N ASP A 8 6.12 -4.71 -12.43
CA ASP A 8 5.26 -5.10 -11.32
C ASP A 8 5.93 -4.72 -10.00
N LYS A 9 5.56 -3.56 -9.49
CA LYS A 9 6.11 -3.08 -8.24
C LYS A 9 5.01 -3.08 -7.17
N GLU A 10 3.91 -3.74 -7.49
CA GLU A 10 2.79 -3.83 -6.57
C GLU A 10 3.27 -4.32 -5.20
N TRP A 11 2.34 -4.29 -4.25
CA TRP A 11 2.65 -4.72 -2.90
C TRP A 11 2.24 -6.19 -2.77
N ASN A 12 2.94 -6.90 -1.89
CA ASN A 12 2.66 -8.30 -1.67
C ASN A 12 1.78 -8.45 -0.43
N GLU A 13 0.98 -9.51 -0.43
CA GLU A 13 0.08 -9.78 0.67
C GLU A 13 0.76 -9.44 2.00
N LYS A 14 2.08 -9.59 2.01
CA LYS A 14 2.85 -9.29 3.20
C LYS A 14 2.67 -7.83 3.58
N GLU A 15 3.00 -6.96 2.63
CA GLU A 15 2.88 -5.53 2.84
C GLU A 15 1.42 -5.14 3.10
N LEU A 16 0.55 -5.70 2.28
CA LEU A 16 -0.88 -5.44 2.42
C LEU A 16 -1.31 -5.69 3.86
N GLN A 17 -1.30 -6.97 4.23
CA GLN A 17 -1.69 -7.35 5.58
C GLN A 17 -1.00 -6.46 6.61
N LYS A 18 0.24 -6.10 6.29
CA LYS A 18 1.01 -5.25 7.18
C LYS A 18 0.37 -3.86 7.25
N LEU A 19 0.12 -3.31 6.07
CA LEU A 19 -0.48 -1.99 5.98
C LEU A 19 -1.85 -2.01 6.68
N HIS A 20 -2.68 -2.95 6.27
CA HIS A 20 -4.00 -3.09 6.85
C HIS A 20 -3.88 -3.35 8.35
N CYS A 21 -3.12 -4.39 8.68
CA CYS A 21 -2.91 -4.76 10.06
C CYS A 21 -2.57 -3.49 10.85
N ALA A 22 -1.37 -2.99 10.60
CA ALA A 22 -0.91 -1.78 11.28
C ALA A 22 -2.02 -0.74 11.25
N PHE A 23 -2.53 -0.47 10.06
CA PHE A 23 -3.59 0.51 9.89
C PHE A 23 -4.76 0.22 10.84
N ALA A 24 -4.93 -1.06 11.13
CA ALA A 24 -6.01 -1.49 12.01
C ALA A 24 -5.52 -1.42 13.46
N SER A 25 -4.42 -2.10 13.72
CA SER A 25 -3.84 -2.12 15.05
C SER A 25 -3.63 -0.70 15.56
N LEU A 26 -2.98 0.10 14.72
CA LEU A 26 -2.71 1.48 15.07
C LEU A 26 -3.94 2.34 14.76
N PRO A 27 -4.13 3.39 15.59
CA PRO A 27 -5.27 4.28 15.42
C PRO A 27 -5.05 5.22 14.23
N LYS A 28 -6.16 5.63 13.63
CA LYS A 28 -6.10 6.52 12.49
C LYS A 28 -6.22 7.97 12.97
N HIS A 29 -6.38 8.11 14.27
CA HIS A 29 -6.51 9.42 14.88
C HIS A 29 -5.14 9.90 15.36
N LYS A 30 -4.11 9.19 14.93
CA LYS A 30 -2.75 9.53 15.31
C LYS A 30 -2.15 10.48 14.27
N PRO A 31 -1.02 11.12 14.66
CA PRO A 31 -0.34 12.05 13.77
C PRO A 31 0.41 11.31 12.66
N GLY A 32 1.56 10.77 13.03
CA GLY A 32 2.37 10.04 12.07
C GLY A 32 1.85 8.61 11.89
N PHE A 33 0.56 8.53 11.61
CA PHE A 33 -0.07 7.23 11.41
C PHE A 33 0.67 6.42 10.35
N TRP A 34 1.16 7.13 9.34
CA TRP A 34 1.89 6.48 8.27
C TRP A 34 3.21 5.96 8.84
N SER A 35 3.89 6.83 9.57
CA SER A 35 5.16 6.47 10.17
C SER A 35 5.00 5.21 11.02
N GLU A 36 3.83 5.09 11.65
CA GLU A 36 3.54 3.95 12.48
C GLU A 36 3.33 2.70 11.62
N VAL A 37 2.29 2.74 10.81
CA VAL A 37 1.98 1.63 9.93
C VAL A 37 3.22 1.27 9.11
N ALA A 38 4.09 2.25 8.95
CA ALA A 38 5.31 2.06 8.19
C ALA A 38 6.29 1.22 9.02
N ALA A 39 6.10 1.26 10.33
CA ALA A 39 6.95 0.52 11.23
C ALA A 39 6.84 -0.98 10.93
N ALA A 40 5.61 -1.46 10.98
CA ALA A 40 5.34 -2.87 10.72
C ALA A 40 5.44 -3.12 9.21
N VAL A 41 5.24 -2.06 8.45
CA VAL A 41 5.31 -2.15 6.99
C VAL A 41 6.71 -1.78 6.52
N GLY A 42 7.60 -1.62 7.50
CA GLY A 42 8.97 -1.26 7.20
C GLY A 42 9.34 -1.63 5.75
N SER A 43 8.90 -2.81 5.35
CA SER A 43 9.17 -3.29 4.01
C SER A 43 9.05 -2.15 3.01
N ARG A 44 8.21 -1.17 3.36
CA ARG A 44 8.00 -0.02 2.51
C ARG A 44 8.09 1.27 3.32
N SER A 45 7.83 2.38 2.65
CA SER A 45 7.88 3.68 3.30
C SER A 45 6.48 4.09 3.75
N PRO A 46 6.44 5.07 4.68
CA PRO A 46 5.17 5.57 5.20
C PRO A 46 4.46 6.45 4.17
N GLU A 47 5.27 7.10 3.34
CA GLU A 47 4.74 7.98 2.31
C GLU A 47 4.07 7.17 1.21
N GLU A 48 4.49 5.91 1.11
CA GLU A 48 3.94 5.02 0.11
C GLU A 48 2.67 4.35 0.62
N CYS A 49 2.67 4.07 1.91
CA CYS A 49 1.53 3.43 2.54
C CYS A 49 0.29 4.26 2.22
N GLN A 50 0.51 5.55 2.00
CA GLN A 50 -0.58 6.45 1.68
C GLN A 50 -1.00 6.29 0.22
N ARG A 51 -0.01 6.44 -0.66
CA ARG A 51 -0.26 6.32 -2.09
C ARG A 51 -0.90 4.96 -2.40
N LYS A 52 -0.41 3.93 -1.73
CA LYS A 52 -0.92 2.59 -1.93
C LYS A 52 -2.39 2.54 -1.50
N TYR A 53 -2.61 2.83 -0.23
CA TYR A 53 -3.96 2.83 0.32
C TYR A 53 -4.92 3.61 -0.58
N MET A 54 -4.47 4.78 -1.00
CA MET A 54 -5.28 5.63 -1.87
C MET A 54 -5.74 4.86 -3.10
N GLU A 55 -4.79 4.24 -3.78
CA GLU A 55 -5.08 3.47 -4.97
C GLU A 55 -6.10 2.38 -4.66
N ASN A 56 -5.82 1.65 -3.58
CA ASN A 56 -6.71 0.57 -3.16
C ASN A 56 -7.20 0.85 -1.74
N PRO A 57 -8.21 1.77 -1.66
CA PRO A 57 -8.79 2.13 -0.38
C PRO A 57 -9.70 1.02 0.15
N ARG A 58 -10.65 0.63 -0.69
CA ARG A 58 -11.60 -0.41 -0.33
C ARG A 58 -12.32 -0.93 -1.57
N GLY A 59 -12.99 -0.01 -2.25
CA GLY A 59 -13.73 -0.36 -3.46
C GLY A 59 -12.78 -0.63 -4.62
N LYS A 60 -12.78 0.29 -5.58
CA LYS A 60 -11.92 0.16 -6.74
C LYS A 60 -11.07 1.41 -6.88
N GLY A 61 -11.74 2.53 -7.09
CA GLY A 61 -11.05 3.81 -7.24
C GLY A 61 -10.47 3.95 -8.65
N SER A 62 -10.75 5.10 -9.25
CA SER A 62 -10.27 5.39 -10.60
C SER A 62 -10.05 6.89 -10.77
N GLN A 63 -8.78 7.26 -10.81
CA GLN A 63 -8.42 8.66 -10.96
C GLN A 63 -6.99 8.79 -11.47
N LYS A 64 -6.87 9.23 -12.71
CA LYS A 64 -5.56 9.39 -13.33
C LYS A 64 -5.72 10.10 -14.67
N HIS A 65 -5.39 11.38 -14.68
CA HIS A 65 -5.49 12.18 -15.89
C HIS A 65 -5.03 13.61 -15.60
N VAL A 66 -4.65 14.30 -16.67
CA VAL A 66 -4.17 15.67 -16.54
C VAL A 66 -3.07 15.73 -15.49
N THR A 67 -1.84 15.56 -15.95
CA THR A 67 -0.70 15.59 -15.06
C THR A 67 0.52 16.19 -15.77
N SER A 68 1.18 17.11 -15.08
CA SER A 68 2.35 17.76 -15.63
C SER A 68 3.27 18.22 -14.49
N GLY A 69 2.68 18.97 -13.56
CA GLY A 69 3.44 19.48 -12.43
C GLY A 69 2.51 19.97 -11.32
N PRO A 70 2.27 19.08 -10.32
CA PRO A 70 1.40 19.42 -9.21
C PRO A 70 2.10 20.38 -8.25
N SER A 71 2.12 21.65 -8.64
CA SER A 71 2.75 22.67 -7.81
C SER A 71 2.42 24.06 -8.37
N SER A 72 2.97 24.33 -9.55
CA SER A 72 2.75 25.62 -10.18
C SER A 72 1.30 26.06 -10.00
N GLY A 73 0.39 25.18 -10.41
CA GLY A 73 -1.04 25.46 -10.29
C GLY A 73 -1.35 26.89 -10.75
N GLY A 1 12.16 -0.85 -17.16
CA GLY A 1 13.45 -1.30 -16.65
C GLY A 1 13.27 -2.46 -15.67
N SER A 2 14.40 -3.03 -15.28
CA SER A 2 14.39 -4.15 -14.35
C SER A 2 13.68 -5.35 -14.98
N SER A 3 14.47 -6.38 -15.25
CA SER A 3 13.94 -7.59 -15.86
C SER A 3 12.82 -8.17 -14.98
N GLY A 4 11.71 -8.49 -15.64
CA GLY A 4 10.57 -9.05 -14.94
C GLY A 4 9.37 -9.21 -15.88
N SER A 5 8.41 -10.00 -15.43
CA SER A 5 7.21 -10.24 -16.22
C SER A 5 6.39 -8.96 -16.32
N SER A 6 6.50 -8.31 -17.47
CA SER A 6 5.78 -7.08 -17.71
C SER A 6 6.36 -5.95 -16.86
N GLY A 7 6.07 -6.02 -15.56
CA GLY A 7 6.56 -5.02 -14.63
C GLY A 7 5.90 -5.18 -13.26
N ASP A 8 6.54 -5.99 -12.43
CA ASP A 8 6.02 -6.24 -11.08
C ASP A 8 5.99 -4.92 -10.30
N LYS A 9 4.88 -4.21 -10.45
CA LYS A 9 4.72 -2.94 -9.77
C LYS A 9 3.51 -3.02 -8.85
N GLU A 10 3.71 -3.70 -7.72
CA GLU A 10 2.65 -3.86 -6.75
C GLU A 10 3.21 -4.33 -5.41
N TRP A 11 2.36 -4.32 -4.40
CA TRP A 11 2.77 -4.74 -3.07
C TRP A 11 2.50 -6.24 -2.95
N ASN A 12 3.05 -6.82 -1.88
CA ASN A 12 2.87 -8.25 -1.64
C ASN A 12 1.91 -8.44 -0.47
N GLU A 13 1.30 -9.63 -0.44
CA GLU A 13 0.37 -9.94 0.62
C GLU A 13 1.01 -9.71 1.99
N LYS A 14 2.32 -9.68 1.99
CA LYS A 14 3.06 -9.47 3.22
C LYS A 14 2.91 -8.01 3.65
N GLU A 15 3.00 -7.12 2.67
CA GLU A 15 2.87 -5.70 2.94
C GLU A 15 1.42 -5.34 3.23
N LEU A 16 0.56 -5.64 2.27
CA LEU A 16 -0.85 -5.36 2.40
C LEU A 16 -1.30 -5.67 3.84
N GLN A 17 -1.24 -6.95 4.18
CA GLN A 17 -1.61 -7.39 5.51
C GLN A 17 -1.00 -6.47 6.57
N LYS A 18 0.24 -6.09 6.33
CA LYS A 18 0.95 -5.22 7.25
C LYS A 18 0.31 -3.84 7.24
N LEU A 19 0.14 -3.30 6.03
CA LEU A 19 -0.46 -2.00 5.87
C LEU A 19 -1.83 -1.97 6.56
N HIS A 20 -2.67 -2.92 6.16
CA HIS A 20 -4.01 -3.02 6.72
C HIS A 20 -3.90 -3.28 8.23
N CYS A 21 -3.21 -4.36 8.56
CA CYS A 21 -3.03 -4.73 9.96
C CYS A 21 -2.65 -3.48 10.75
N ALA A 22 -1.44 -3.00 10.50
CA ALA A 22 -0.94 -1.81 11.18
C ALA A 22 -2.02 -0.74 11.16
N PHE A 23 -2.50 -0.44 9.97
CA PHE A 23 -3.54 0.57 9.80
C PHE A 23 -4.71 0.30 10.75
N ALA A 24 -4.93 -0.98 11.02
CA ALA A 24 -6.02 -1.37 11.91
C ALA A 24 -5.53 -1.31 13.36
N SER A 25 -4.45 -2.03 13.62
CA SER A 25 -3.87 -2.07 14.96
C SER A 25 -3.62 -0.64 15.45
N LEU A 26 -2.86 0.10 14.66
CA LEU A 26 -2.54 1.47 15.00
C LEU A 26 -3.76 2.36 14.77
N PRO A 27 -3.85 3.44 15.58
CA PRO A 27 -4.96 4.37 15.46
C PRO A 27 -4.80 5.27 14.24
N LYS A 28 -5.94 5.62 13.65
CA LYS A 28 -5.95 6.47 12.47
C LYS A 28 -6.09 7.92 12.90
N HIS A 29 -6.20 8.11 14.21
CA HIS A 29 -6.35 9.46 14.76
C HIS A 29 -5.00 9.93 15.30
N LYS A 30 -3.94 9.28 14.85
CA LYS A 30 -2.61 9.63 15.28
C LYS A 30 -1.98 10.59 14.28
N PRO A 31 -0.84 11.20 14.70
CA PRO A 31 -0.14 12.14 13.85
C PRO A 31 0.62 11.42 12.73
N GLY A 32 1.74 10.82 13.11
CA GLY A 32 2.56 10.09 12.17
C GLY A 32 2.03 8.67 11.95
N PHE A 33 0.73 8.59 11.72
CA PHE A 33 0.08 7.31 11.50
C PHE A 33 0.84 6.49 10.44
N TRP A 34 1.22 7.17 9.37
CA TRP A 34 1.94 6.51 8.30
C TRP A 34 3.25 5.96 8.87
N SER A 35 3.94 6.83 9.59
CA SER A 35 5.21 6.44 10.20
C SER A 35 5.02 5.19 11.04
N GLU A 36 3.87 5.11 11.68
CA GLU A 36 3.55 3.96 12.52
C GLU A 36 3.33 2.71 11.66
N VAL A 37 2.29 2.77 10.84
CA VAL A 37 1.97 1.66 9.96
C VAL A 37 3.20 1.29 9.13
N ALA A 38 4.08 2.26 8.97
CA ALA A 38 5.30 2.05 8.21
C ALA A 38 6.27 1.22 9.05
N ALA A 39 6.07 1.26 10.36
CA ALA A 39 6.93 0.53 11.27
C ALA A 39 6.80 -0.96 10.98
N ALA A 40 5.57 -1.46 11.02
CA ALA A 40 5.31 -2.85 10.76
C ALA A 40 5.43 -3.13 9.27
N VAL A 41 5.19 -2.08 8.49
CA VAL A 41 5.27 -2.19 7.04
C VAL A 41 6.67 -1.80 6.58
N GLY A 42 7.55 -1.64 7.55
CA GLY A 42 8.93 -1.27 7.26
C GLY A 42 9.30 -1.65 5.81
N SER A 43 8.86 -2.83 5.41
CA SER A 43 9.14 -3.31 4.08
C SER A 43 9.04 -2.17 3.07
N ARG A 44 8.19 -1.20 3.41
CA ARG A 44 7.99 -0.04 2.55
C ARG A 44 8.08 1.25 3.37
N SER A 45 7.84 2.36 2.69
CA SER A 45 7.90 3.65 3.34
C SER A 45 6.49 4.08 3.79
N PRO A 46 6.45 5.08 4.71
CA PRO A 46 5.19 5.57 5.23
C PRO A 46 4.49 6.45 4.19
N GLU A 47 5.29 7.03 3.31
CA GLU A 47 4.76 7.90 2.27
C GLU A 47 4.10 7.07 1.18
N GLU A 48 4.49 5.80 1.11
CA GLU A 48 3.93 4.90 0.12
C GLU A 48 2.64 4.27 0.64
N CYS A 49 2.62 4.01 1.94
CA CYS A 49 1.46 3.41 2.58
C CYS A 49 0.23 4.26 2.22
N GLN A 50 0.47 5.55 2.01
CA GLN A 50 -0.59 6.46 1.67
C GLN A 50 -0.99 6.28 0.21
N ARG A 51 -0.01 6.42 -0.67
CA ARG A 51 -0.25 6.27 -2.09
C ARG A 51 -0.98 4.94 -2.38
N LYS A 52 -0.49 3.89 -1.75
CA LYS A 52 -1.08 2.57 -1.93
C LYS A 52 -2.55 2.62 -1.50
N TYR A 53 -2.75 2.91 -0.22
CA TYR A 53 -4.10 2.98 0.33
C TYR A 53 -5.01 3.79 -0.59
N MET A 54 -4.53 4.96 -0.98
CA MET A 54 -5.30 5.84 -1.86
C MET A 54 -5.80 5.07 -3.08
N GLU A 55 -4.96 4.19 -3.59
CA GLU A 55 -5.31 3.39 -4.76
C GLU A 55 -6.31 2.31 -4.37
N ASN A 56 -6.00 1.63 -3.28
CA ASN A 56 -6.86 0.57 -2.79
C ASN A 56 -7.25 0.84 -1.34
N PRO A 57 -8.20 1.80 -1.17
CA PRO A 57 -8.66 2.18 0.15
C PRO A 57 -9.59 1.11 0.74
N ARG A 58 -10.65 0.83 -0.02
CA ARG A 58 -11.62 -0.16 0.40
C ARG A 58 -12.62 -0.44 -0.72
N GLY A 59 -12.31 -1.48 -1.50
CA GLY A 59 -13.17 -1.86 -2.60
C GLY A 59 -12.33 -2.30 -3.81
N LYS A 60 -12.57 -1.63 -4.94
CA LYS A 60 -11.85 -1.94 -6.15
C LYS A 60 -10.70 -0.94 -6.34
N GLY A 61 -11.09 0.31 -6.53
CA GLY A 61 -10.10 1.36 -6.73
C GLY A 61 -10.16 1.92 -8.15
N SER A 62 -9.87 1.05 -9.11
CA SER A 62 -9.89 1.45 -10.50
C SER A 62 -8.84 2.52 -10.76
N GLN A 63 -8.06 2.30 -11.82
CA GLN A 63 -7.00 3.25 -12.18
C GLN A 63 -6.40 2.86 -13.53
N LYS A 64 -5.68 3.81 -14.10
CA LYS A 64 -5.04 3.58 -15.39
C LYS A 64 -3.99 4.67 -15.63
N HIS A 65 -2.82 4.22 -16.07
CA HIS A 65 -1.72 5.13 -16.33
C HIS A 65 -0.61 4.40 -17.08
N VAL A 66 0.13 5.15 -17.88
CA VAL A 66 1.22 4.59 -18.65
C VAL A 66 2.43 5.54 -18.58
N THR A 67 3.27 5.30 -17.60
CA THR A 67 4.46 6.12 -17.42
C THR A 67 5.43 5.44 -16.44
N SER A 68 6.71 5.53 -16.77
CA SER A 68 7.74 4.93 -15.94
C SER A 68 8.95 5.86 -15.86
N GLY A 69 9.66 5.77 -14.75
CA GLY A 69 10.84 6.59 -14.54
C GLY A 69 10.52 8.08 -14.74
N PRO A 70 10.07 8.73 -13.64
CA PRO A 70 9.73 10.13 -13.68
C PRO A 70 10.99 11.00 -13.72
N SER A 71 11.86 10.79 -12.76
CA SER A 71 13.10 11.53 -12.67
C SER A 71 13.98 10.97 -11.57
N SER A 72 13.45 10.97 -10.36
CA SER A 72 14.18 10.46 -9.21
C SER A 72 13.50 9.19 -8.69
N GLY A 73 14.21 8.50 -7.81
CA GLY A 73 13.70 7.27 -7.23
C GLY A 73 14.22 7.08 -5.80
N GLY A 1 11.34 -8.87 -2.04
CA GLY A 1 9.88 -8.82 -2.09
C GLY A 1 9.39 -9.00 -3.52
N SER A 2 9.34 -7.88 -4.25
CA SER A 2 8.89 -7.90 -5.62
C SER A 2 7.57 -8.68 -5.72
N SER A 3 6.47 -7.96 -5.56
CA SER A 3 5.16 -8.58 -5.65
C SER A 3 4.86 -9.00 -7.09
N GLY A 4 4.91 -8.01 -7.98
CA GLY A 4 4.66 -8.27 -9.38
C GLY A 4 5.79 -9.08 -10.02
N SER A 5 5.96 -8.88 -11.32
CA SER A 5 7.00 -9.58 -12.05
C SER A 5 8.28 -8.73 -12.10
N SER A 6 8.13 -7.54 -12.68
CA SER A 6 9.25 -6.62 -12.80
C SER A 6 8.74 -5.20 -13.03
N GLY A 7 9.21 -4.30 -12.19
CA GLY A 7 8.82 -2.90 -12.29
C GLY A 7 7.29 -2.77 -12.40
N ASP A 8 6.61 -3.32 -11.41
CA ASP A 8 5.15 -3.28 -11.39
C ASP A 8 4.69 -2.69 -10.06
N LYS A 9 3.83 -1.67 -10.17
CA LYS A 9 3.31 -1.01 -8.99
C LYS A 9 2.31 -1.94 -8.28
N GLU A 10 2.77 -2.53 -7.19
CA GLU A 10 1.94 -3.44 -6.43
C GLU A 10 2.70 -3.93 -5.20
N TRP A 11 1.93 -4.22 -4.15
CA TRP A 11 2.52 -4.71 -2.91
C TRP A 11 2.17 -6.19 -2.77
N ASN A 12 2.90 -6.86 -1.89
CA ASN A 12 2.68 -8.28 -1.65
C ASN A 12 1.80 -8.45 -0.42
N GLU A 13 1.06 -9.55 -0.40
CA GLU A 13 0.17 -9.85 0.70
C GLU A 13 0.81 -9.40 2.02
N LYS A 14 2.10 -9.66 2.14
CA LYS A 14 2.82 -9.30 3.34
C LYS A 14 2.62 -7.80 3.62
N GLU A 15 3.25 -6.98 2.79
CA GLU A 15 3.15 -5.54 2.93
C GLU A 15 1.68 -5.14 3.13
N LEU A 16 0.80 -5.85 2.45
CA LEU A 16 -0.63 -5.58 2.54
C LEU A 16 -1.09 -5.79 3.98
N GLN A 17 -1.08 -7.05 4.40
CA GLN A 17 -1.50 -7.40 5.74
C GLN A 17 -0.90 -6.43 6.76
N LYS A 18 0.31 -5.98 6.44
CA LYS A 18 1.01 -5.04 7.31
C LYS A 18 0.26 -3.71 7.33
N LEU A 19 0.09 -3.15 6.15
CA LEU A 19 -0.61 -1.88 6.01
C LEU A 19 -1.99 -1.98 6.69
N HIS A 20 -2.71 -3.03 6.32
CA HIS A 20 -4.03 -3.25 6.88
C HIS A 20 -3.93 -3.46 8.39
N CYS A 21 -3.15 -4.48 8.76
CA CYS A 21 -2.95 -4.79 10.17
C CYS A 21 -2.67 -3.48 10.92
N ALA A 22 -1.48 -2.95 10.67
CA ALA A 22 -1.07 -1.71 11.30
C ALA A 22 -2.23 -0.71 11.27
N PHE A 23 -2.73 -0.48 10.07
CA PHE A 23 -3.83 0.45 9.88
C PHE A 23 -5.00 0.11 10.81
N ALA A 24 -5.09 -1.17 11.14
CA ALA A 24 -6.15 -1.64 12.02
C ALA A 24 -5.70 -1.51 13.47
N SER A 25 -4.56 -2.13 13.76
CA SER A 25 -4.01 -2.09 15.11
C SER A 25 -3.84 -0.63 15.56
N LEU A 26 -3.16 0.14 14.72
CA LEU A 26 -2.91 1.54 15.01
C LEU A 26 -4.15 2.36 14.64
N PRO A 27 -4.37 3.45 15.40
CA PRO A 27 -5.51 4.32 15.16
C PRO A 27 -5.27 5.20 13.93
N LYS A 28 -6.37 5.58 13.31
CA LYS A 28 -6.30 6.42 12.12
C LYS A 28 -6.40 7.89 12.51
N HIS A 29 -6.55 8.11 13.82
CA HIS A 29 -6.66 9.45 14.34
C HIS A 29 -5.32 9.87 14.95
N LYS A 30 -4.28 9.15 14.56
CA LYS A 30 -2.94 9.44 15.06
C LYS A 30 -2.25 10.42 14.11
N PRO A 31 -1.11 10.98 14.58
CA PRO A 31 -0.34 11.93 13.79
C PRO A 31 0.43 11.21 12.67
N GLY A 32 1.54 10.63 13.07
CA GLY A 32 2.39 9.91 12.12
C GLY A 32 1.85 8.50 11.87
N PHE A 33 0.55 8.44 11.59
CA PHE A 33 -0.09 7.16 11.33
C PHE A 33 0.67 6.37 10.27
N TRP A 34 1.14 7.08 9.26
CA TRP A 34 1.88 6.46 8.18
C TRP A 34 3.21 5.95 8.75
N SER A 35 3.85 6.80 9.54
CA SER A 35 5.12 6.44 10.15
C SER A 35 4.95 5.16 10.98
N GLU A 36 3.78 5.03 11.57
CA GLU A 36 3.49 3.87 12.39
C GLU A 36 3.31 2.62 11.51
N VAL A 37 2.28 2.68 10.68
CA VAL A 37 1.99 1.57 9.77
C VAL A 37 3.24 1.23 8.97
N ALA A 38 4.11 2.23 8.85
CA ALA A 38 5.35 2.05 8.10
C ALA A 38 6.32 1.21 8.93
N ALA A 39 6.10 1.22 10.24
CA ALA A 39 6.95 0.46 11.14
C ALA A 39 6.85 -1.03 10.81
N ALA A 40 5.62 -1.52 10.84
CA ALA A 40 5.37 -2.92 10.55
C ALA A 40 5.49 -3.15 9.04
N VAL A 41 5.30 -2.07 8.29
CA VAL A 41 5.40 -2.15 6.84
C VAL A 41 6.80 -1.74 6.40
N GLY A 42 7.68 -1.60 7.39
CA GLY A 42 9.06 -1.22 7.12
C GLY A 42 9.45 -1.55 5.68
N SER A 43 9.04 -2.74 5.25
CA SER A 43 9.33 -3.19 3.91
C SER A 43 9.21 -2.03 2.92
N ARG A 44 8.36 -1.08 3.27
CA ARG A 44 8.14 0.09 2.44
C ARG A 44 8.20 1.36 3.28
N SER A 45 7.94 2.48 2.61
CA SER A 45 7.95 3.76 3.29
C SER A 45 6.54 4.15 3.73
N PRO A 46 6.48 5.13 4.66
CA PRO A 46 5.20 5.60 5.17
C PRO A 46 4.48 6.48 4.15
N GLU A 47 5.29 7.13 3.31
CA GLU A 47 4.75 8.01 2.28
C GLU A 47 4.11 7.19 1.17
N GLU A 48 4.54 5.94 1.07
CA GLU A 48 4.01 5.05 0.05
C GLU A 48 2.74 4.36 0.56
N CYS A 49 2.72 4.10 1.86
CA CYS A 49 1.58 3.46 2.48
C CYS A 49 0.33 4.27 2.15
N GLN A 50 0.54 5.56 1.94
CA GLN A 50 -0.55 6.47 1.62
C GLN A 50 -0.96 6.30 0.15
N ARG A 51 0.03 6.37 -0.72
CA ARG A 51 -0.20 6.23 -2.15
C ARG A 51 -0.89 4.89 -2.44
N LYS A 52 -0.38 3.85 -1.80
CA LYS A 52 -0.93 2.52 -1.98
C LYS A 52 -2.40 2.51 -1.55
N TYR A 53 -2.61 2.81 -0.29
CA TYR A 53 -3.95 2.85 0.26
C TYR A 53 -4.85 3.76 -0.57
N MET A 54 -4.34 4.95 -0.87
CA MET A 54 -5.08 5.92 -1.64
C MET A 54 -5.70 5.27 -2.88
N GLU A 55 -4.90 4.45 -3.55
CA GLU A 55 -5.37 3.77 -4.74
C GLU A 55 -6.40 2.70 -4.38
N ASN A 56 -6.05 1.89 -3.39
CA ASN A 56 -6.93 0.84 -2.94
C ASN A 56 -7.22 1.03 -1.44
N PRO A 57 -8.13 2.00 -1.15
CA PRO A 57 -8.50 2.29 0.22
C PRO A 57 -9.44 1.21 0.77
N ARG A 58 -10.46 0.93 0.00
CA ARG A 58 -11.44 -0.09 0.40
C ARG A 58 -10.99 -1.47 -0.08
N GLY A 59 -11.66 -2.48 0.46
CA GLY A 59 -11.34 -3.85 0.10
C GLY A 59 -11.20 -4.00 -1.41
N LYS A 60 -9.95 -4.10 -1.86
CA LYS A 60 -9.67 -4.26 -3.27
C LYS A 60 -9.82 -2.89 -3.96
N GLY A 61 -11.06 -2.43 -4.01
CA GLY A 61 -11.35 -1.14 -4.63
C GLY A 61 -10.55 -0.97 -5.92
N SER A 62 -10.93 -1.76 -6.92
CA SER A 62 -10.27 -1.70 -8.21
C SER A 62 -11.21 -2.18 -9.32
N GLN A 63 -10.83 -1.88 -10.55
CA GLN A 63 -11.64 -2.26 -11.70
C GLN A 63 -12.98 -1.53 -11.66
N LYS A 64 -12.95 -0.28 -12.10
CA LYS A 64 -14.15 0.53 -12.12
C LYS A 64 -13.95 1.70 -13.09
N HIS A 65 -14.10 1.40 -14.38
CA HIS A 65 -13.93 2.41 -15.41
C HIS A 65 -15.07 2.30 -16.42
N VAL A 66 -15.31 3.40 -17.13
CA VAL A 66 -16.36 3.43 -18.12
C VAL A 66 -15.75 3.79 -19.48
N THR A 67 -16.09 2.96 -20.47
CA THR A 67 -15.59 3.18 -21.81
C THR A 67 -16.20 2.15 -22.78
N SER A 68 -16.57 2.64 -23.95
CA SER A 68 -17.17 1.79 -24.96
C SER A 68 -17.40 2.59 -26.25
N GLY A 69 -16.50 2.40 -27.19
CA GLY A 69 -16.61 3.10 -28.47
C GLY A 69 -15.23 3.22 -29.14
N PRO A 70 -14.93 2.26 -30.03
CA PRO A 70 -13.67 2.25 -30.74
C PRO A 70 -13.65 3.31 -31.84
N SER A 71 -14.76 3.40 -32.55
CA SER A 71 -14.89 4.38 -33.63
C SER A 71 -13.99 3.97 -34.80
N SER A 72 -12.68 4.08 -34.56
CA SER A 72 -11.72 3.73 -35.59
C SER A 72 -10.56 2.94 -34.97
N GLY A 73 -10.07 1.97 -35.73
CA GLY A 73 -8.98 1.13 -35.27
C GLY A 73 -8.11 0.67 -36.44
#